data_7T9U
# 
_entry.id   7T9U 
# 
_audit_conform.dict_name       mmcif_pdbx.dic 
_audit_conform.dict_version    5.380 
_audit_conform.dict_location   http://mmcif.pdb.org/dictionaries/ascii/mmcif_pdbx.dic 
# 
loop_
_database_2.database_id 
_database_2.database_code 
_database_2.pdbx_database_accession 
_database_2.pdbx_DOI 
PDB   7T9U         pdb_00007t9u 10.2210/pdb7t9u/pdb 
WWPDB D_1000261895 ?            ?                   
# 
_pdbx_database_status.status_code                     REL 
_pdbx_database_status.status_code_sf                  REL 
_pdbx_database_status.status_code_mr                  ? 
_pdbx_database_status.entry_id                        7T9U 
_pdbx_database_status.recvd_initial_deposition_date   2021-12-20 
_pdbx_database_status.SG_entry                        N 
_pdbx_database_status.deposit_site                    RCSB 
_pdbx_database_status.process_site                    RCSB 
_pdbx_database_status.status_code_cs                  ? 
_pdbx_database_status.status_code_nmr_data            ? 
_pdbx_database_status.methods_development_category    ? 
_pdbx_database_status.pdb_format_compatible           Y 
# 
loop_
_audit_author.name 
_audit_author.pdbx_ordinal 
_audit_author.identifier_ORCID 
'Chowdhury, R.' 1 0000-0002-8058-6149 
'Miller, M.'    2 ?                   
# 
_citation.abstract                  ? 
_citation.abstract_id_CAS           ? 
_citation.book_id_ISBN              ? 
_citation.book_publisher            ? 
_citation.book_publisher_city       ? 
_citation.book_title                ? 
_citation.coordinate_linkage        ? 
_citation.country                   UK 
_citation.database_id_Medline       ? 
_citation.details                   ? 
_citation.id                        primary 
_citation.journal_abbrev            'Sci Rep' 
_citation.journal_id_ASTM           ? 
_citation.journal_id_CSD            ? 
_citation.journal_id_ISSN           2045-2322 
_citation.journal_full              ? 
_citation.journal_issue             ? 
_citation.journal_volume            12 
_citation.language                  ? 
_citation.page_first                8579 
_citation.page_last                 8579 
_citation.title                     
'SHR1032, a novel STING agonist, stimulates anti-tumor immunity and directly induces AML apoptosis.' 
_citation.year                      2022 
_citation.database_id_CSD           ? 
_citation.pdbx_database_id_DOI      10.1038/s41598-022-12449-1 
_citation.pdbx_database_id_PubMed   35595822 
_citation.pdbx_database_id_patent   ? 
_citation.unpublished_flag          ? 
# 
loop_
_citation_author.citation_id 
_citation_author.name 
_citation_author.ordinal 
_citation_author.identifier_ORCID 
primary 'Song, C.'      1  ? 
primary 'Liu, D.'       2  ? 
primary 'Liu, S.'       3  ? 
primary 'Li, D.'        4  ? 
primary 'Horecny, I.'   5  ? 
primary 'Zhang, X.'     6  ? 
primary 'Li, P.'        7  ? 
primary 'Chen, L.'      8  ? 
primary 'Miller, M.'    9  ? 
primary 'Chowdhury, R.' 10 ? 
primary 'Issa, M.'      11 ? 
primary 'Shen, R.'      12 ? 
primary 'Yan, Y.'       13 ? 
primary 'Zhang, F.'     14 ? 
primary 'Zhang, L.'     15 ? 
primary 'Zhang, L.'     16 ? 
primary 'Bai, C.'       17 ? 
primary 'Feng, J.'      18 ? 
primary 'Zhuang, L.'    19 ? 
primary 'Zhang, R.'     20 ? 
primary 'Li, J.'        21 ? 
primary 'Wilkinson, H.' 22 ? 
primary 'Liu, J.'       23 ? 
primary 'Tao, W.'       24 ? 
# 
_cell.angle_alpha                  90.000 
_cell.angle_alpha_esd              ? 
_cell.angle_beta                   90.000 
_cell.angle_beta_esd               ? 
_cell.angle_gamma                  90.000 
_cell.angle_gamma_esd              ? 
_cell.entry_id                     7T9U 
_cell.details                      ? 
_cell.formula_units_Z              ? 
_cell.length_a                     79.906 
_cell.length_a_esd                 ? 
_cell.length_b                     89.348 
_cell.length_b_esd                 ? 
_cell.length_c                     73.298 
_cell.length_c_esd                 ? 
_cell.volume                       ? 
_cell.volume_esd                   ? 
_cell.Z_PDB                        8 
_cell.reciprocal_angle_alpha       ? 
_cell.reciprocal_angle_beta        ? 
_cell.reciprocal_angle_gamma       ? 
_cell.reciprocal_angle_alpha_esd   ? 
_cell.reciprocal_angle_beta_esd    ? 
_cell.reciprocal_angle_gamma_esd   ? 
_cell.reciprocal_length_a          ? 
_cell.reciprocal_length_b          ? 
_cell.reciprocal_length_c          ? 
_cell.reciprocal_length_a_esd      ? 
_cell.reciprocal_length_b_esd      ? 
_cell.reciprocal_length_c_esd      ? 
_cell.pdbx_unique_axis             ? 
# 
_symmetry.entry_id                         7T9U 
_symmetry.cell_setting                     ? 
_symmetry.Int_Tables_number                20 
_symmetry.space_group_name_Hall            ? 
_symmetry.space_group_name_H-M             'C 2 2 21' 
_symmetry.pdbx_full_space_group_name_H-M   ? 
# 
loop_
_entity.id 
_entity.type 
_entity.src_method 
_entity.pdbx_description 
_entity.formula_weight 
_entity.pdbx_number_of_molecules 
_entity.pdbx_ec 
_entity.pdbx_mutation 
_entity.pdbx_fragment 
_entity.details 
1 polymer     man 'Stimulator of interferon genes protein' 22603.369 1 ? ? ? ? 
2 non-polymer syn 'CALCIUM ION' 40.078    1 ? ? ? ? 
3 non-polymer syn 
;(3S,4S)-2-[(1-ethyl-3-methyl-1H-pyrazole-5-carbonyl)amino]-4-(prop-2-en-1-yl)-4,5-dihydroimidazo[1,5,4-de][1,4]benzoxazine-8-carboxamide
;
394.427   1 ? ? ? ? 
4 water       nat water 18.015    8 ? ? ? ? 
# 
_entity_name_com.entity_id   1 
_entity_name_com.name        
'hSTING,Endoplasmic reticulum interferon stimulator,ERIS,Mediator of IRF3 activation,hMITA,Transmembrane protein 173' 
# 
_entity_poly.entity_id                      1 
_entity_poly.type                           'polypeptide(L)' 
_entity_poly.nstd_linkage                   no 
_entity_poly.nstd_monomer                   no 
_entity_poly.pdbx_seq_one_letter_code       
;MEKGNFNVAHGLAWSYYIGYLRLILPELQARIRTYNQHYNNLLRGAVSQRLYILLPLDCGVPDNLSMADPNIRFLDKLPQ
QTGDHAGIKDRVYSNSIYELLENGQRAGTCVLEYATPLQTLFAMSQYSQAGFSREDRLEQAKLFCRTLEDILADAPESQN
NCRLIAYQEPADDSSFSLSQEVLRHLRQEEKEEVTVGS
;
_entity_poly.pdbx_seq_one_letter_code_can   
;MEKGNFNVAHGLAWSYYIGYLRLILPELQARIRTYNQHYNNLLRGAVSQRLYILLPLDCGVPDNLSMADPNIRFLDKLPQ
QTGDHAGIKDRVYSNSIYELLENGQRAGTCVLEYATPLQTLFAMSQYSQAGFSREDRLEQAKLFCRTLEDILADAPESQN
NCRLIAYQEPADDSSFSLSQEVLRHLRQEEKEEVTVGS
;
_entity_poly.pdbx_strand_id                 A 
_entity_poly.pdbx_target_identifier         ? 
# 
loop_
_entity_poly_seq.entity_id 
_entity_poly_seq.num 
_entity_poly_seq.mon_id 
_entity_poly_seq.hetero 
1 1   MET n 
1 2   GLU n 
1 3   LYS n 
1 4   GLY n 
1 5   ASN n 
1 6   PHE n 
1 7   ASN n 
1 8   VAL n 
1 9   ALA n 
1 10  HIS n 
1 11  GLY n 
1 12  LEU n 
1 13  ALA n 
1 14  TRP n 
1 15  SER n 
1 16  TYR n 
1 17  TYR n 
1 18  ILE n 
1 19  GLY n 
1 20  TYR n 
1 21  LEU n 
1 22  ARG n 
1 23  LEU n 
1 24  ILE n 
1 25  LEU n 
1 26  PRO n 
1 27  GLU n 
1 28  LEU n 
1 29  GLN n 
1 30  ALA n 
1 31  ARG n 
1 32  ILE n 
1 33  ARG n 
1 34  THR n 
1 35  TYR n 
1 36  ASN n 
1 37  GLN n 
1 38  HIS n 
1 39  TYR n 
1 40  ASN n 
1 41  ASN n 
1 42  LEU n 
1 43  LEU n 
1 44  ARG n 
1 45  GLY n 
1 46  ALA n 
1 47  VAL n 
1 48  SER n 
1 49  GLN n 
1 50  ARG n 
1 51  LEU n 
1 52  TYR n 
1 53  ILE n 
1 54  LEU n 
1 55  LEU n 
1 56  PRO n 
1 57  LEU n 
1 58  ASP n 
1 59  CYS n 
1 60  GLY n 
1 61  VAL n 
1 62  PRO n 
1 63  ASP n 
1 64  ASN n 
1 65  LEU n 
1 66  SER n 
1 67  MET n 
1 68  ALA n 
1 69  ASP n 
1 70  PRO n 
1 71  ASN n 
1 72  ILE n 
1 73  ARG n 
1 74  PHE n 
1 75  LEU n 
1 76  ASP n 
1 77  LYS n 
1 78  LEU n 
1 79  PRO n 
1 80  GLN n 
1 81  GLN n 
1 82  THR n 
1 83  GLY n 
1 84  ASP n 
1 85  HIS n 
1 86  ALA n 
1 87  GLY n 
1 88  ILE n 
1 89  LYS n 
1 90  ASP n 
1 91  ARG n 
1 92  VAL n 
1 93  TYR n 
1 94  SER n 
1 95  ASN n 
1 96  SER n 
1 97  ILE n 
1 98  TYR n 
1 99  GLU n 
1 100 LEU n 
1 101 LEU n 
1 102 GLU n 
1 103 ASN n 
1 104 GLY n 
1 105 GLN n 
1 106 ARG n 
1 107 ALA n 
1 108 GLY n 
1 109 THR n 
1 110 CYS n 
1 111 VAL n 
1 112 LEU n 
1 113 GLU n 
1 114 TYR n 
1 115 ALA n 
1 116 THR n 
1 117 PRO n 
1 118 LEU n 
1 119 GLN n 
1 120 THR n 
1 121 LEU n 
1 122 PHE n 
1 123 ALA n 
1 124 MET n 
1 125 SER n 
1 126 GLN n 
1 127 TYR n 
1 128 SER n 
1 129 GLN n 
1 130 ALA n 
1 131 GLY n 
1 132 PHE n 
1 133 SER n 
1 134 ARG n 
1 135 GLU n 
1 136 ASP n 
1 137 ARG n 
1 138 LEU n 
1 139 GLU n 
1 140 GLN n 
1 141 ALA n 
1 142 LYS n 
1 143 LEU n 
1 144 PHE n 
1 145 CYS n 
1 146 ARG n 
1 147 THR n 
1 148 LEU n 
1 149 GLU n 
1 150 ASP n 
1 151 ILE n 
1 152 LEU n 
1 153 ALA n 
1 154 ASP n 
1 155 ALA n 
1 156 PRO n 
1 157 GLU n 
1 158 SER n 
1 159 GLN n 
1 160 ASN n 
1 161 ASN n 
1 162 CYS n 
1 163 ARG n 
1 164 LEU n 
1 165 ILE n 
1 166 ALA n 
1 167 TYR n 
1 168 GLN n 
1 169 GLU n 
1 170 PRO n 
1 171 ALA n 
1 172 ASP n 
1 173 ASP n 
1 174 SER n 
1 175 SER n 
1 176 PHE n 
1 177 SER n 
1 178 LEU n 
1 179 SER n 
1 180 GLN n 
1 181 GLU n 
1 182 VAL n 
1 183 LEU n 
1 184 ARG n 
1 185 HIS n 
1 186 LEU n 
1 187 ARG n 
1 188 GLN n 
1 189 GLU n 
1 190 GLU n 
1 191 LYS n 
1 192 GLU n 
1 193 GLU n 
1 194 VAL n 
1 195 THR n 
1 196 VAL n 
1 197 GLY n 
1 198 SER n 
# 
_entity_src_gen.entity_id                          1 
_entity_src_gen.pdbx_src_id                        1 
_entity_src_gen.pdbx_alt_source_flag               sample 
_entity_src_gen.pdbx_seq_type                      'Biological sequence' 
_entity_src_gen.pdbx_beg_seq_num                   1 
_entity_src_gen.pdbx_end_seq_num                   198 
_entity_src_gen.gene_src_common_name               human 
_entity_src_gen.gene_src_genus                     ? 
_entity_src_gen.pdbx_gene_src_gene                 'STING1, ERIS, MITA, TMEM173' 
_entity_src_gen.gene_src_species                   ? 
_entity_src_gen.gene_src_strain                    ? 
_entity_src_gen.gene_src_tissue                    ? 
_entity_src_gen.gene_src_tissue_fraction           ? 
_entity_src_gen.gene_src_details                   ? 
_entity_src_gen.pdbx_gene_src_fragment             ? 
_entity_src_gen.pdbx_gene_src_scientific_name      'Homo sapiens' 
_entity_src_gen.pdbx_gene_src_ncbi_taxonomy_id     9606 
_entity_src_gen.pdbx_gene_src_variant              ? 
_entity_src_gen.pdbx_gene_src_cell_line            ? 
_entity_src_gen.pdbx_gene_src_atcc                 ? 
_entity_src_gen.pdbx_gene_src_organ                ? 
_entity_src_gen.pdbx_gene_src_organelle            ? 
_entity_src_gen.pdbx_gene_src_cell                 ? 
_entity_src_gen.pdbx_gene_src_cellular_location    ? 
_entity_src_gen.host_org_common_name               ? 
_entity_src_gen.pdbx_host_org_scientific_name      'Escherichia coli BL21(DE3)' 
_entity_src_gen.pdbx_host_org_ncbi_taxonomy_id     469008 
_entity_src_gen.host_org_genus                     ? 
_entity_src_gen.pdbx_host_org_gene                 ? 
_entity_src_gen.pdbx_host_org_organ                ? 
_entity_src_gen.host_org_species                   ? 
_entity_src_gen.pdbx_host_org_tissue               ? 
_entity_src_gen.pdbx_host_org_tissue_fraction      ? 
_entity_src_gen.pdbx_host_org_strain               'BL21(DE3)' 
_entity_src_gen.pdbx_host_org_variant              ? 
_entity_src_gen.pdbx_host_org_cell_line            ? 
_entity_src_gen.pdbx_host_org_atcc                 ? 
_entity_src_gen.pdbx_host_org_culture_collection   ? 
_entity_src_gen.pdbx_host_org_cell                 ? 
_entity_src_gen.pdbx_host_org_organelle            ? 
_entity_src_gen.pdbx_host_org_cellular_location    ? 
_entity_src_gen.pdbx_host_org_vector_type          ? 
_entity_src_gen.pdbx_host_org_vector               ? 
_entity_src_gen.host_org_details                   ? 
_entity_src_gen.expression_system_id               ? 
_entity_src_gen.plasmid_name                       ? 
_entity_src_gen.plasmid_details                    ? 
_entity_src_gen.pdbx_description                   ? 
# 
_struct_ref.id                         1 
_struct_ref.db_name                    UNP 
_struct_ref.db_code                    STING_HUMAN 
_struct_ref.pdbx_db_accession          Q86WV6 
_struct_ref.pdbx_db_isoform            ? 
_struct_ref.entity_id                  1 
_struct_ref.pdbx_seq_one_letter_code   
;EKGNFNVAHGLAWSYYIGYLRLILPELQARIRTYNQHYNNLLRGAVSQRLYILLPLDCGVPDNLSMADPNIRFLDKLPQQ
TGDHAGIKDRVYSNSIYELLENGQRAGTCVLEYATPLQTLFAMSQYSQAGFSREDRLEQAKLFCRTLEDILADAPESQNN
CRLIAYQEPADDSSFSLSQEVLRHLRQEEKEEVTVGS
;
_struct_ref.pdbx_align_begin           149 
# 
_struct_ref_seq.align_id                      1 
_struct_ref_seq.ref_id                        1 
_struct_ref_seq.pdbx_PDB_id_code              7T9U 
_struct_ref_seq.pdbx_strand_id                A 
_struct_ref_seq.seq_align_beg                 2 
_struct_ref_seq.pdbx_seq_align_beg_ins_code   ? 
_struct_ref_seq.seq_align_end                 198 
_struct_ref_seq.pdbx_seq_align_end_ins_code   ? 
_struct_ref_seq.pdbx_db_accession             Q86WV6 
_struct_ref_seq.db_align_beg                  149 
_struct_ref_seq.pdbx_db_align_beg_ins_code    ? 
_struct_ref_seq.db_align_end                  345 
_struct_ref_seq.pdbx_db_align_end_ins_code    ? 
_struct_ref_seq.pdbx_auth_seq_align_beg       149 
_struct_ref_seq.pdbx_auth_seq_align_end       345 
# 
_struct_ref_seq_dif.align_id                     1 
_struct_ref_seq_dif.pdbx_pdb_id_code             7T9U 
_struct_ref_seq_dif.mon_id                       MET 
_struct_ref_seq_dif.pdbx_pdb_strand_id           A 
_struct_ref_seq_dif.seq_num                      1 
_struct_ref_seq_dif.pdbx_pdb_ins_code            ? 
_struct_ref_seq_dif.pdbx_seq_db_name             UNP 
_struct_ref_seq_dif.pdbx_seq_db_accession_code   Q86WV6 
_struct_ref_seq_dif.db_mon_id                    ? 
_struct_ref_seq_dif.pdbx_seq_db_seq_num          ? 
_struct_ref_seq_dif.details                      'initiating methionine' 
_struct_ref_seq_dif.pdbx_auth_seq_num            148 
_struct_ref_seq_dif.pdbx_ordinal                 1 
# 
loop_
_chem_comp.id 
_chem_comp.type 
_chem_comp.mon_nstd_flag 
_chem_comp.name 
_chem_comp.pdbx_synonyms 
_chem_comp.formula 
_chem_comp.formula_weight 
ALA 'L-peptide linking' y ALANINE ? 'C3 H7 N O2'     89.093  
ARG 'L-peptide linking' y ARGININE ? 'C6 H15 N4 O2 1' 175.209 
ASN 'L-peptide linking' y ASPARAGINE ? 'C4 H8 N2 O3'    132.118 
ASP 'L-peptide linking' y 'ASPARTIC ACID' ? 'C4 H7 N O4'     133.103 
CA  non-polymer         . 'CALCIUM ION' ? 'Ca 2'           40.078  
CYS 'L-peptide linking' y CYSTEINE ? 'C3 H7 N O2 S'   121.158 
GD2 non-polymer         . 
;(3S,4S)-2-[(1-ethyl-3-methyl-1H-pyrazole-5-carbonyl)amino]-4-(prop-2-en-1-yl)-4,5-dihydroimidazo[1,5,4-de][1,4]benzoxazine-8-carboxamide
;
? 'C20 H22 N6 O3'  394.427 
GLN 'L-peptide linking' y GLUTAMINE ? 'C5 H10 N2 O3'   146.144 
GLU 'L-peptide linking' y 'GLUTAMIC ACID' ? 'C5 H9 N O4'     147.129 
GLY 'peptide linking'   y GLYCINE ? 'C2 H5 N O2'     75.067  
HIS 'L-peptide linking' y HISTIDINE ? 'C6 H10 N3 O2 1' 156.162 
HOH non-polymer         . WATER ? 'H2 O'           18.015  
ILE 'L-peptide linking' y ISOLEUCINE ? 'C6 H13 N O2'    131.173 
LEU 'L-peptide linking' y LEUCINE ? 'C6 H13 N O2'    131.173 
LYS 'L-peptide linking' y LYSINE ? 'C6 H15 N2 O2 1' 147.195 
MET 'L-peptide linking' y METHIONINE ? 'C5 H11 N O2 S'  149.211 
PHE 'L-peptide linking' y PHENYLALANINE ? 'C9 H11 N O2'    165.189 
PRO 'L-peptide linking' y PROLINE ? 'C5 H9 N O2'     115.130 
SER 'L-peptide linking' y SERINE ? 'C3 H7 N O3'     105.093 
THR 'L-peptide linking' y THREONINE ? 'C4 H9 N O3'     119.119 
TRP 'L-peptide linking' y TRYPTOPHAN ? 'C11 H12 N2 O2'  204.225 
TYR 'L-peptide linking' y TYROSINE ? 'C9 H11 N O3'    181.189 
VAL 'L-peptide linking' y VALINE ? 'C5 H11 N O2'    117.146 
# 
_exptl.absorpt_coefficient_mu     ? 
_exptl.absorpt_correction_T_max   ? 
_exptl.absorpt_correction_T_min   ? 
_exptl.absorpt_correction_type    ? 
_exptl.absorpt_process_details    ? 
_exptl.entry_id                   7T9U 
_exptl.crystals_number            1 
_exptl.details                    ? 
_exptl.method                     'X-RAY DIFFRACTION' 
_exptl.method_details             ? 
# 
_exptl_crystal.colour                      ? 
_exptl_crystal.density_diffrn              ? 
_exptl_crystal.density_Matthews            3.21 
_exptl_crystal.density_method              ? 
_exptl_crystal.density_percent_sol         61.71 
_exptl_crystal.description                 ? 
_exptl_crystal.F_000                       ? 
_exptl_crystal.id                          1 
_exptl_crystal.preparation                 ? 
_exptl_crystal.size_max                    ? 
_exptl_crystal.size_mid                    ? 
_exptl_crystal.size_min                    ? 
_exptl_crystal.size_rad                    ? 
_exptl_crystal.colour_lustre               ? 
_exptl_crystal.colour_modifier             ? 
_exptl_crystal.colour_primary              ? 
_exptl_crystal.density_meas                ? 
_exptl_crystal.density_meas_esd            ? 
_exptl_crystal.density_meas_gt             ? 
_exptl_crystal.density_meas_lt             ? 
_exptl_crystal.density_meas_temp           ? 
_exptl_crystal.density_meas_temp_esd       ? 
_exptl_crystal.density_meas_temp_gt        ? 
_exptl_crystal.density_meas_temp_lt        ? 
_exptl_crystal.pdbx_crystal_image_url      ? 
_exptl_crystal.pdbx_crystal_image_format   ? 
_exptl_crystal.pdbx_mosaicity              ? 
_exptl_crystal.pdbx_mosaicity_esd          ? 
# 
_exptl_crystal_grow.apparatus       ? 
_exptl_crystal_grow.atmosphere      ? 
_exptl_crystal_grow.crystal_id      1 
_exptl_crystal_grow.details         ? 
_exptl_crystal_grow.method          'VAPOR DIFFUSION, SITTING DROP' 
_exptl_crystal_grow.method_ref      ? 
_exptl_crystal_grow.pH              6.5 
_exptl_crystal_grow.pressure        ? 
_exptl_crystal_grow.pressure_esd    ? 
_exptl_crystal_grow.seeding         ? 
_exptl_crystal_grow.seeding_ref     ? 
_exptl_crystal_grow.temp            298 
_exptl_crystal_grow.temp_details    ? 
_exptl_crystal_grow.temp_esd        ? 
_exptl_crystal_grow.time            ? 
_exptl_crystal_grow.pdbx_details    '0.07M CACODYLATE PH 6.8, 0.8M CALCIUM ACETATE, 13-15% PEG8000, AND 20% GLYCEROL' 
_exptl_crystal_grow.pdbx_pH_range   ? 
# 
_diffrn.ambient_environment              ? 
_diffrn.ambient_temp                     100 
_diffrn.ambient_temp_details             ? 
_diffrn.ambient_temp_esd                 ? 
_diffrn.crystal_id                       1 
_diffrn.crystal_support                  ? 
_diffrn.crystal_treatment                ? 
_diffrn.details                          ? 
_diffrn.id                               1 
_diffrn.ambient_pressure                 ? 
_diffrn.ambient_pressure_esd             ? 
_diffrn.ambient_pressure_gt              ? 
_diffrn.ambient_pressure_lt              ? 
_diffrn.ambient_temp_gt                  ? 
_diffrn.ambient_temp_lt                  ? 
_diffrn.pdbx_serial_crystal_experiment   N 
# 
_diffrn_detector.details                      MIRRORS 
_diffrn_detector.detector                     PIXEL 
_diffrn_detector.diffrn_id                    1 
_diffrn_detector.type                         'DECTRIS EIGER X 9M' 
_diffrn_detector.area_resol_mean              ? 
_diffrn_detector.dtime                        ? 
_diffrn_detector.pdbx_frames_total            ? 
_diffrn_detector.pdbx_collection_time_total   ? 
_diffrn_detector.pdbx_collection_date         2018-07-17 
_diffrn_detector.pdbx_frequency               ? 
# 
_diffrn_radiation.collimation                      ? 
_diffrn_radiation.diffrn_id                        1 
_diffrn_radiation.filter_edge                      ? 
_diffrn_radiation.inhomogeneity                    ? 
_diffrn_radiation.monochromator                    'double crystal Si(111)' 
_diffrn_radiation.polarisn_norm                    ? 
_diffrn_radiation.polarisn_ratio                   ? 
_diffrn_radiation.probe                            ? 
_diffrn_radiation.type                             ? 
_diffrn_radiation.xray_symbol                      ? 
_diffrn_radiation.wavelength_id                    1 
_diffrn_radiation.pdbx_monochromatic_or_laue_m_l   M 
_diffrn_radiation.pdbx_wavelength_list             ? 
_diffrn_radiation.pdbx_wavelength                  ? 
_diffrn_radiation.pdbx_diffrn_protocol             'SINGLE WAVELENGTH' 
_diffrn_radiation.pdbx_analyzer                    ? 
_diffrn_radiation.pdbx_scattering_type             x-ray 
# 
_diffrn_radiation_wavelength.id           1 
_diffrn_radiation_wavelength.wavelength   0.920126 
_diffrn_radiation_wavelength.wt           1.0 
# 
_diffrn_source.current                     ? 
_diffrn_source.details                     ? 
_diffrn_source.diffrn_id                   1 
_diffrn_source.power                       ? 
_diffrn_source.size                        ? 
_diffrn_source.source                      SYNCHROTRON 
_diffrn_source.target                      ? 
_diffrn_source.type                        'NSLS-II BEAMLINE 17-ID-1' 
_diffrn_source.voltage                     ? 
_diffrn_source.take-off_angle              ? 
_diffrn_source.pdbx_wavelength_list        0.920126 
_diffrn_source.pdbx_wavelength             ? 
_diffrn_source.pdbx_synchrotron_beamline   17-ID-1 
_diffrn_source.pdbx_synchrotron_site       NSLS-II 
# 
_reflns.B_iso_Wilson_estimate                          53.423 
_reflns.entry_id                                       7T9U 
_reflns.data_reduction_details                         ? 
_reflns.data_reduction_method                          ? 
_reflns.d_resolution_high                              2.460 
_reflns.d_resolution_low                               59.562 
_reflns.details                                        ? 
_reflns.limit_h_max                                    ? 
_reflns.limit_h_min                                    ? 
_reflns.limit_k_max                                    ? 
_reflns.limit_k_min                                    ? 
_reflns.limit_l_max                                    ? 
_reflns.limit_l_min                                    ? 
_reflns.number_all                                     ? 
_reflns.number_obs                                     9849 
_reflns.observed_criterion                             ? 
_reflns.observed_criterion_F_max                       ? 
_reflns.observed_criterion_F_min                       ? 
_reflns.observed_criterion_I_max                       ? 
_reflns.observed_criterion_I_min                       ? 
_reflns.observed_criterion_sigma_F                     ? 
_reflns.observed_criterion_sigma_I                     ? 
_reflns.percent_possible_obs                           99.900 
_reflns.R_free_details                                 ? 
_reflns.Rmerge_F_all                                   ? 
_reflns.Rmerge_F_obs                                   ? 
_reflns.Friedel_coverage                               ? 
_reflns.number_gt                                      ? 
_reflns.threshold_expression                           ? 
_reflns.pdbx_redundancy                                13.400 
_reflns.pdbx_Rmerge_I_obs                              ? 
_reflns.pdbx_Rmerge_I_all                              ? 
_reflns.pdbx_Rsym_value                                0.219 
_reflns.pdbx_netI_over_av_sigmaI                       2.500 
_reflns.pdbx_netI_over_sigmaI                          7.300 
_reflns.pdbx_res_netI_over_av_sigmaI_2                 ? 
_reflns.pdbx_res_netI_over_sigmaI_2                    ? 
_reflns.pdbx_chi_squared                               ? 
_reflns.pdbx_scaling_rejects                           ? 
_reflns.pdbx_d_res_high_opt                            ? 
_reflns.pdbx_d_res_low_opt                             ? 
_reflns.pdbx_d_res_opt_method                          ? 
_reflns.phase_calculation_details                      ? 
_reflns.pdbx_Rrim_I_all                                0.228 
_reflns.pdbx_Rpim_I_all                                0.062 
_reflns.pdbx_d_opt                                     ? 
_reflns.pdbx_number_measured_all                       ? 
_reflns.pdbx_diffrn_id                                 1 
_reflns.pdbx_ordinal                                   1 
_reflns.pdbx_CC_half                                   0.996 
_reflns.pdbx_CC_star                                   ? 
_reflns.pdbx_R_split                                   ? 
_reflns.pdbx_aniso_diffraction_limit_axis_1_ortho[1]   ? 
_reflns.pdbx_aniso_diffraction_limit_axis_1_ortho[2]   ? 
_reflns.pdbx_aniso_diffraction_limit_axis_1_ortho[3]   ? 
_reflns.pdbx_aniso_diffraction_limit_axis_2_ortho[1]   ? 
_reflns.pdbx_aniso_diffraction_limit_axis_2_ortho[2]   ? 
_reflns.pdbx_aniso_diffraction_limit_axis_2_ortho[3]   ? 
_reflns.pdbx_aniso_diffraction_limit_axis_3_ortho[1]   ? 
_reflns.pdbx_aniso_diffraction_limit_axis_3_ortho[2]   ? 
_reflns.pdbx_aniso_diffraction_limit_axis_3_ortho[3]   ? 
_reflns.pdbx_aniso_diffraction_limit_1                 ? 
_reflns.pdbx_aniso_diffraction_limit_2                 ? 
_reflns.pdbx_aniso_diffraction_limit_3                 ? 
_reflns.pdbx_aniso_B_tensor_eigenvector_1_ortho[1]     ? 
_reflns.pdbx_aniso_B_tensor_eigenvector_1_ortho[2]     ? 
_reflns.pdbx_aniso_B_tensor_eigenvector_1_ortho[3]     ? 
_reflns.pdbx_aniso_B_tensor_eigenvector_2_ortho[1]     ? 
_reflns.pdbx_aniso_B_tensor_eigenvector_2_ortho[2]     ? 
_reflns.pdbx_aniso_B_tensor_eigenvector_2_ortho[3]     ? 
_reflns.pdbx_aniso_B_tensor_eigenvector_3_ortho[1]     ? 
_reflns.pdbx_aniso_B_tensor_eigenvector_3_ortho[2]     ? 
_reflns.pdbx_aniso_B_tensor_eigenvector_3_ortho[3]     ? 
_reflns.pdbx_aniso_B_tensor_eigenvalue_1               ? 
_reflns.pdbx_aniso_B_tensor_eigenvalue_2               ? 
_reflns.pdbx_aniso_B_tensor_eigenvalue_3               ? 
_reflns.pdbx_orthogonalization_convention              ? 
_reflns.pdbx_percent_possible_ellipsoidal              ? 
_reflns.pdbx_percent_possible_spherical                ? 
_reflns.pdbx_percent_possible_ellipsoidal_anomalous    ? 
_reflns.pdbx_percent_possible_spherical_anomalous      ? 
_reflns.pdbx_redundancy_anomalous                      ? 
_reflns.pdbx_CC_half_anomalous                         ? 
_reflns.pdbx_absDiff_over_sigma_anomalous              ? 
_reflns.pdbx_percent_possible_anomalous                ? 
_reflns.pdbx_observed_signal_threshold                 ? 
_reflns.pdbx_signal_type                               ? 
_reflns.pdbx_signal_details                            ? 
_reflns.pdbx_signal_software_id                        ? 
# 
loop_
_reflns_shell.d_res_high 
_reflns_shell.d_res_low 
_reflns_shell.meanI_over_sigI_all 
_reflns_shell.meanI_over_sigI_obs 
_reflns_shell.number_measured_all 
_reflns_shell.number_measured_obs 
_reflns_shell.number_possible 
_reflns_shell.number_unique_all 
_reflns_shell.number_unique_obs 
_reflns_shell.percent_possible_all 
_reflns_shell.percent_possible_obs 
_reflns_shell.Rmerge_F_all 
_reflns_shell.Rmerge_F_obs 
_reflns_shell.Rmerge_I_all 
_reflns_shell.Rmerge_I_obs 
_reflns_shell.meanI_over_sigI_gt 
_reflns_shell.meanI_over_uI_all 
_reflns_shell.meanI_over_uI_gt 
_reflns_shell.number_measured_gt 
_reflns_shell.number_unique_gt 
_reflns_shell.percent_possible_gt 
_reflns_shell.Rmerge_F_gt 
_reflns_shell.Rmerge_I_gt 
_reflns_shell.pdbx_redundancy 
_reflns_shell.pdbx_Rsym_value 
_reflns_shell.pdbx_chi_squared 
_reflns_shell.pdbx_netI_over_sigmaI_all 
_reflns_shell.pdbx_netI_over_sigmaI_obs 
_reflns_shell.pdbx_Rrim_I_all 
_reflns_shell.pdbx_Rpim_I_all 
_reflns_shell.pdbx_rejects 
_reflns_shell.pdbx_ordinal 
_reflns_shell.pdbx_diffrn_id 
_reflns_shell.pdbx_CC_half 
_reflns_shell.pdbx_CC_star 
_reflns_shell.pdbx_R_split 
_reflns_shell.pdbx_percent_possible_ellipsoidal 
_reflns_shell.pdbx_percent_possible_spherical 
_reflns_shell.pdbx_percent_possible_ellipsoidal_anomalous 
_reflns_shell.pdbx_percent_possible_spherical_anomalous 
_reflns_shell.pdbx_redundancy_anomalous 
_reflns_shell.pdbx_CC_half_anomalous 
_reflns_shell.pdbx_absDiff_over_sigma_anomalous 
_reflns_shell.pdbx_percent_possible_anomalous 
2.460 2.590  ? 1.3 ? ? ? ? 1405 99.700  ? ? ? ? ?     ? ? ? ? ? ? ? ? 13.900 3.766 ? ? ? 3.908 1.039 ? 1  1 0.695 ? ? ? ? ? ? ? ? 
? ? 
2.590 2.750  ? ?   ? ? ? ? 1334 100.000 ? ? ? ? 1.935 ? ? ? ? ? ? ? ? 13.900 1.935 ? ? ? 2.009 0.533 ? 2  1 ?     ? ? ? ? ? ? ? ? 
? ? 
2.750 2.940  ? ?   ? ? ? ? 1264 100.000 ? ? ? ? 1.142 ? ? ? ? ? ? ? ? 13.700 1.142 ? ? ? 1.186 0.318 ? 3  1 ?     ? ? ? ? ? ? ? ? 
? ? 
2.940 3.180  ? ?   ? ? ? ? 1186 100.000 ? ? ? ? 0.543 ? ? ? ? ? ? ? ? 13.300 0.543 ? ? ? 0.565 0.154 ? 4  1 ?     ? ? ? ? ? ? ? ? 
? ? 
3.180 3.480  ? ?   ? ? ? ? 1079 100.000 ? ? ? ? 0.306 ? ? ? ? ? ? ? ? 12.700 0.306 ? ? ? 0.319 0.089 ? 5  1 ?     ? ? ? ? ? ? ? ? 
? ? 
3.480 3.890  ? ?   ? ? ? ? 991  100.000 ? ? ? ? 0.197 ? ? ? ? ? ? ? ? 13.300 0.197 ? ? ? 0.205 0.056 ? 6  1 ?     ? ? ? ? ? ? ? ? 
? ? 
3.890 4.490  ? ?   ? ? ? ? 885  100.000 ? ? ? ? 0.136 ? ? ? ? ? ? ? ? 13.700 0.136 ? ? ? 0.141 0.038 ? 7  1 ?     ? ? ? ? ? ? ? ? 
? ? 
4.490 5.500  ? ?   ? ? ? ? 750  100.000 ? ? ? ? 0.111 ? ? ? ? ? ? ? ? 13.200 0.111 ? ? ? 0.116 0.032 ? 8  1 ?     ? ? ? ? ? ? ? ? 
? ? 
5.500 7.780  ? ?   ? ? ? ? 602  100.000 ? ? ? ? 0.091 ? ? ? ? ? ? ? ? 11.800 0.091 ? ? ? 0.095 0.027 ? 9  1 ?     ? ? ? ? ? ? ? ? 
? ? 
7.780 39.953 ? ?   ? ? ? ? 353  99.300  ? ? ? ? 0.063 ? ? ? ? ? ? ? ? 12.700 0.063 ? ? ? 0.065 0.018 ? 10 1 ?     ? ? ? ? ? ? ? ? 
? ? 
# 
_refine.aniso_B[1][1]                            ? 
_refine.aniso_B[1][2]                            ? 
_refine.aniso_B[1][3]                            ? 
_refine.aniso_B[2][2]                            ? 
_refine.aniso_B[2][3]                            ? 
_refine.aniso_B[3][3]                            ? 
_refine.B_iso_max                                127.120 
_refine.B_iso_mean                               71.0 
_refine.B_iso_min                                38.310 
_refine.correlation_coeff_Fo_to_Fc               ? 
_refine.correlation_coeff_Fo_to_Fc_free          ? 
_refine.details                                  ? 
_refine.diff_density_max                         ? 
_refine.diff_density_max_esd                     ? 
_refine.diff_density_min                         ? 
_refine.diff_density_min_esd                     ? 
_refine.diff_density_rms                         ? 
_refine.diff_density_rms_esd                     ? 
_refine.entry_id                                 7T9U 
_refine.pdbx_refine_id                           'X-RAY DIFFRACTION' 
_refine.ls_abs_structure_details                 ? 
_refine.ls_abs_structure_Flack                   ? 
_refine.ls_abs_structure_Flack_esd               ? 
_refine.ls_abs_structure_Rogers                  ? 
_refine.ls_abs_structure_Rogers_esd              ? 
_refine.ls_d_res_high                            2.4600 
_refine.ls_d_res_low                             39.9530 
_refine.ls_extinction_coef                       ? 
_refine.ls_extinction_coef_esd                   ? 
_refine.ls_extinction_expression                 ? 
_refine.ls_extinction_method                     ? 
_refine.ls_goodness_of_fit_all                   ? 
_refine.ls_goodness_of_fit_all_esd               ? 
_refine.ls_goodness_of_fit_obs                   ? 
_refine.ls_goodness_of_fit_obs_esd               ? 
_refine.ls_hydrogen_treatment                    ? 
_refine.ls_matrix_type                           ? 
_refine.ls_number_constraints                    ? 
_refine.ls_number_parameters                     ? 
_refine.ls_number_reflns_all                     ? 
_refine.ls_number_reflns_obs                     9782 
_refine.ls_number_reflns_R_free                  478 
_refine.ls_number_reflns_R_work                  9304 
_refine.ls_number_restraints                     ? 
_refine.ls_percent_reflns_obs                    99.4600 
_refine.ls_percent_reflns_R_free                 4.8900 
_refine.ls_R_factor_all                          ? 
_refine.ls_R_factor_obs                          0.2240 
_refine.ls_R_factor_R_free                       0.2334 
_refine.ls_R_factor_R_free_error                 ? 
_refine.ls_R_factor_R_free_error_details         ? 
_refine.ls_R_factor_R_work                       0.2235 
_refine.ls_R_Fsqd_factor_obs                     ? 
_refine.ls_R_I_factor_obs                        ? 
_refine.ls_redundancy_reflns_all                 ? 
_refine.ls_redundancy_reflns_obs                 ? 
_refine.ls_restrained_S_all                      ? 
_refine.ls_restrained_S_obs                      ? 
_refine.ls_shift_over_esd_max                    ? 
_refine.ls_shift_over_esd_mean                   ? 
_refine.ls_structure_factor_coef                 ? 
_refine.ls_weighting_details                     ? 
_refine.ls_weighting_scheme                      ? 
_refine.ls_wR_factor_all                         ? 
_refine.ls_wR_factor_obs                         ? 
_refine.ls_wR_factor_R_free                      ? 
_refine.ls_wR_factor_R_work                      ? 
_refine.occupancy_max                            ? 
_refine.occupancy_min                            ? 
_refine.solvent_model_details                    'FLAT BULK SOLVENT MODEL' 
_refine.solvent_model_param_bsol                 60.2 
_refine.solvent_model_param_ksol                 0.35 
_refine.pdbx_R_complete                          ? 
_refine.ls_R_factor_gt                           ? 
_refine.ls_goodness_of_fit_gt                    ? 
_refine.ls_goodness_of_fit_ref                   ? 
_refine.ls_shift_over_su_max                     ? 
_refine.ls_shift_over_su_max_lt                  ? 
_refine.ls_shift_over_su_mean                    ? 
_refine.ls_shift_over_su_mean_lt                 ? 
_refine.pdbx_ls_sigma_I                          ? 
_refine.pdbx_ls_sigma_F                          1.330 
_refine.pdbx_ls_sigma_Fsqd                       ? 
_refine.pdbx_data_cutoff_high_absF               ? 
_refine.pdbx_data_cutoff_high_rms_absF           ? 
_refine.pdbx_data_cutoff_low_absF                ? 
_refine.pdbx_isotropic_thermal_model             ? 
_refine.pdbx_ls_cross_valid_method               THROUGHOUT 
_refine.pdbx_method_to_determine_struct          'MOLECULAR REPLACEMENT' 
_refine.pdbx_starting_model                      6DXG 
_refine.pdbx_stereochemistry_target_values       ML 
_refine.pdbx_R_Free_selection_details            ? 
_refine.pdbx_stereochem_target_val_spec_case     ? 
_refine.pdbx_overall_ESU_R                       ? 
_refine.pdbx_overall_ESU_R_Free                  ? 
_refine.pdbx_solvent_vdw_probe_radii             1.1100 
_refine.pdbx_solvent_ion_probe_radii             ? 
_refine.pdbx_solvent_shrinkage_radii             0.9000 
_refine.pdbx_real_space_R                        ? 
_refine.pdbx_density_correlation                 ? 
_refine.pdbx_pd_number_of_powder_patterns        ? 
_refine.pdbx_pd_number_of_points                 ? 
_refine.pdbx_pd_meas_number_of_points            ? 
_refine.pdbx_pd_proc_ls_prof_R_factor            ? 
_refine.pdbx_pd_proc_ls_prof_wR_factor           ? 
_refine.pdbx_pd_Marquardt_correlation_coeff      ? 
_refine.pdbx_pd_Fsqrd_R_factor                   ? 
_refine.pdbx_pd_ls_matrix_band_width             ? 
_refine.pdbx_overall_phase_error                 32.3300 
_refine.pdbx_overall_SU_R_free_Cruickshank_DPI   ? 
_refine.pdbx_overall_SU_R_free_Blow_DPI          ? 
_refine.pdbx_overall_SU_R_Blow_DPI               ? 
_refine.pdbx_TLS_residual_ADP_flag               ? 
_refine.pdbx_diffrn_id                           1 
_refine.overall_SU_B                             ? 
_refine.overall_SU_ML                            0.2200 
_refine.overall_SU_R_Cruickshank_DPI             ? 
_refine.overall_SU_R_free                        ? 
_refine.overall_FOM_free_R_set                   ? 
_refine.overall_FOM_work_R_set                   ? 
_refine.pdbx_average_fsc_overall                 ? 
_refine.pdbx_average_fsc_work                    ? 
_refine.pdbx_average_fsc_free                    ? 
# 
_refine_hist.pdbx_refine_id                   'X-RAY DIFFRACTION' 
_refine_hist.cycle_id                         final 
_refine_hist.details                          ? 
_refine_hist.d_res_high                       2.4600 
_refine_hist.d_res_low                        39.9530 
_refine_hist.number_atoms_solvent             8 
_refine_hist.number_atoms_total               1422 
_refine_hist.number_reflns_all                ? 
_refine_hist.number_reflns_obs                ? 
_refine_hist.number_reflns_R_free             ? 
_refine_hist.number_reflns_R_work             ? 
_refine_hist.R_factor_all                     ? 
_refine_hist.R_factor_obs                     ? 
_refine_hist.R_factor_R_free                  ? 
_refine_hist.R_factor_R_work                  ? 
_refine_hist.pdbx_number_residues_total       177 
_refine_hist.pdbx_B_iso_mean_ligand           70.50 
_refine_hist.pdbx_B_iso_mean_solvent          62.74 
_refine_hist.pdbx_number_atoms_protein        1384 
_refine_hist.pdbx_number_atoms_nucleic_acid   0 
_refine_hist.pdbx_number_atoms_ligand         30 
_refine_hist.pdbx_number_atoms_lipid          ? 
_refine_hist.pdbx_number_atoms_carb           ? 
_refine_hist.pdbx_pseudo_atom_details         ? 
# 
loop_
_refine_ls_shell.pdbx_refine_id 
_refine_ls_shell.d_res_high 
_refine_ls_shell.d_res_low 
_refine_ls_shell.number_reflns_all 
_refine_ls_shell.number_reflns_obs 
_refine_ls_shell.number_reflns_R_free 
_refine_ls_shell.number_reflns_R_work 
_refine_ls_shell.percent_reflns_obs 
_refine_ls_shell.percent_reflns_R_free 
_refine_ls_shell.R_factor_all 
_refine_ls_shell.R_factor_obs 
_refine_ls_shell.R_factor_R_free 
_refine_ls_shell.R_factor_R_free_error 
_refine_ls_shell.R_factor_R_work 
_refine_ls_shell.redundancy_reflns_all 
_refine_ls_shell.redundancy_reflns_obs 
_refine_ls_shell.wR_factor_all 
_refine_ls_shell.wR_factor_obs 
_refine_ls_shell.wR_factor_R_free 
_refine_ls_shell.wR_factor_R_work 
_refine_ls_shell.pdbx_R_complete 
_refine_ls_shell.pdbx_total_number_of_bins_used 
_refine_ls_shell.pdbx_phase_error 
_refine_ls_shell.pdbx_fsc_work 
_refine_ls_shell.pdbx_fsc_free 
'X-RAY DIFFRACTION' 2.4602 2.8161  . . 144 3044 99.0000  . . . 0.3365 0.0000 0.3264 . . . . . . . . . . . 
'X-RAY DIFFRACTION' 2.8161 3.5477  . . 152 3072 99.0000  . . . 0.2800 0.0000 0.2445 . . . . . . . . . . . 
'X-RAY DIFFRACTION' 3.5477 39.9530 . . 182 3188 100.0000 . . . 0.2003 0.0000 0.1967 . . . . . . . . . . . 
# 
_struct.entry_id                     7T9U 
_struct.title                        'Crystal structure of hSTING with an agonist (SHR169224)' 
_struct.pdbx_model_details           ? 
_struct.pdbx_formula_weight          ? 
_struct.pdbx_formula_weight_method   ? 
_struct.pdbx_model_type_details      ? 
_struct.pdbx_CASP_flag               N 
# 
_struct_keywords.entry_id        7T9U 
_struct_keywords.text            'IMMUNE SYSTEM, IMMUNE SYSTEM-INHIBITOR COMPLEX, IMMUNE SYSTEM-AGONIST COMPLEX' 
_struct_keywords.pdbx_keywords   'IMMUNE SYSTEM/INHIBITOR' 
# 
loop_
_struct_asym.id 
_struct_asym.pdbx_blank_PDB_chainid_flag 
_struct_asym.pdbx_modified 
_struct_asym.entity_id 
_struct_asym.details 
A N N 1 ? 
B N N 2 ? 
C N N 3 ? 
D N N 4 ? 
# 
loop_
_struct_conf.conf_type_id 
_struct_conf.id 
_struct_conf.pdbx_PDB_helix_id 
_struct_conf.beg_label_comp_id 
_struct_conf.beg_label_asym_id 
_struct_conf.beg_label_seq_id 
_struct_conf.pdbx_beg_PDB_ins_code 
_struct_conf.end_label_comp_id 
_struct_conf.end_label_asym_id 
_struct_conf.end_label_seq_id 
_struct_conf.pdbx_end_PDB_ins_code 
_struct_conf.beg_auth_comp_id 
_struct_conf.beg_auth_asym_id 
_struct_conf.beg_auth_seq_id 
_struct_conf.end_auth_comp_id 
_struct_conf.end_auth_asym_id 
_struct_conf.end_auth_seq_id 
_struct_conf.pdbx_PDB_helix_class 
_struct_conf.details 
_struct_conf.pdbx_PDB_helix_length 
HELX_P HELX_P1 AA1 ASN A 7   ? TYR A 20  ? ASN A 154 TYR A 167 1 ? 14 
HELX_P HELX_P2 AA2 TYR A 20  ? ARG A 44  ? TYR A 167 ARG A 191 1 ? 25 
HELX_P HELX_P3 AA3 ASN A 64  ? ASP A 69  ? ASN A 211 ASP A 216 1 ? 6  
HELX_P HELX_P4 AA4 THR A 116 ? GLN A 126 ? THR A 263 GLN A 273 1 ? 11 
HELX_P HELX_P5 AA5 TYR A 127 ? GLY A 131 ? TYR A 274 GLY A 278 5 ? 5  
HELX_P HELX_P6 AA6 SER A 133 ? ALA A 155 ? SER A 280 ALA A 302 1 ? 23 
HELX_P HELX_P7 AA7 GLU A 157 ? ASN A 160 ? GLU A 304 ASN A 307 5 ? 4  
HELX_P HELX_P8 AA8 SER A 177 ? VAL A 196 ? SER A 324 VAL A 343 1 ? 20 
# 
_struct_conf_type.id          HELX_P 
_struct_conf_type.criteria    ? 
_struct_conf_type.reference   ? 
# 
loop_
_struct_conn.id 
_struct_conn.conn_type_id 
_struct_conn.pdbx_leaving_atom_flag 
_struct_conn.pdbx_PDB_id 
_struct_conn.ptnr1_label_asym_id 
_struct_conn.ptnr1_label_comp_id 
_struct_conn.ptnr1_label_seq_id 
_struct_conn.ptnr1_label_atom_id 
_struct_conn.pdbx_ptnr1_label_alt_id 
_struct_conn.pdbx_ptnr1_PDB_ins_code 
_struct_conn.pdbx_ptnr1_standard_comp_id 
_struct_conn.ptnr1_symmetry 
_struct_conn.ptnr2_label_asym_id 
_struct_conn.ptnr2_label_comp_id 
_struct_conn.ptnr2_label_seq_id 
_struct_conn.ptnr2_label_atom_id 
_struct_conn.pdbx_ptnr2_label_alt_id 
_struct_conn.pdbx_ptnr2_PDB_ins_code 
_struct_conn.ptnr1_auth_asym_id 
_struct_conn.ptnr1_auth_comp_id 
_struct_conn.ptnr1_auth_seq_id 
_struct_conn.ptnr2_auth_asym_id 
_struct_conn.ptnr2_auth_comp_id 
_struct_conn.ptnr2_auth_seq_id 
_struct_conn.ptnr2_symmetry 
_struct_conn.pdbx_ptnr3_label_atom_id 
_struct_conn.pdbx_ptnr3_label_seq_id 
_struct_conn.pdbx_ptnr3_label_comp_id 
_struct_conn.pdbx_ptnr3_label_asym_id 
_struct_conn.pdbx_ptnr3_label_alt_id 
_struct_conn.pdbx_ptnr3_PDB_ins_code 
_struct_conn.details 
_struct_conn.pdbx_dist_value 
_struct_conn.pdbx_value_order 
_struct_conn.pdbx_role 
metalc1 metalc ? ? A ASP 58  OD2 ? ? ? 1_555 B CA  . CA ? ? A ASP 205 A CA  401 1_555 ? ? ? ? ? ? ? 2.446 ? ? 
metalc2 metalc ? ? A GLU 169 OE1 ? ? ? 1_555 B CA  . CA ? ? A GLU 316 A CA  401 1_555 ? ? ? ? ? ? ? 2.640 ? ? 
metalc3 metalc ? ? A GLU 169 OE2 ? ? ? 1_555 B CA  . CA ? ? A GLU 316 A CA  401 1_555 ? ? ? ? ? ? ? 2.418 ? ? 
metalc4 metalc ? ? A VAL 194 O   ? ? ? 1_555 B CA  . CA ? ? A VAL 341 A CA  401 6_444 ? ? ? ? ? ? ? 2.131 ? ? 
metalc5 metalc ? ? B CA  .   CA  ? ? ? 1_555 D HOH . O  ? ? A CA  401 A HOH 502 6_445 ? ? ? ? ? ? ? 2.344 ? ? 
metalc6 metalc ? ? B CA  .   CA  ? ? ? 1_555 D HOH . O  ? ? A CA  401 A HOH 504 6_445 ? ? ? ? ? ? ? 2.554 ? ? 
metalc7 metalc ? ? B CA  .   CA  ? ? ? 1_555 D HOH . O  ? ? A CA  401 A HOH 505 1_555 ? ? ? ? ? ? ? 2.297 ? ? 
# 
_struct_conn_type.id          metalc 
_struct_conn_type.criteria    ? 
_struct_conn_type.reference   ? 
# 
_struct_sheet.id               AA1 
_struct_sheet.type             ? 
_struct_sheet.number_strands   5 
_struct_sheet.details          ? 
# 
loop_
_struct_sheet_order.sheet_id 
_struct_sheet_order.range_id_1 
_struct_sheet_order.range_id_2 
_struct_sheet_order.offset 
_struct_sheet_order.sense 
AA1 1 2 ? anti-parallel 
AA1 2 3 ? anti-parallel 
AA1 3 4 ? parallel      
AA1 4 5 ? parallel      
# 
loop_
_struct_sheet_range.sheet_id 
_struct_sheet_range.id 
_struct_sheet_range.beg_label_comp_id 
_struct_sheet_range.beg_label_asym_id 
_struct_sheet_range.beg_label_seq_id 
_struct_sheet_range.pdbx_beg_PDB_ins_code 
_struct_sheet_range.end_label_comp_id 
_struct_sheet_range.end_label_asym_id 
_struct_sheet_range.end_label_seq_id 
_struct_sheet_range.pdbx_end_PDB_ins_code 
_struct_sheet_range.beg_auth_comp_id 
_struct_sheet_range.beg_auth_asym_id 
_struct_sheet_range.beg_auth_seq_id 
_struct_sheet_range.end_auth_comp_id 
_struct_sheet_range.end_auth_asym_id 
_struct_sheet_range.end_auth_seq_id 
AA1 1 ILE A 72  ? LYS A 77  ? ILE A 219 LYS A 224 
AA1 2 SER A 96  ? GLU A 102 ? SER A 243 GLU A 249 
AA1 3 GLN A 105 ? TYR A 114 ? GLN A 252 TYR A 261 
AA1 4 LEU A 51  ? PRO A 56  ? LEU A 198 PRO A 203 
AA1 5 CYS A 162 ? TYR A 167 ? CYS A 309 TYR A 314 
# 
loop_
_pdbx_struct_sheet_hbond.sheet_id 
_pdbx_struct_sheet_hbond.range_id_1 
_pdbx_struct_sheet_hbond.range_id_2 
_pdbx_struct_sheet_hbond.range_1_label_atom_id 
_pdbx_struct_sheet_hbond.range_1_label_comp_id 
_pdbx_struct_sheet_hbond.range_1_label_asym_id 
_pdbx_struct_sheet_hbond.range_1_label_seq_id 
_pdbx_struct_sheet_hbond.range_1_PDB_ins_code 
_pdbx_struct_sheet_hbond.range_1_auth_atom_id 
_pdbx_struct_sheet_hbond.range_1_auth_comp_id 
_pdbx_struct_sheet_hbond.range_1_auth_asym_id 
_pdbx_struct_sheet_hbond.range_1_auth_seq_id 
_pdbx_struct_sheet_hbond.range_2_label_atom_id 
_pdbx_struct_sheet_hbond.range_2_label_comp_id 
_pdbx_struct_sheet_hbond.range_2_label_asym_id 
_pdbx_struct_sheet_hbond.range_2_label_seq_id 
_pdbx_struct_sheet_hbond.range_2_PDB_ins_code 
_pdbx_struct_sheet_hbond.range_2_auth_atom_id 
_pdbx_struct_sheet_hbond.range_2_auth_comp_id 
_pdbx_struct_sheet_hbond.range_2_auth_asym_id 
_pdbx_struct_sheet_hbond.range_2_auth_seq_id 
AA1 1 2 N ASP A 76  ? N ASP A 223 O ILE A 97  ? O ILE A 244 
AA1 2 3 N LEU A 100 ? N LEU A 247 O ALA A 107 ? O ALA A 254 
AA1 3 4 O VAL A 111 ? O VAL A 258 N TYR A 52  ? N TYR A 199 
AA1 4 5 N LEU A 55  ? N LEU A 202 O ILE A 165 ? O ILE A 312 
# 
_atom_sites.entry_id                    7T9U 
_atom_sites.Cartn_transf_matrix[1][1]   ? 
_atom_sites.Cartn_transf_matrix[1][2]   ? 
_atom_sites.Cartn_transf_matrix[1][3]   ? 
_atom_sites.Cartn_transf_matrix[2][1]   ? 
_atom_sites.Cartn_transf_matrix[2][2]   ? 
_atom_sites.Cartn_transf_matrix[2][3]   ? 
_atom_sites.Cartn_transf_matrix[3][1]   ? 
_atom_sites.Cartn_transf_matrix[3][2]   ? 
_atom_sites.Cartn_transf_matrix[3][3]   ? 
_atom_sites.Cartn_transf_vector[1]      ? 
_atom_sites.Cartn_transf_vector[2]      ? 
_atom_sites.Cartn_transf_vector[3]      ? 
_atom_sites.fract_transf_matrix[1][1]   0.01049682 
_atom_sites.fract_transf_matrix[1][2]   -0.00046124 
_atom_sites.fract_transf_matrix[1][3]   -0.00679921 
_atom_sites.fract_transf_matrix[2][1]   -0.00609001 
_atom_sites.fract_transf_matrix[2][2]   -0.00105934 
_atom_sites.fract_transf_matrix[2][3]   -0.00933008 
_atom_sites.fract_transf_matrix[3][1]   -0.00028240 
_atom_sites.fract_transf_matrix[3][2]   0.01357244 
_atom_sites.fract_transf_matrix[3][3]   -0.00135669 
_atom_sites.fract_transf_vector[1]      -0.166621 
_atom_sites.fract_transf_vector[2]      -0.268456 
_atom_sites.fract_transf_vector[3]      0.124163 
_atom_sites.solution_primary            ? 
_atom_sites.solution_secondary          ? 
_atom_sites.solution_hydrogens          ? 
_atom_sites.special_details             ? 
# 
loop_
_atom_type.symbol 
C  
CA 
N  
O  
S  
# 
loop_
_atom_site.group_PDB 
_atom_site.id 
_atom_site.type_symbol 
_atom_site.label_atom_id 
_atom_site.label_alt_id 
_atom_site.label_comp_id 
_atom_site.label_asym_id 
_atom_site.label_entity_id 
_atom_site.label_seq_id 
_atom_site.pdbx_PDB_ins_code 
_atom_site.Cartn_x 
_atom_site.Cartn_y 
_atom_site.Cartn_z 
_atom_site.occupancy 
_atom_site.B_iso_or_equiv 
_atom_site.pdbx_formal_charge 
_atom_site.auth_seq_id 
_atom_site.auth_comp_id 
_atom_site.auth_asym_id 
_atom_site.auth_atom_id 
_atom_site.pdbx_PDB_model_num 
ATOM   1    N  N   . PHE A 1 6   ? -1.686  10.112  -24.881 1.00 86.99  ? 153 PHE A N   1 
ATOM   2    C  CA  . PHE A 1 6   ? -0.843  10.649  -23.816 1.00 82.30  ? 153 PHE A CA  1 
ATOM   3    C  C   . PHE A 1 6   ? -1.412  10.272  -22.457 1.00 85.38  ? 153 PHE A C   1 
ATOM   4    O  O   . PHE A 1 6   ? -2.388  10.870  -22.007 1.00 95.25  ? 153 PHE A O   1 
ATOM   5    C  CB  . PHE A 1 6   ? -0.728  12.164  -23.937 1.00 74.35  ? 153 PHE A CB  1 
ATOM   6    N  N   . ASN A 1 7   ? -0.755  9.314   -21.794 1.00 77.33  ? 154 ASN A N   1 
ATOM   7    C  CA  . ASN A 1 7   ? -1.247  8.739   -20.540 1.00 63.49  ? 154 ASN A CA  1 
ATOM   8    C  C   . ASN A 1 7   ? -0.043  8.634   -19.603 1.00 61.02  ? 154 ASN A C   1 
ATOM   9    O  O   . ASN A 1 7   ? 0.765   7.709   -19.734 1.00 64.18  ? 154 ASN A O   1 
ATOM   10   C  CB  . ASN A 1 7   ? -1.907  7.356   -20.652 1.00 70.69  ? 154 ASN A CB  1 
ATOM   11   C  CG  . ASN A 1 7   ? -3.219  7.383   -21.396 1.00 77.54  ? 154 ASN A CG  1 
ATOM   12   O  OD1 . ASN A 1 7   ? -4.214  7.903   -20.897 1.00 80.09  ? 154 ASN A OD1 1 
ATOM   13   N  ND2 . ASN A 1 7   ? -3.266  6.697   -22.530 1.00 71.29  ? 154 ASN A ND2 1 
ATOM   14   N  N   . VAL A 1 8   ? 0.083   9.578   -18.664 1.00 52.35  ? 155 VAL A N   1 
ATOM   15   C  CA  . VAL A 1 8   ? 1.228   9.571   -17.759 1.00 51.22  ? 155 VAL A CA  1 
ATOM   16   C  C   . VAL A 1 8   ? 1.170   8.342   -16.860 1.00 53.27  ? 155 VAL A C   1 
ATOM   17   O  O   . VAL A 1 8   ? 2.189   7.942   -16.285 1.00 60.14  ? 155 VAL A O   1 
ATOM   18   C  CB  . VAL A 1 8   ? 1.286   10.872  -16.936 1.00 50.35  ? 155 VAL A CB  1 
ATOM   19   C  CG1 . VAL A 1 8   ? 1.681   12.027  -17.838 1.00 61.31  ? 155 VAL A CG1 1 
ATOM   20   C  CG2 . VAL A 1 8   ? -0.069  11.170  -16.306 1.00 53.33  ? 155 VAL A CG2 1 
ATOM   21   N  N   . ALA A 1 9   ? -0.024  7.772   -16.671 1.00 52.79  ? 156 ALA A N   1 
ATOM   22   C  CA  . ALA A 1 9   ? -0.164  6.621   -15.791 1.00 58.23  ? 156 ALA A CA  1 
ATOM   23   C  C   . ALA A 1 9   ? 0.676   5.435   -16.255 1.00 55.96  ? 156 ALA A C   1 
ATOM   24   O  O   . ALA A 1 9   ? 1.207   4.699   -15.412 1.00 53.98  ? 156 ALA A O   1 
ATOM   25   C  CB  . ALA A 1 9   ? -1.636  6.224   -15.709 1.00 58.24  ? 156 ALA A CB  1 
ATOM   26   N  N   . HIS A 1 10  ? 0.829   5.239   -17.572 1.00 54.64  ? 157 HIS A N   1 
ATOM   27   C  CA  . HIS A 1 10  ? 1.617   4.117   -18.072 1.00 58.18  ? 157 HIS A CA  1 
ATOM   28   C  C   . HIS A 1 10  ? 3.038   4.189   -17.518 1.00 54.69  ? 157 HIS A C   1 
ATOM   29   O  O   . HIS A 1 10  ? 3.515   3.262   -16.834 1.00 56.46  ? 157 HIS A O   1 
ATOM   30   C  CB  . HIS A 1 10  ? 1.602   4.158   -19.611 1.00 46.70  ? 157 HIS A CB  1 
ATOM   31   C  CG  . HIS A 1 10  ? 2.082   2.901   -20.281 1.00 67.93  ? 157 HIS A CG  1 
ATOM   32   N  ND1 . HIS A 1 10  ? 1.474   1.675   -20.113 1.00 77.75  ? 157 HIS A ND1 1 
ATOM   33   C  CD2 . HIS A 1 10  ? 3.091   2.696   -21.159 1.00 68.24  ? 157 HIS A CD2 1 
ATOM   34   C  CE1 . HIS A 1 10  ? 2.102   0.766   -20.837 1.00 64.52  ? 157 HIS A CE1 1 
ATOM   35   N  NE2 . HIS A 1 10  ? 3.089   1.360   -21.480 1.00 67.74  ? 157 HIS A NE2 1 
ATOM   36   N  N   . GLY A 1 11  ? 3.707   5.319   -17.758 1.00 57.65  ? 158 GLY A N   1 
ATOM   37   C  CA  . GLY A 1 11  ? 5.067   5.479   -17.296 1.00 57.34  ? 158 GLY A CA  1 
ATOM   38   C  C   . GLY A 1 11  ? 5.172   5.542   -15.790 1.00 52.28  ? 158 GLY A C   1 
ATOM   39   O  O   . GLY A 1 11  ? 6.134   5.029   -15.219 1.00 57.39  ? 158 GLY A O   1 
ATOM   40   N  N   . LEU A 1 12  ? 4.179   6.139   -15.117 1.00 45.32  ? 159 LEU A N   1 
ATOM   41   C  CA  . LEU A 1 12  ? 4.242   6.182   -13.658 1.00 43.69  ? 159 LEU A CA  1 
ATOM   42   C  C   . LEU A 1 12  ? 4.231   4.772   -13.084 1.00 52.28  ? 159 LEU A C   1 
ATOM   43   O  O   . LEU A 1 12  ? 4.977   4.473   -12.143 1.00 44.98  ? 159 LEU A O   1 
ATOM   44   C  CB  . LEU A 1 12  ? 3.114   7.020   -13.058 1.00 52.49  ? 159 LEU A CB  1 
ATOM   45   C  CG  . LEU A 1 12  ? 3.168   8.535   -13.258 1.00 52.71  ? 159 LEU A CG  1 
ATOM   46   C  CD1 . LEU A 1 12  ? 1.866   9.170   -12.818 1.00 48.05  ? 159 LEU A CD1 1 
ATOM   47   C  CD2 . LEU A 1 12  ? 4.342   9.089   -12.468 1.00 49.30  ? 159 LEU A CD2 1 
ATOM   48   N  N   . ALA A 1 13  ? 3.375   3.894   -13.614 1.00 47.64  ? 160 ALA A N   1 
ATOM   49   C  CA  . ALA A 1 13  ? 3.298   2.549   -13.059 1.00 47.49  ? 160 ALA A CA  1 
ATOM   50   C  C   . ALA A 1 13  ? 4.579   1.779   -13.342 1.00 45.26  ? 160 ALA A C   1 
ATOM   51   O  O   . ALA A 1 13  ? 5.153   1.145   -12.436 1.00 50.12  ? 160 ALA A O   1 
ATOM   52   C  CB  . ALA A 1 13  ? 2.101   1.802   -13.648 1.00 47.82  ? 160 ALA A CB  1 
ATOM   53   N  N   . TRP A 1 14  ? 5.111   1.913   -14.564 1.00 51.63  ? 161 TRP A N   1 
ATOM   54   C  CA  . TRP A 1 14  ? 6.353   1.202   -14.846 1.00 45.71  ? 161 TRP A CA  1 
ATOM   55   C  C   . TRP A 1 14  ? 7.507   1.724   -14.008 1.00 49.75  ? 161 TRP A C   1 
ATOM   56   O  O   . TRP A 1 14  ? 8.347   0.943   -13.546 1.00 53.88  ? 161 TRP A O   1 
ATOM   57   C  CB  . TRP A 1 14  ? 6.706   1.279   -16.327 1.00 42.91  ? 161 TRP A CB  1 
ATOM   58   C  CG  . TRP A 1 14  ? 6.113   0.166   -17.061 1.00 49.70  ? 161 TRP A CG  1 
ATOM   59   C  CD1 . TRP A 1 14  ? 5.025   0.176   -17.878 1.00 56.08  ? 161 TRP A CD1 1 
ATOM   60   C  CD2 . TRP A 1 14  ? 6.566   -1.176  -16.997 1.00 56.16  ? 161 TRP A CD2 1 
ATOM   61   N  NE1 . TRP A 1 14  ? 4.789   -1.094  -18.352 1.00 58.69  ? 161 TRP A NE1 1 
ATOM   62   C  CE2 . TRP A 1 14  ? 5.724   -1.944  -17.817 1.00 56.52  ? 161 TRP A CE2 1 
ATOM   63   C  CE3 . TRP A 1 14  ? 7.613   -1.808  -16.324 1.00 55.51  ? 161 TRP A CE3 1 
ATOM   64   C  CZ2 . TRP A 1 14  ? 5.902   -3.313  -17.988 1.00 55.42  ? 161 TRP A CZ2 1 
ATOM   65   C  CZ3 . TRP A 1 14  ? 7.791   -3.161  -16.490 1.00 55.68  ? 161 TRP A CZ3 1 
ATOM   66   C  CH2 . TRP A 1 14  ? 6.941   -3.902  -17.317 1.00 56.71  ? 161 TRP A CH2 1 
ATOM   67   N  N   . SER A 1 15  ? 7.546   3.032   -13.769 1.00 54.80  ? 162 SER A N   1 
ATOM   68   C  CA  . SER A 1 15  ? 8.617   3.600   -12.969 1.00 44.26  ? 162 SER A CA  1 
ATOM   69   C  C   . SER A 1 15  ? 8.511   3.193   -11.508 1.00 52.04  ? 162 SER A C   1 
ATOM   70   O  O   . SER A 1 15  ? 9.518   2.869   -10.869 1.00 50.54  ? 162 SER A O   1 
ATOM   71   C  CB  . SER A 1 15  ? 8.587   5.125   -13.058 1.00 50.94  ? 162 SER A CB  1 
ATOM   72   O  OG  . SER A 1 15  ? 9.624   5.661   -12.256 1.00 58.84  ? 162 SER A OG  1 
ATOM   73   N  N   . TYR A 1 16  ? 7.293   3.199   -10.967 1.00 57.16  ? 163 TYR A N   1 
ATOM   74   C  CA  . TYR A 1 16  ? 7.083   2.804   -9.582  1.00 48.34  ? 163 TYR A CA  1 
ATOM   75   C  C   . TYR A 1 16  ? 7.513   1.363   -9.366  1.00 49.28  ? 163 TYR A C   1 
ATOM   76   O  O   . TYR A 1 16  ? 8.119   1.041   -8.338  1.00 44.74  ? 163 TYR A O   1 
ATOM   77   C  CB  . TYR A 1 16  ? 5.610   2.998   -9.236  1.00 52.70  ? 163 TYR A CB  1 
ATOM   78   C  CG  . TYR A 1 16  ? 5.292   2.832   -7.774  1.00 38.31  ? 163 TYR A CG  1 
ATOM   79   C  CD1 . TYR A 1 16  ? 5.941   3.604   -6.819  1.00 38.81  ? 163 TYR A CD1 1 
ATOM   80   C  CD2 . TYR A 1 16  ? 4.322   1.936   -7.348  1.00 49.20  ? 163 TYR A CD2 1 
ATOM   81   C  CE1 . TYR A 1 16  ? 5.652   3.471   -5.480  1.00 42.67  ? 163 TYR A CE1 1 
ATOM   82   C  CE2 . TYR A 1 16  ? 4.024   1.798   -6.000  1.00 46.65  ? 163 TYR A CE2 1 
ATOM   83   C  CZ  . TYR A 1 16  ? 4.694   2.570   -5.073  1.00 53.67  ? 163 TYR A CZ  1 
ATOM   84   O  OH  . TYR A 1 16  ? 4.426   2.455   -3.729  1.00 54.43  ? 163 TYR A OH  1 
ATOM   85   N  N   . TYR A 1 17  ? 7.222   0.485   -10.322 1.00 45.67  ? 164 TYR A N   1 
ATOM   86   C  CA  . TYR A 1 17  ? 7.673   -0.894  -10.190 1.00 56.54  ? 164 TYR A CA  1 
ATOM   87   C  C   . TYR A 1 17  ? 9.190   -1.011  -10.347 1.00 54.87  ? 164 TYR A C   1 
ATOM   88   O  O   . TYR A 1 17  ? 9.875   -1.541  -9.465  1.00 53.01  ? 164 TYR A O   1 
ATOM   89   C  CB  . TYR A 1 17  ? 6.943   -1.805  -11.194 1.00 55.61  ? 164 TYR A CB  1 
ATOM   90   C  CG  . TYR A 1 17  ? 7.496   -3.217  -11.180 1.00 56.32  ? 164 TYR A CG  1 
ATOM   91   C  CD1 . TYR A 1 17  ? 7.242   -4.102  -10.132 1.00 64.17  ? 164 TYR A CD1 1 
ATOM   92   C  CD2 . TYR A 1 17  ? 8.291   -3.664  -12.226 1.00 55.05  ? 164 TYR A CD2 1 
ATOM   93   C  CE1 . TYR A 1 17  ? 7.774   -5.389  -10.137 1.00 67.39  ? 164 TYR A CE1 1 
ATOM   94   C  CE2 . TYR A 1 17  ? 8.819   -4.938  -12.240 1.00 64.01  ? 164 TYR A CE2 1 
ATOM   95   C  CZ  . TYR A 1 17  ? 8.561   -5.802  -11.196 1.00 64.57  ? 164 TYR A CZ  1 
ATOM   96   O  OH  . TYR A 1 17  ? 9.102   -7.067  -11.233 1.00 81.83  ? 164 TYR A OH  1 
ATOM   97   N  N   . ILE A 1 18  ? 9.727   -0.573  -11.488 1.00 52.29  ? 165 ILE A N   1 
ATOM   98   C  CA  . ILE A 1 18  ? 11.139  -0.805  -11.801 1.00 56.83  ? 165 ILE A CA  1 
ATOM   99   C  C   . ILE A 1 18  ? 12.079  -0.101  -10.828 1.00 51.24  ? 165 ILE A C   1 
ATOM   100  O  O   . ILE A 1 18  ? 13.132  -0.646  -10.474 1.00 52.81  ? 165 ILE A O   1 
ATOM   101  C  CB  . ILE A 1 18  ? 11.414  -0.405  -13.266 1.00 45.41  ? 165 ILE A CB  1 
ATOM   102  C  CG1 . ILE A 1 18  ? 10.685  -1.423  -14.139 1.00 55.55  ? 165 ILE A CG1 1 
ATOM   103  C  CG2 . ILE A 1 18  ? 12.900  -0.295  -13.502 1.00 54.30  ? 165 ILE A CG2 1 
ATOM   104  C  CD1 . ILE A 1 18  ? 11.410  -2.719  -14.333 1.00 59.55  ? 165 ILE A CD1 1 
ATOM   105  N  N   . GLY A 1 19  ? 11.744  1.102   -10.393 1.00 52.15  ? 166 GLY A N   1 
ATOM   106  C  CA  . GLY A 1 19  ? 12.649  1.900   -9.595  1.00 47.32  ? 166 GLY A CA  1 
ATOM   107  C  C   . GLY A 1 19  ? 12.407  1.852   -8.106  1.00 51.78  ? 166 GLY A C   1 
ATOM   108  O  O   . GLY A 1 19  ? 13.195  2.416   -7.341  1.00 62.91  ? 166 GLY A O   1 
ATOM   109  N  N   . TYR A 1 20  ? 11.370  1.150   -7.660  1.00 54.54  ? 167 TYR A N   1 
ATOM   110  C  CA  . TYR A 1 20  ? 11.130  1.004   -6.232  1.00 56.77  ? 167 TYR A CA  1 
ATOM   111  C  C   . TYR A 1 20  ? 10.664  -0.410  -5.906  1.00 51.70  ? 167 TYR A C   1 
ATOM   112  O  O   . TYR A 1 20  ? 11.388  -1.139  -5.223  1.00 57.92  ? 167 TYR A O   1 
ATOM   113  C  CB  . TYR A 1 20  ? 10.136  2.088   -5.758  1.00 46.28  ? 167 TYR A CB  1 
ATOM   114  C  CG  . TYR A 1 20  ? 9.780   1.984   -4.296  1.00 53.88  ? 167 TYR A CG  1 
ATOM   115  C  CD1 . TYR A 1 20  ? 10.765  2.048   -3.321  1.00 59.57  ? 167 TYR A CD1 1 
ATOM   116  C  CD2 . TYR A 1 20  ? 8.463   1.858   -3.887  1.00 49.59  ? 167 TYR A CD2 1 
ATOM   117  C  CE1 . TYR A 1 20  ? 10.453  1.945   -1.985  1.00 66.37  ? 167 TYR A CE1 1 
ATOM   118  C  CE2 . TYR A 1 20  ? 8.134   1.767   -2.548  1.00 50.74  ? 167 TYR A CE2 1 
ATOM   119  C  CZ  . TYR A 1 20  ? 9.138   1.814   -1.600  1.00 58.07  ? 167 TYR A CZ  1 
ATOM   120  O  OH  . TYR A 1 20  ? 8.819   1.723   -0.266  1.00 61.39  ? 167 TYR A OH  1 
ATOM   121  N  N   . LEU A 1 21  ? 9.501   -0.838  -6.401  1.00 50.79  ? 168 LEU A N   1 
ATOM   122  C  CA  . LEU A 1 21  ? 8.947   -2.103  -5.931  1.00 54.63  ? 168 LEU A CA  1 
ATOM   123  C  C   . LEU A 1 21  ? 9.906   -3.260  -6.195  1.00 63.18  ? 168 LEU A C   1 
ATOM   124  O  O   . LEU A 1 21  ? 10.258  -4.022  -5.284  1.00 56.12  ? 168 LEU A O   1 
ATOM   125  C  CB  . LEU A 1 21  ? 7.611   -2.387  -6.617  1.00 57.98  ? 168 LEU A CB  1 
ATOM   126  C  CG  . LEU A 1 21  ? 6.411   -1.517  -6.279  1.00 53.63  ? 168 LEU A CG  1 
ATOM   127  C  CD1 . LEU A 1 21  ? 5.173   -1.990  -7.018  1.00 51.41  ? 168 LEU A CD1 1 
ATOM   128  C  CD2 . LEU A 1 21  ? 6.194   -1.548  -4.781  1.00 46.88  ? 168 LEU A CD2 1 
ATOM   129  N  N   . ARG A 1 22  ? 10.327  -3.414  -7.452  1.00 60.06  ? 169 ARG A N   1 
ATOM   130  C  CA  . ARG A 1 22  ? 11.193  -4.521  -7.833  1.00 61.87  ? 169 ARG A CA  1 
ATOM   131  C  C   . ARG A 1 22  ? 12.443  -4.572  -6.970  1.00 58.99  ? 169 ARG A C   1 
ATOM   132  O  O   . ARG A 1 22  ? 12.991  -5.656  -6.735  1.00 58.14  ? 169 ARG A O   1 
ATOM   133  C  CB  . ARG A 1 22  ? 11.555  -4.373  -9.308  1.00 62.25  ? 169 ARG A CB  1 
ATOM   134  C  CG  . ARG A 1 22  ? 12.135  -5.595  -9.947  1.00 68.13  ? 169 ARG A CG  1 
ATOM   135  C  CD  . ARG A 1 22  ? 12.947  -5.165  -11.145 1.00 79.30  ? 169 ARG A CD  1 
ATOM   136  N  NE  . ARG A 1 22  ? 13.403  -6.299  -11.925 1.00 91.05  ? 169 ARG A NE  1 
ATOM   137  C  CZ  . ARG A 1 22  ? 14.253  -6.213  -12.938 1.00 90.53  ? 169 ARG A CZ  1 
ATOM   138  N  NH1 . ARG A 1 22  ? 14.748  -5.037  -13.293 1.00 89.92  ? 169 ARG A NH1 1 
ATOM   139  N  NH2 . ARG A 1 22  ? 14.611  -7.309  -13.591 1.00 99.16  ? 169 ARG A NH2 1 
ATOM   140  N  N   . LEU A 1 23  ? 12.892  -3.418  -6.464  1.00 48.86  ? 170 LEU A N   1 
ATOM   141  C  CA  . LEU A 1 23  ? 14.093  -3.362  -5.646  1.00 60.15  ? 170 LEU A CA  1 
ATOM   142  C  C   . LEU A 1 23  ? 13.831  -3.691  -4.179  1.00 66.21  ? 170 LEU A C   1 
ATOM   143  O  O   . LEU A 1 23  ? 14.669  -4.333  -3.535  1.00 70.15  ? 170 LEU A O   1 
ATOM   144  C  CB  . LEU A 1 23  ? 14.675  -1.949  -5.729  1.00 67.40  ? 170 LEU A CB  1 
ATOM   145  C  CG  . LEU A 1 23  ? 15.050  -1.302  -7.049  1.00 66.13  ? 170 LEU A CG  1 
ATOM   146  C  CD1 . LEU A 1 23  ? 15.579  0.088   -6.846  1.00 69.15  ? 170 LEU A CD1 1 
ATOM   147  C  CD2 . LEU A 1 23  ? 16.194  -2.131  -7.635  1.00 63.78  ? 170 LEU A CD2 1 
ATOM   148  N  N   . ILE A 1 24  ? 12.690  -3.278  -3.635  1.00 65.26  ? 171 ILE A N   1 
ATOM   149  C  CA  . ILE A 1 24  ? 12.458  -3.449  -2.206  1.00 64.10  ? 171 ILE A CA  1 
ATOM   150  C  C   . ILE A 1 24  ? 11.821  -4.799  -1.876  1.00 60.19  ? 171 ILE A C   1 
ATOM   151  O  O   . ILE A 1 24  ? 12.090  -5.372  -0.819  1.00 62.23  ? 171 ILE A O   1 
ATOM   152  C  CB  . ILE A 1 24  ? 11.642  -2.281  -1.609  1.00 74.74  ? 171 ILE A CB  1 
ATOM   153  C  CG1 . ILE A 1 24  ? 11.460  -2.567  -0.115  1.00 81.30  ? 171 ILE A CG1 1 
ATOM   154  C  CG2 . ILE A 1 24  ? 10.306  -2.131  -2.288  1.00 64.49  ? 171 ILE A CG2 1 
ATOM   155  C  CD1 . ILE A 1 24  ? 12.774  -2.672  0.657   1.00 99.97  ? 171 ILE A CD1 1 
ATOM   156  N  N   . LEU A 1 25  ? 10.924  -5.308  -2.718  1.00 56.42  ? 172 LEU A N   1 
ATOM   157  C  CA  . LEU A 1 25  ? 10.109  -6.446  -2.304  1.00 63.94  ? 172 LEU A CA  1 
ATOM   158  C  C   . LEU A 1 25  ? 10.977  -7.645  -1.940  1.00 79.29  ? 172 LEU A C   1 
ATOM   159  O  O   . LEU A 1 25  ? 10.711  -8.289  -0.894  1.00 88.46  ? 172 LEU A O   1 
ATOM   160  C  CB  . LEU A 1 25  ? 9.187   -6.772  -3.493  1.00 67.66  ? 172 LEU A CB  1 
ATOM   161  C  CG  . LEU A 1 25  ? 8.016   -5.852  -3.827  1.00 63.69  ? 172 LEU A CG  1 
ATOM   162  C  CD1 . LEU A 1 25  ? 7.221   -6.313  -5.028  1.00 70.99  ? 172 LEU A CD1 1 
ATOM   163  C  CD2 . LEU A 1 25  ? 7.072   -5.861  -2.627  1.00 66.19  ? 172 LEU A CD2 1 
ATOM   164  N  N   . PRO A 1 26  ? 12.027  -7.971  -2.709  1.00 79.25  ? 173 PRO A N   1 
ATOM   165  C  CA  . PRO A 1 26  ? 12.829  -9.153  -2.367  1.00 75.59  ? 173 PRO A CA  1 
ATOM   166  C  C   . PRO A 1 26  ? 13.435  -9.070  -0.977  1.00 82.52  ? 173 PRO A C   1 
ATOM   167  O  O   . PRO A 1 26  ? 13.435  -10.077 -0.257  1.00 83.08  ? 173 PRO A O   1 
ATOM   168  C  CB  . PRO A 1 26  ? 13.898  -9.173  -3.466  1.00 74.09  ? 173 PRO A CB  1 
ATOM   169  C  CG  . PRO A 1 26  ? 13.232  -8.514  -4.638  1.00 78.67  ? 173 PRO A CG  1 
ATOM   170  C  CD  . PRO A 1 26  ? 12.362  -7.435  -4.046  1.00 69.29  ? 173 PRO A CD  1 
ATOM   171  N  N   . GLU A 1 27  ? 13.909  -7.883  -0.548  1.00 85.58  ? 174 GLU A N   1 
ATOM   172  C  CA  . GLU A 1 27  ? 14.442  -7.768  0.813   1.00 90.74  ? 174 GLU A CA  1 
ATOM   173  C  C   . GLU A 1 27  ? 13.311  -7.853  1.816   1.00 101.52 ? 174 GLU A C   1 
ATOM   174  O  O   . GLU A 1 27  ? 13.526  -8.287  2.965   1.00 101.11 ? 174 GLU A O   1 
ATOM   175  C  CB  . GLU A 1 27  ? 15.287  -6.510  0.933   1.00 91.52  ? 174 GLU A CB  1 
ATOM   176  C  CG  . GLU A 1 27  ? 16.504  -6.606  -0.005  1.00 101.62 ? 174 GLU A CG  1 
ATOM   177  C  CD  . GLU A 1 27  ? 17.395  -5.388  -0.001  1.00 120.62 ? 174 GLU A CD  1 
ATOM   178  O  OE1 . GLU A 1 27  ? 16.895  -4.270  0.284   1.00 109.75 ? 174 GLU A OE1 1 
ATOM   179  O  OE2 . GLU A 1 27  ? 18.597  -5.556  -0.253  1.00 109.24 ? 174 GLU A OE2 1 
ATOM   180  N  N   . LEU A 1 28  ? 12.155  -7.362  1.390   1.00 99.82  ? 175 LEU A N   1 
ATOM   181  C  CA  . LEU A 1 28  ? 10.993  -7.209  2.287   1.00 95.19  ? 175 LEU A CA  1 
ATOM   182  C  C   . LEU A 1 28  ? 10.637  -8.515  2.941   1.00 91.41  ? 175 LEU A C   1 
ATOM   183  O  O   . LEU A 1 28  ? 10.496  -8.515  4.141   1.00 85.21  ? 175 LEU A O   1 
ATOM   184  C  CB  . LEU A 1 28  ? 9.778   -6.698  1.525   1.00 91.66  ? 175 LEU A CB  1 
ATOM   185  C  CG  . LEU A 1 28  ? 8.789   -6.004  2.444   1.00 91.31  ? 175 LEU A CG  1 
ATOM   186  C  CD1 . LEU A 1 28  ? 9.188   -4.564  2.639   1.00 87.81  ? 175 LEU A CD1 1 
ATOM   187  C  CD2 . LEU A 1 28  ? 7.383   -6.100  1.923   1.00 89.48  ? 175 LEU A CD2 1 
ATOM   188  N  N   . GLN A 1 29  ? 10.450  -9.538  2.133   1.00 92.50  ? 176 GLN A N   1 
ATOM   189  C  CA  . GLN A 1 29  ? 10.029  -10.830 2.668   1.00 94.80  ? 176 GLN A CA  1 
ATOM   190  C  C   . GLN A 1 29  ? 10.883  -11.287 3.854   1.00 91.09  ? 176 GLN A C   1 
ATOM   191  O  O   . GLN A 1 29  ? 10.350  -11.667 4.913   1.00 78.08  ? 176 GLN A O   1 
ATOM   192  C  CB  . GLN A 1 29  ? 10.156  -11.865 1.546   1.00 105.81 ? 176 GLN A CB  1 
ATOM   193  C  CG  . GLN A 1 29  ? 8.915   -12.171 0.778   1.00 105.76 ? 176 GLN A CG  1 
ATOM   194  C  CD  . GLN A 1 29  ? 7.895   -12.834 1.657   1.00 96.36  ? 176 GLN A CD  1 
ATOM   195  O  OE1 . GLN A 1 29  ? 7.308   -12.192 2.526   1.00 93.93  ? 176 GLN A OE1 1 
ATOM   196  N  NE2 . GLN A 1 29  ? 7.686   -14.129 1.457   1.00 94.16  ? 176 GLN A NE2 1 
ATOM   197  N  N   . ALA A 1 30  ? 12.201  -11.127 3.741   1.00 92.14  ? 177 ALA A N   1 
ATOM   198  C  CA  . ALA A 1 30  ? 13.129  -11.539 4.791   1.00 87.20  ? 177 ALA A CA  1 
ATOM   199  C  C   . ALA A 1 30  ? 12.995  -10.659 6.016   1.00 85.89  ? 177 ALA A C   1 
ATOM   200  O  O   . ALA A 1 30  ? 12.981  -11.142 7.163   1.00 89.40  ? 177 ALA A O   1 
ATOM   201  C  CB  . ALA A 1 30  ? 14.567  -11.513 4.263   1.00 79.03  ? 177 ALA A CB  1 
ATOM   202  N  N   . ARG A 1 31  ? 12.965  -9.348  5.781   1.00 87.08  ? 178 ARG A N   1 
ATOM   203  C  CA  . ARG A 1 31  ? 12.822  -8.404  6.877   1.00 80.90  ? 178 ARG A CA  1 
ATOM   204  C  C   . ARG A 1 31  ? 11.596  -8.730  7.722   1.00 84.73  ? 178 ARG A C   1 
ATOM   205  O  O   . ARG A 1 31  ? 11.654  -8.732  8.962   1.00 83.64  ? 178 ARG A O   1 
ATOM   206  C  CB  . ARG A 1 31  ? 12.704  -7.005  6.281   1.00 77.81  ? 178 ARG A CB  1 
ATOM   207  C  CG  . ARG A 1 31  ? 13.985  -6.503  5.631   1.00 77.51  ? 178 ARG A CG  1 
ATOM   208  C  CD  . ARG A 1 31  ? 13.682  -5.293  4.762   1.00 90.72  ? 178 ARG A CD  1 
ATOM   209  N  NE  . ARG A 1 31  ? 13.502  -4.134  5.623   1.00 85.16  ? 178 ARG A NE  1 
ATOM   210  C  CZ  . ARG A 1 31  ? 12.987  -2.966  5.259   1.00 87.38  ? 178 ARG A CZ  1 
ATOM   211  N  NH1 . ARG A 1 31  ? 12.565  -2.771  4.021   1.00 88.94  ? 178 ARG A NH1 1 
ATOM   212  N  NH2 . ARG A 1 31  ? 12.904  -1.983  6.145   1.00 83.61  ? 178 ARG A NH2 1 
ATOM   213  N  N   . ILE A 1 32  ? 10.485  -9.071  7.063   1.00 87.21  ? 179 ILE A N   1 
ATOM   214  C  CA  . ILE A 1 32  ? 9.239   -9.315  7.787   1.00 80.95  ? 179 ILE A CA  1 
ATOM   215  C  C   . ILE A 1 32  ? 9.307   -10.622 8.580   1.00 82.65  ? 179 ILE A C   1 
ATOM   216  O  O   . ILE A 1 32  ? 8.874   -10.680 9.742   1.00 86.50  ? 179 ILE A O   1 
ATOM   217  C  CB  . ILE A 1 32  ? 8.031   -9.306  6.835   1.00 72.63  ? 179 ILE A CB  1 
ATOM   218  C  CG1 . ILE A 1 32  ? 7.787   -7.890  6.312   1.00 68.72  ? 179 ILE A CG1 1 
ATOM   219  C  CG2 . ILE A 1 32  ? 6.788   -9.804  7.574   1.00 73.63  ? 179 ILE A CG2 1 
ATOM   220  C  CD1 . ILE A 1 32  ? 6.604   -7.764  5.372   1.00 75.32  ? 179 ILE A CD1 1 
ATOM   221  N  N   . ARG A 1 33  ? 9.825   -11.695 7.970   1.00 82.41  ? 180 ARG A N   1 
ATOM   222  C  CA  . ARG A 1 33  ? 9.963   -12.943 8.722   1.00 85.33  ? 180 ARG A CA  1 
ATOM   223  C  C   . ARG A 1 33  ? 10.761  -12.707 10.006  1.00 85.53  ? 180 ARG A C   1 
ATOM   224  O  O   . ARG A 1 33  ? 10.370  -13.146 11.107  1.00 95.01  ? 180 ARG A O   1 
ATOM   225  C  CB  . ARG A 1 33  ? 10.639  -14.010 7.853   1.00 60.60  ? 180 ARG A CB  1 
ATOM   226  N  N   . THR A 1 34  ? 11.938  -12.095 9.857   1.00 82.54  ? 181 THR A N   1 
ATOM   227  C  CA  . THR A 1 34  ? 12.757  -11.771 11.014  1.00 87.30  ? 181 THR A CA  1 
ATOM   228  C  C   . THR A 1 34  ? 11.987  -11.007 12.087  1.00 87.89  ? 181 THR A C   1 
ATOM   229  O  O   . THR A 1 34  ? 12.029  -11.364 13.270  1.00 97.16  ? 181 THR A O   1 
ATOM   230  C  CB  . THR A 1 34  ? 13.977  -10.946 10.587  1.00 82.16  ? 181 THR A CB  1 
ATOM   231  O  OG1 . THR A 1 34  ? 14.730  -11.663 9.605   1.00 76.88  ? 181 THR A OG1 1 
ATOM   232  C  CG2 . THR A 1 34  ? 14.845  -10.629 11.799  1.00 84.54  ? 181 THR A CG2 1 
ATOM   233  N  N   . TYR A 1 35  ? 11.303  -9.922  11.698  1.00 80.72  ? 182 TYR A N   1 
ATOM   234  C  CA  . TYR A 1 35  ? 10.540  -9.160  12.684  1.00 83.88  ? 182 TYR A CA  1 
ATOM   235  C  C   . TYR A 1 35  ? 9.523   -10.055 13.384  1.00 86.39  ? 182 TYR A C   1 
ATOM   236  O  O   . TYR A 1 35  ? 9.254   -9.898  14.587  1.00 81.02  ? 182 TYR A O   1 
ATOM   237  C  CB  . TYR A 1 35  ? 9.844   -7.990  12.000  1.00 67.99  ? 182 TYR A CB  1 
ATOM   238  C  CG  . TYR A 1 35  ? 9.175   -7.030  12.952  1.00 65.79  ? 182 TYR A CG  1 
ATOM   239  C  CD1 . TYR A 1 35  ? 9.929   -5.987  13.461  1.00 82.30  ? 182 TYR A CD1 1 
ATOM   240  C  CD2 . TYR A 1 35  ? 7.853   -7.145  13.358  1.00 72.59  ? 182 TYR A CD2 1 
ATOM   241  C  CE1 . TYR A 1 35  ? 9.410   -5.069  14.324  1.00 88.16  ? 182 TYR A CE1 1 
ATOM   242  C  CE2 . TYR A 1 35  ? 7.308   -6.211  14.246  1.00 75.35  ? 182 TYR A CE2 1 
ATOM   243  C  CZ  . TYR A 1 35  ? 8.104   -5.176  14.722  1.00 80.84  ? 182 TYR A CZ  1 
ATOM   244  O  OH  . TYR A 1 35  ? 7.615   -4.230  15.595  1.00 89.23  ? 182 TYR A OH  1 
ATOM   245  N  N   . ASN A 1 36  ? 8.961   -11.009 12.647  1.00 82.13  ? 183 ASN A N   1 
ATOM   246  C  CA  . ASN A 1 36  ? 7.851   -11.797 13.155  1.00 93.80  ? 183 ASN A CA  1 
ATOM   247  C  C   . ASN A 1 36  ? 8.299   -12.775 14.216  1.00 94.41  ? 183 ASN A C   1 
ATOM   248  O  O   . ASN A 1 36  ? 7.545   -13.048 15.157  1.00 99.10  ? 183 ASN A O   1 
ATOM   249  C  CB  . ASN A 1 36  ? 7.195   -12.560 12.015  1.00 91.33  ? 183 ASN A CB  1 
ATOM   250  C  CG  . ASN A 1 36  ? 6.101   -11.784 11.346  1.00 80.39  ? 183 ASN A CG  1 
ATOM   251  O  OD1 . ASN A 1 36  ? 5.479   -10.919 11.961  1.00 74.22  ? 183 ASN A OD1 1 
ATOM   252  N  ND2 . ASN A 1 36  ? 5.898   -12.038 10.059  1.00 89.26  ? 183 ASN A ND2 1 
ATOM   253  N  N   . GLN A 1 37  ? 9.543   -13.247 14.138  1.00 88.09  ? 184 GLN A N   1 
ATOM   254  C  CA  . GLN A 1 37  ? 10.070  -13.955 15.301  1.00 96.17  ? 184 GLN A CA  1 
ATOM   255  C  C   . GLN A 1 37  ? 9.771   -13.203 16.596  1.00 102.87 ? 184 GLN A C   1 
ATOM   256  O  O   . GLN A 1 37  ? 9.195   -13.763 17.537  1.00 104.83 ? 184 GLN A O   1 
ATOM   257  C  CB  . GLN A 1 37  ? 11.575  -14.221 15.161  1.00 96.51  ? 184 GLN A CB  1 
ATOM   258  C  CG  . GLN A 1 37  ? 11.930  -15.126 14.016  1.00 100.17 ? 184 GLN A CG  1 
ATOM   259  C  CD  . GLN A 1 37  ? 13.362  -14.990 13.552  1.00 107.09 ? 184 GLN A CD  1 
ATOM   260  O  OE1 . GLN A 1 37  ? 14.131  -14.203 14.097  1.00 111.14 ? 184 GLN A OE1 1 
ATOM   261  N  NE2 . GLN A 1 37  ? 13.760  -15.820 12.611  1.00 102.60 ? 184 GLN A NE2 1 
ATOM   262  N  N   . HIS A 1 38  ? 10.219  -11.947 16.688  1.00 95.17  ? 185 HIS A N   1 
ATOM   263  C  CA  . HIS A 1 38  ? 9.966   -11.180 17.901  1.00 99.98  ? 185 HIS A CA  1 
ATOM   264  C  C   . HIS A 1 38  ? 8.481   -10.918 18.132  1.00 101.27 ? 185 HIS A C   1 
ATOM   265  O  O   . HIS A 1 38  ? 7.908   -11.375 19.128  1.00 107.73 ? 185 HIS A O   1 
ATOM   266  C  CB  . HIS A 1 38  ? 10.795  -9.913  17.970  1.00 103.80 ? 185 HIS A CB  1 
ATOM   267  C  CG  . HIS A 1 38  ? 12.256  -10.210 17.962  1.00 110.62 ? 185 HIS A CG  1 
ATOM   268  N  ND1 . HIS A 1 38  ? 13.225  -9.243  18.083  1.00 115.84 ? 185 HIS A ND1 1 
ATOM   269  C  CD2 . HIS A 1 38  ? 12.911  -11.353 17.657  1.00 102.27 ? 185 HIS A CD2 1 
ATOM   270  C  CE1 . HIS A 1 38  ? 14.415  -9.812  18.045  1.00 111.98 ? 185 HIS A CE1 1 
ATOM   271  N  NE2 . HIS A 1 38  ? 14.254  -11.088 17.750  1.00 101.81 ? 185 HIS A NE2 1 
ATOM   272  N  N   . TYR A 1 39  ? 7.846   -10.179 17.217  1.00 110.30 ? 186 TYR A N   1 
ATOM   273  C  CA  . TYR A 1 39  ? 6.450   -9.763  17.338  1.00 113.38 ? 186 TYR A CA  1 
ATOM   274  C  C   . TYR A 1 39  ? 5.637   -10.942 17.875  1.00 116.84 ? 186 TYR A C   1 
ATOM   275  O  O   . TYR A 1 39  ? 4.724   -10.749 18.685  1.00 110.12 ? 186 TYR A O   1 
ATOM   276  C  CB  . TYR A 1 39  ? 5.887   -9.250  16.020  1.00 109.15 ? 186 TYR A CB  1 
ATOM   277  C  CG  . TYR A 1 39  ? 4.565   -8.521  16.211  1.00 105.83 ? 186 TYR A CG  1 
ATOM   278  C  CD1 . TYR A 1 39  ? 3.401   -9.182  16.554  1.00 114.20 ? 186 TYR A CD1 1 
ATOM   279  C  CD2 . TYR A 1 39  ? 4.508   -7.141  16.079  1.00 108.50 ? 186 TYR A CD2 1 
ATOM   280  C  CE1 . TYR A 1 39  ? 2.221   -8.485  16.739  1.00 118.37 ? 186 TYR A CE1 1 
ATOM   281  C  CE2 . TYR A 1 39  ? 3.328   -6.444  16.257  1.00 111.26 ? 186 TYR A CE2 1 
ATOM   282  C  CZ  . TYR A 1 39  ? 2.184   -7.123  16.587  1.00 111.09 ? 186 TYR A CZ  1 
ATOM   283  O  OH  . TYR A 1 39  ? 1.005   -6.445  16.771  1.00 110.21 ? 186 TYR A OH  1 
ATOM   284  N  N   . ASN A 1 40  ? 5.944   -12.166 17.437  1.00 113.51 ? 187 ASN A N   1 
ATOM   285  C  CA  . ASN A 1 40  ? 5.224   -13.328 17.943  1.00 104.66 ? 187 ASN A CA  1 
ATOM   286  C  C   . ASN A 1 40  ? 5.479   -13.502 19.428  1.00 102.83 ? 187 ASN A C   1 
ATOM   287  O  O   . ASN A 1 40  ? 4.554   -13.436 20.245  1.00 107.63 ? 187 ASN A O   1 
ATOM   288  C  CB  . ASN A 1 40  ? 5.751   -14.556 17.192  1.00 105.36 ? 187 ASN A CB  1 
ATOM   289  C  CG  . ASN A 1 40  ? 5.106   -15.861 17.607  1.00 116.34 ? 187 ASN A CG  1 
ATOM   290  O  OD1 . ASN A 1 40  ? 3.890   -15.965 17.735  1.00 120.86 ? 187 ASN A OD1 1 
ATOM   291  N  ND2 . ASN A 1 40  ? 5.942   -16.859 17.884  1.00 101.88 ? 187 ASN A ND2 1 
ATOM   292  N  N   . ASN A 1 41  ? 6.738   -13.710 19.794  1.00 103.00 ? 188 ASN A N   1 
ATOM   293  C  CA  . ASN A 1 41  ? 7.110   -13.954 21.180  1.00 101.26 ? 188 ASN A CA  1 
ATOM   294  C  C   . ASN A 1 41  ? 6.632   -12.841 22.101  1.00 100.25 ? 188 ASN A C   1 
ATOM   295  O  O   . ASN A 1 41  ? 6.410   -13.067 23.299  1.00 105.02 ? 188 ASN A O   1 
ATOM   296  C  CB  . ASN A 1 41  ? 8.620   -14.092 21.194  1.00 99.80  ? 188 ASN A CB  1 
ATOM   297  C  CG  . ASN A 1 41  ? 9.081   -15.499 20.888  1.00 101.44 ? 188 ASN A CG  1 
ATOM   298  O  OD1 . ASN A 1 41  ? 8.355   -16.469 21.101  1.00 90.83  ? 188 ASN A OD1 1 
ATOM   299  N  ND2 . ASN A 1 41  ? 10.234  -15.601 20.243  1.00 110.20 ? 188 ASN A ND2 1 
ATOM   300  N  N   . LEU A 1 42  ? 6.444   -11.644 21.548  1.00 104.86 ? 189 LEU A N   1 
ATOM   301  C  CA  . LEU A 1 42  ? 6.134   -10.449 22.356  1.00 112.37 ? 189 LEU A CA  1 
ATOM   302  C  C   . LEU A 1 42  ? 4.634   -10.193 22.417  1.00 123.02 ? 189 LEU A C   1 
ATOM   303  O  O   . LEU A 1 42  ? 4.008   -10.362 23.465  1.00 126.48 ? 189 LEU A O   1 
ATOM   304  C  CB  . LEU A 1 42  ? 6.907   -9.220  21.856  1.00 105.58 ? 189 LEU A CB  1 
ATOM   305  C  CG  . LEU A 1 42  ? 8.413   -9.271  22.120  1.00 108.04 ? 189 LEU A CG  1 
ATOM   306  C  CD1 . LEU A 1 42  ? 9.114   -8.077  21.413  1.00 100.34 ? 189 LEU A CD1 1 
ATOM   307  C  CD2 . LEU A 1 42  ? 8.834   -9.382  23.578  1.00 96.93  ? 189 LEU A CD2 1 
ATOM   308  N  N   . LEU A 1 43  ? 4.045   -9.754  21.308  1.00 122.64 ? 190 LEU A N   1 
ATOM   309  C  CA  . LEU A 1 43  ? 2.630   -9.396  21.301  1.00 124.68 ? 190 LEU A CA  1 
ATOM   310  C  C   . LEU A 1 43  ? 1.732   -10.533 20.808  1.00 121.78 ? 190 LEU A C   1 
ATOM   311  O  O   . LEU A 1 43  ? 0.545   -10.304 20.542  1.00 122.37 ? 190 LEU A O   1 
ATOM   312  C  CB  . LEU A 1 43  ? 2.463   -8.150  20.413  1.00 116.01 ? 190 LEU A CB  1 
ATOM   313  C  CG  . LEU A 1 43  ? 2.767   -6.823  21.141  1.00 122.08 ? 190 LEU A CG  1 
ATOM   314  C  CD1 . LEU A 1 43  ? 3.011   -5.663  20.103  1.00 127.12 ? 190 LEU A CD1 1 
ATOM   315  C  CD2 . LEU A 1 43  ? 1.850   -6.396  22.255  1.00 125.68 ? 190 LEU A CD2 1 
ATOM   316  N  N   . ARG A 1 44  ? 2.274   -11.757 20.705  1.00 120.93 ? 191 ARG A N   1 
ATOM   317  C  CA  . ARG A 1 44  ? 1.548   -12.953 20.229  1.00 124.35 ? 191 ARG A CA  1 
ATOM   318  C  C   . ARG A 1 44  ? 0.790   -12.680 18.931  1.00 116.54 ? 191 ARG A C   1 
ATOM   319  O  O   . ARG A 1 44  ? -0.191  -13.344 18.603  1.00 114.62 ? 191 ARG A O   1 
ATOM   320  C  CB  . ARG A 1 44  ? 0.598   -13.481 21.307  1.00 122.38 ? 191 ARG A CB  1 
ATOM   321  N  N   . GLY A 1 45  ? 1.309   -11.708 18.189  1.00 118.15 ? 192 GLY A N   1 
ATOM   322  C  CA  . GLY A 1 45  ? 0.830   -11.255 16.907  1.00 114.05 ? 192 GLY A CA  1 
ATOM   323  C  C   . GLY A 1 45  ? 1.725   -11.734 15.775  1.00 109.53 ? 192 GLY A C   1 
ATOM   324  O  O   . GLY A 1 45  ? 2.781   -12.324 15.981  1.00 110.74 ? 192 GLY A O   1 
ATOM   325  N  N   . ALA A 1 46  ? 1.277   -11.450 14.558  1.00 108.26 ? 193 ALA A N   1 
ATOM   326  C  CA  . ALA A 1 46  ? 1.990   -11.861 13.358  1.00 98.99  ? 193 ALA A CA  1 
ATOM   327  C  C   . ALA A 1 46  ? 1.779   -10.745 12.346  1.00 93.41  ? 193 ALA A C   1 
ATOM   328  O  O   . ALA A 1 46  ? 0.644   -10.331 12.100  1.00 89.38  ? 193 ALA A O   1 
ATOM   329  C  CB  . ALA A 1 46  ? 1.481   -13.185 12.794  1.00 90.18  ? 193 ALA A CB  1 
ATOM   330  N  N   . VAL A 1 47  ? 2.870   -10.280 11.741  1.00 84.10  ? 194 VAL A N   1 
ATOM   331  C  CA  . VAL A 1 47  ? 2.805   -9.236  10.726  1.00 77.62  ? 194 VAL A CA  1 
ATOM   332  C  C   . VAL A 1 47  ? 2.659   -9.960  9.396   1.00 70.52  ? 194 VAL A C   1 
ATOM   333  O  O   . VAL A 1 47  ? 3.469   -10.838 9.072   1.00 75.51  ? 194 VAL A O   1 
ATOM   334  C  CB  . VAL A 1 47  ? 4.069   -8.357  10.768  1.00 74.25  ? 194 VAL A CB  1 
ATOM   335  C  CG1 . VAL A 1 47  ? 3.978   -7.229  9.753   1.00 73.82  ? 194 VAL A CG1 1 
ATOM   336  C  CG2 . VAL A 1 47  ? 4.326   -7.826  12.187  1.00 82.08  ? 194 VAL A CG2 1 
ATOM   337  N  N   . SER A 1 48  ? 1.661   -9.568  8.606   1.00 67.86  ? 195 SER A N   1 
ATOM   338  C  CA  . SER A 1 48  ? 1.527   -10.083 7.250   1.00 68.01  ? 195 SER A CA  1 
ATOM   339  C  C   . SER A 1 48  ? 2.827   -9.951  6.465   1.00 64.62  ? 195 SER A C   1 
ATOM   340  O  O   . SER A 1 48  ? 3.594   -8.999  6.643   1.00 71.83  ? 195 SER A O   1 
ATOM   341  C  CB  . SER A 1 48  ? 0.398   -9.381  6.494   1.00 78.40  ? 195 SER A CB  1 
ATOM   342  O  OG  . SER A 1 48  ? 0.589   -9.526  5.095   1.00 81.05  ? 195 SER A OG  1 
ATOM   343  N  N   . GLN A 1 49  ? 3.043   -10.903 5.555   1.00 74.55  ? 196 GLN A N   1 
ATOM   344  C  CA  . GLN A 1 49  ? 4.280   -10.996 4.796   1.00 81.91  ? 196 GLN A CA  1 
ATOM   345  C  C   . GLN A 1 49  ? 4.237   -10.140 3.539   1.00 72.41  ? 196 GLN A C   1 
ATOM   346  O  O   . GLN A 1 49  ? 5.248   -10.041 2.835   1.00 77.13  ? 196 GLN A O   1 
ATOM   347  C  CB  . GLN A 1 49  ? 4.562   -12.454 4.425   1.00 84.79  ? 196 GLN A CB  1 
ATOM   348  N  N   . ARG A 1 50  ? 3.105   -9.492  3.264   1.00 72.60  ? 197 ARG A N   1 
ATOM   349  C  CA  . ARG A 1 50  ? 2.936   -8.691  2.067   1.00 69.34  ? 197 ARG A CA  1 
ATOM   350  C  C   . ARG A 1 50  ? 2.946   -7.205  2.385   1.00 60.67  ? 197 ARG A C   1 
ATOM   351  O  O   . ARG A 1 50  ? 2.468   -6.757  3.431   1.00 59.00  ? 197 ARG A O   1 
ATOM   352  C  CB  . ARG A 1 50  ? 1.613   -9.073  1.370   1.00 68.49  ? 197 ARG A CB  1 
ATOM   353  C  CG  . ARG A 1 50  ? 1.586   -10.485 0.849   1.00 81.49  ? 197 ARG A CG  1 
ATOM   354  C  CD  . ARG A 1 50  ? 0.313   -10.847 0.109   1.00 87.06  ? 197 ARG A CD  1 
ATOM   355  N  NE  . ARG A 1 50  ? 0.515   -12.101 -0.610  1.00 95.45  ? 197 ARG A NE  1 
ATOM   356  C  CZ  . ARG A 1 50  ? 0.428   -13.335 -0.141  1.00 91.96  ? 197 ARG A CZ  1 
ATOM   357  N  NH1 . ARG A 1 50  ? 0.155   -13.568 1.131   1.00 94.36  ? 197 ARG A NH1 1 
ATOM   358  N  NH2 . ARG A 1 50  ? 0.633   -14.353 -0.968  1.00 90.92  ? 197 ARG A NH2 1 
ATOM   359  N  N   . LEU A 1 51  ? 3.482   -6.461  1.422   1.00 54.38  ? 198 LEU A N   1 
ATOM   360  C  CA  . LEU A 1 51  ? 3.419   -5.012  1.392   1.00 51.41  ? 198 LEU A CA  1 
ATOM   361  C  C   . LEU A 1 51  ? 2.037   -4.584  0.942   1.00 58.40  ? 198 LEU A C   1 
ATOM   362  O  O   . LEU A 1 51  ? 1.569   -5.012  -0.120  1.00 57.41  ? 198 LEU A O   1 
ATOM   363  C  CB  . LEU A 1 51  ? 4.481   -4.464  0.452   1.00 53.42  ? 198 LEU A CB  1 
ATOM   364  C  CG  . LEU A 1 51  ? 4.487   -2.945  0.283   1.00 61.32  ? 198 LEU A CG  1 
ATOM   365  C  CD1 . LEU A 1 51  ? 4.792   -2.266  1.602   1.00 58.64  ? 198 LEU A CD1 1 
ATOM   366  C  CD2 . LEU A 1 51  ? 5.501   -2.618  -0.794  1.00 65.48  ? 198 LEU A CD2 1 
ATOM   367  N  N   . TYR A 1 52  ? 1.355   -3.797  1.752   1.00 55.17  ? 199 TYR A N   1 
ATOM   368  C  CA  . TYR A 1 52  ? 0.059   -3.284  1.352   1.00 58.88  ? 199 TYR A CA  1 
ATOM   369  C  C   . TYR A 1 52  ? 0.236   -1.865  0.818   1.00 51.20  ? 199 TYR A C   1 
ATOM   370  O  O   . TYR A 1 52  ? 0.760   -0.989  1.524   1.00 55.53  ? 199 TYR A O   1 
ATOM   371  C  CB  . TYR A 1 52  ? -0.905  -3.326  2.510   1.00 58.51  ? 199 TYR A CB  1 
ATOM   372  C  CG  . TYR A 1 52  ? -1.383  -4.739  2.730   1.00 55.91  ? 199 TYR A CG  1 
ATOM   373  C  CD1 . TYR A 1 52  ? -0.611  -5.618  3.476   1.00 66.03  ? 199 TYR A CD1 1 
ATOM   374  C  CD2 . TYR A 1 52  ? -2.512  -5.236  2.098   1.00 70.04  ? 199 TYR A CD2 1 
ATOM   375  C  CE1 . TYR A 1 52  ? -1.001  -6.915  3.682   1.00 58.68  ? 199 TYR A CE1 1 
ATOM   376  C  CE2 . TYR A 1 52  ? -2.907  -6.544  2.292   1.00 64.87  ? 199 TYR A CE2 1 
ATOM   377  C  CZ  . TYR A 1 52  ? -2.138  -7.381  3.078   1.00 63.15  ? 199 TYR A CZ  1 
ATOM   378  O  OH  . TYR A 1 52  ? -2.524  -8.684  3.294   1.00 73.59  ? 199 TYR A OH  1 
ATOM   379  N  N   . ILE A 1 53  ? -0.153  -1.652  -0.436  1.00 44.64  ? 200 ILE A N   1 
ATOM   380  C  CA  . ILE A 1 53  ? 0.004   -0.369  -1.110  1.00 50.29  ? 200 ILE A CA  1 
ATOM   381  C  C   . ILE A 1 53  ? -1.384  0.241   -1.228  1.00 49.98  ? 200 ILE A C   1 
ATOM   382  O  O   . ILE A 1 53  ? -2.255  -0.307  -1.916  1.00 52.30  ? 200 ILE A O   1 
ATOM   383  C  CB  . ILE A 1 53  ? 0.670   -0.511  -2.480  1.00 53.58  ? 200 ILE A CB  1 
ATOM   384  C  CG1 . ILE A 1 53  ? 2.054   -1.141  -2.336  1.00 56.76  ? 200 ILE A CG1 1 
ATOM   385  C  CG2 . ILE A 1 53  ? 0.854   0.864   -3.115  1.00 59.33  ? 200 ILE A CG2 1 
ATOM   386  C  CD1 . ILE A 1 53  ? 2.632   -1.614  -3.640  1.00 60.26  ? 200 ILE A CD1 1 
ATOM   387  N  N   . LEU A 1 54  ? -1.571  1.395   -0.609  1.00 47.37  ? 201 LEU A N   1 
ATOM   388  C  CA  . LEU A 1 54  ? -2.831  2.121   -0.661  1.00 45.86  ? 201 LEU A CA  1 
ATOM   389  C  C   . LEU A 1 54  ? -2.919  2.989   -1.906  1.00 54.25  ? 201 LEU A C   1 
ATOM   390  O  O   . LEU A 1 54  ? -1.973  3.705   -2.247  1.00 51.54  ? 201 LEU A O   1 
ATOM   391  C  CB  . LEU A 1 54  ? -2.993  2.984   0.591   1.00 43.70  ? 201 LEU A CB  1 
ATOM   392  C  CG  . LEU A 1 54  ? -2.985  2.283   1.947   1.00 52.77  ? 201 LEU A CG  1 
ATOM   393  C  CD1 . LEU A 1 54  ? -2.941  3.307   3.064   1.00 64.72  ? 201 LEU A CD1 1 
ATOM   394  C  CD2 . LEU A 1 54  ? -4.227  1.410   2.079   1.00 52.13  ? 201 LEU A CD2 1 
ATOM   395  N  N   . LEU A 1 55  ? -4.034  2.863   -2.620  1.00 54.96  ? 202 LEU A N   1 
ATOM   396  C  CA  . LEU A 1 55  ? -4.273  3.606   -3.856  1.00 56.27  ? 202 LEU A CA  1 
ATOM   397  C  C   . LEU A 1 55  ? -5.598  4.357   -3.751  1.00 54.86  ? 202 LEU A C   1 
ATOM   398  O  O   . LEU A 1 55  ? -6.594  3.992   -4.394  1.00 52.66  ? 202 LEU A O   1 
ATOM   399  C  CB  . LEU A 1 55  ? -4.288  2.731   -5.109  1.00 53.21  ? 202 LEU A CB  1 
ATOM   400  C  CG  . LEU A 1 55  ? -3.026  1.957   -5.481  1.00 64.48  ? 202 LEU A CG  1 
ATOM   401  C  CD1 . LEU A 1 55  ? -3.387  0.679   -6.223  1.00 68.56  ? 202 LEU A CD1 1 
ATOM   402  C  CD2 . LEU A 1 55  ? -2.099  2.869   -6.264  1.00 66.96  ? 202 LEU A CD2 1 
ATOM   403  N  N   . PRO A 1 56  ? -5.638  5.441   -2.980  1.00 51.73  ? 203 PRO A N   1 
ATOM   404  C  CA  . PRO A 1 56  ? -6.834  6.293   -3.025  1.00 55.94  ? 203 PRO A CA  1 
ATOM   405  C  C   . PRO A 1 56  ? -6.976  6.866   -4.425  1.00 55.42  ? 203 PRO A C   1 
ATOM   406  O  O   . PRO A 1 56  ? -6.056  7.485   -4.962  1.00 52.89  ? 203 PRO A O   1 
ATOM   407  C  CB  . PRO A 1 56  ? -6.531  7.385   -1.986  1.00 59.41  ? 203 PRO A CB  1 
ATOM   408  C  CG  . PRO A 1 56  ? -5.018  7.465   -1.979  1.00 52.43  ? 203 PRO A CG  1 
ATOM   409  C  CD  . PRO A 1 56  ? -4.558  6.032   -2.169  1.00 55.37  ? 203 PRO A CD  1 
ATOM   410  N  N   . LEU A 1 57  ? -8.139  6.624   -5.037  1.00 59.41  ? 204 LEU A N   1 
ATOM   411  C  CA  . LEU A 1 57  ? -8.405  7.123   -6.382  1.00 51.53  ? 204 LEU A CA  1 
ATOM   412  C  C   . LEU A 1 57  ? -8.536  8.641   -6.409  1.00 60.58  ? 204 LEU A C   1 
ATOM   413  O  O   . LEU A 1 57  ? -8.475  9.229   -7.492  1.00 62.41  ? 204 LEU A O   1 
ATOM   414  C  CB  . LEU A 1 57  ? -9.641  6.433   -6.969  1.00 61.09  ? 204 LEU A CB  1 
ATOM   415  C  CG  . LEU A 1 57  ? -9.463  4.930   -7.218  1.00 66.36  ? 204 LEU A CG  1 
ATOM   416  C  CD1 . LEU A 1 57  ? -10.689 4.340   -7.922  1.00 65.96  ? 204 LEU A CD1 1 
ATOM   417  C  CD2 . LEU A 1 57  ? -8.195  4.595   -8.005  1.00 55.46  ? 204 LEU A CD2 1 
ATOM   418  N  N   . ASP A 1 58  ? -8.741  9.283   -5.256  1.00 62.14  ? 205 ASP A N   1 
ATOM   419  C  CA  . ASP A 1 58  ? -8.761  10.739  -5.197  1.00 62.94  ? 205 ASP A CA  1 
ATOM   420  C  C   . ASP A 1 58  ? -7.351  11.318  -5.124  1.00 56.42  ? 205 ASP A C   1 
ATOM   421  O  O   . ASP A 1 58  ? -7.192  12.545  -5.100  1.00 61.58  ? 205 ASP A O   1 
ATOM   422  C  CB  . ASP A 1 58  ? -9.620  11.210  -4.008  1.00 62.80  ? 205 ASP A CB  1 
ATOM   423  C  CG  . ASP A 1 58  ? -8.980  10.937  -2.652  1.00 68.96  ? 205 ASP A CG  1 
ATOM   424  O  OD1 . ASP A 1 58  ? -7.876  10.367  -2.606  1.00 68.81  ? 205 ASP A OD1 1 
ATOM   425  O  OD2 . ASP A 1 58  ? -9.599  11.295  -1.624  1.00 66.66  ? 205 ASP A OD2 1 
ATOM   426  N  N   . CYS A 1 59  ? -6.331  10.457  -5.140  1.00 53.00  ? 206 CYS A N   1 
ATOM   427  C  CA  . CYS A 1 59  ? -4.935  10.866  -5.203  1.00 52.01  ? 206 CYS A CA  1 
ATOM   428  C  C   . CYS A 1 59  ? -4.533  11.698  -3.998  1.00 52.26  ? 206 CYS A C   1 
ATOM   429  O  O   . CYS A 1 59  ? -3.559  12.460  -4.056  1.00 52.40  ? 206 CYS A O   1 
ATOM   430  C  CB  . CYS A 1 59  ? -4.692  11.650  -6.492  1.00 47.07  ? 206 CYS A CB  1 
ATOM   431  S  SG  . CYS A 1 59  ? -4.974  10.646  -7.970  1.00 54.99  ? 206 CYS A SG  1 
ATOM   432  N  N   . GLY A 1 60  ? -5.269  11.535  -2.903  1.00 40.68  ? 207 GLY A N   1 
ATOM   433  C  CA  . GLY A 1 60  ? -4.961  12.171  -1.641  1.00 56.51  ? 207 GLY A CA  1 
ATOM   434  C  C   . GLY A 1 60  ? -4.047  11.352  -0.760  1.00 63.06  ? 207 GLY A C   1 
ATOM   435  O  O   . GLY A 1 60  ? -4.476  10.357  -0.172  1.00 58.60  ? 207 GLY A O   1 
ATOM   436  N  N   . VAL A 1 61  ? -2.807  11.795  -0.615  1.00 60.55  ? 208 VAL A N   1 
ATOM   437  C  CA  . VAL A 1 61  ? -1.795  11.095  0.165   1.00 62.21  ? 208 VAL A CA  1 
ATOM   438  C  C   . VAL A 1 61  ? -1.456  11.986  1.356   1.00 60.44  ? 208 VAL A C   1 
ATOM   439  O  O   . VAL A 1 61  ? -0.804  13.029  1.185   1.00 63.99  ? 208 VAL A O   1 
ATOM   440  C  CB  . VAL A 1 61  ? -0.540  10.763  -0.652  1.00 60.09  ? 208 VAL A CB  1 
ATOM   441  C  CG1 . VAL A 1 61  ? 0.521   10.163  0.275   1.00 61.28  ? 208 VAL A CG1 1 
ATOM   442  C  CG2 . VAL A 1 61  ? -0.871  9.817   -1.782  1.00 52.22  ? 208 VAL A CG2 1 
ATOM   443  N  N   . PRO A 1 62  ? -1.882  11.635  2.565   1.00 70.35  ? 209 PRO A N   1 
ATOM   444  C  CA  . PRO A 1 62  ? -1.545  12.457  3.728   1.00 72.31  ? 209 PRO A CA  1 
ATOM   445  C  C   . PRO A 1 62  ? -0.116  12.221  4.186   1.00 84.30  ? 209 PRO A C   1 
ATOM   446  O  O   . PRO A 1 62  ? 0.548   11.258  3.802   1.00 81.94  ? 209 PRO A O   1 
ATOM   447  C  CB  . PRO A 1 62  ? -2.541  11.982  4.794   1.00 80.75  ? 209 PRO A CB  1 
ATOM   448  C  CG  . PRO A 1 62  ? -2.798  10.549  4.430   1.00 76.62  ? 209 PRO A CG  1 
ATOM   449  C  CD  . PRO A 1 62  ? -2.721  10.467  2.921   1.00 65.07  ? 209 PRO A CD  1 
ATOM   450  N  N   . ASP A 1 63  ? 0.362   13.168  4.989   1.00 87.40  ? 210 ASP A N   1 
ATOM   451  C  CA  . ASP A 1 63  ? 1.696   13.078  5.553   1.00 99.17  ? 210 ASP A CA  1 
ATOM   452  C  C   . ASP A 1 63  ? 1.787   12.016  6.636   1.00 99.30  ? 210 ASP A C   1 
ATOM   453  O  O   . ASP A 1 63  ? 2.894   11.566  6.959   1.00 102.42 ? 210 ASP A O   1 
ATOM   454  C  CB  . ASP A 1 63  ? 2.046   14.436  6.157   1.00 97.82  ? 210 ASP A CB  1 
ATOM   455  C  CG  . ASP A 1 63  ? 1.691   15.583  5.233   1.00 97.97  ? 210 ASP A CG  1 
ATOM   456  O  OD1 . ASP A 1 63  ? 1.898   15.458  4.006   1.00 89.17  ? 210 ASP A OD1 1 
ATOM   457  O  OD2 . ASP A 1 63  ? 1.140   16.587  5.733   1.00 102.13 ? 210 ASP A OD2 1 
ATOM   458  N  N   . ASN A 1 64  ? 0.645   11.617  7.196   1.00 99.18  ? 211 ASN A N   1 
ATOM   459  C  CA  . ASN A 1 64  ? 0.551   10.556  8.186   1.00 100.48 ? 211 ASN A CA  1 
ATOM   460  C  C   . ASN A 1 64  ? -0.754  9.798   8.053   1.00 99.30  ? 211 ASN A C   1 
ATOM   461  O  O   . ASN A 1 64  ? -1.818  10.404  7.906   1.00 92.68  ? 211 ASN A O   1 
ATOM   462  C  CB  . ASN A 1 64  ? 0.685   11.175  9.583   1.00 98.82  ? 211 ASN A CB  1 
ATOM   463  C  CG  . ASN A 1 64  ? 0.487   10.185  10.707  1.00 108.70 ? 211 ASN A CG  1 
ATOM   464  O  OD1 . ASN A 1 64  ? -0.507  10.273  11.429  1.00 100.33 ? 211 ASN A OD1 1 
ATOM   465  N  ND2 . ASN A 1 64  ? 1.388   9.229   10.844  1.00 112.93 ? 211 ASN A ND2 1 
ATOM   466  N  N   . LEU A 1 65  ? -0.663  8.468   8.146   1.00 90.41  ? 212 LEU A N   1 
ATOM   467  C  CA  . LEU A 1 65  ? -1.834  7.627   7.922   1.00 78.45  ? 212 LEU A CA  1 
ATOM   468  C  C   . LEU A 1 65  ? -2.921  7.931   8.938   1.00 76.37  ? 212 LEU A C   1 
ATOM   469  O  O   . LEU A 1 65  ? -4.113  7.894   8.617   1.00 83.89  ? 212 LEU A O   1 
ATOM   470  C  CB  . LEU A 1 65  ? -1.461  6.149   7.955   1.00 85.01  ? 212 LEU A CB  1 
ATOM   471  C  CG  . LEU A 1 65  ? -1.305  5.549   6.563   1.00 78.87  ? 212 LEU A CG  1 
ATOM   472  C  CD1 . LEU A 1 65  ? -0.484  4.302   6.561   1.00 74.61  ? 212 LEU A CD1 1 
ATOM   473  C  CD2 . LEU A 1 65  ? -2.721  5.245   6.046   1.00 77.58  ? 212 LEU A CD2 1 
ATOM   474  N  N   . SER A 1 66  ? -2.528  8.191   10.185  1.00 74.15  ? 213 SER A N   1 
ATOM   475  C  CA  . SER A 1 66  ? -3.512  8.388   11.237  1.00 80.18  ? 213 SER A CA  1 
ATOM   476  C  C   . SER A 1 66  ? -4.463  9.520   10.881  1.00 88.01  ? 213 SER A C   1 
ATOM   477  O  O   . SER A 1 66  ? -5.637  9.492   11.274  1.00 87.86  ? 213 SER A O   1 
ATOM   478  C  CB  . SER A 1 66  ? -2.790  8.679   12.554  1.00 86.69  ? 213 SER A CB  1 
ATOM   479  O  OG  . SER A 1 66  ? -1.870  7.644   12.856  1.00 81.38  ? 213 SER A OG  1 
ATOM   480  N  N   . MET A 1 67  ? -3.977  10.526  10.146  1.00 86.54  ? 214 MET A N   1 
ATOM   481  C  CA  . MET A 1 67  ? -4.828  11.634  9.731   1.00 84.22  ? 214 MET A CA  1 
ATOM   482  C  C   . MET A 1 67  ? -5.922  11.189  8.765   1.00 81.82  ? 214 MET A C   1 
ATOM   483  O  O   . MET A 1 67  ? -7.030  11.738  8.806   1.00 88.98  ? 214 MET A O   1 
ATOM   484  C  CB  . MET A 1 67  ? -3.940  12.695  9.064   1.00 98.58  ? 214 MET A CB  1 
ATOM   485  C  CG  . MET A 1 67  ? -2.828  13.242  9.960   1.00 109.35 ? 214 MET A CG  1 
ATOM   486  S  SD  . MET A 1 67  ? -2.008  14.695  9.287   1.00 125.27 ? 214 MET A SD  1 
ATOM   487  C  CE  . MET A 1 67  ? -1.477  14.029  7.710   1.00 85.21  ? 214 MET A CE  1 
ATOM   488  N  N   . ALA A 1 68  ? -5.642  10.206  7.907   1.00 87.09  ? 215 ALA A N   1 
ATOM   489  C  CA  . ALA A 1 68  ? -6.652  9.636   7.024   1.00 90.09  ? 215 ALA A CA  1 
ATOM   490  C  C   . ALA A 1 68  ? -7.626  8.698   7.738   1.00 87.84  ? 215 ALA A C   1 
ATOM   491  O  O   . ALA A 1 68  ? -8.728  8.481   7.230   1.00 81.74  ? 215 ALA A O   1 
ATOM   492  C  CB  . ALA A 1 68  ? -5.973  8.913   5.859   1.00 77.95  ? 215 ALA A CB  1 
ATOM   493  N  N   . ASP A 1 69  ? -7.236  8.107   8.878   1.00 79.04  ? 216 ASP A N   1 
ATOM   494  C  CA  . ASP A 1 69  ? -8.088  7.216   9.663   1.00 76.00  ? 216 ASP A CA  1 
ATOM   495  C  C   . ASP A 1 69  ? -7.429  7.015   11.024  1.00 69.20  ? 216 ASP A C   1 
ATOM   496  O  O   . ASP A 1 69  ? -6.297  6.515   11.101  1.00 70.37  ? 216 ASP A O   1 
ATOM   497  C  CB  . ASP A 1 69  ? -8.322  5.889   8.936   1.00 70.52  ? 216 ASP A CB  1 
ATOM   498  C  CG  . ASP A 1 69  ? -9.236  4.943   9.722   1.00 68.01  ? 216 ASP A CG  1 
ATOM   499  O  OD1 . ASP A 1 69  ? -9.366  5.110   10.951  1.00 71.43  ? 216 ASP A OD1 1 
ATOM   500  O  OD2 . ASP A 1 69  ? -9.875  4.064   9.099   1.00 62.42  ? 216 ASP A OD2 1 
ATOM   501  N  N   . PRO A 1 70  ? -8.083  7.406   12.122  1.00 75.52  ? 217 PRO A N   1 
ATOM   502  C  CA  . PRO A 1 70  ? -7.473  7.221   13.451  1.00 72.19  ? 217 PRO A CA  1 
ATOM   503  C  C   . PRO A 1 70  ? -7.306  5.777   13.890  1.00 75.63  ? 217 PRO A C   1 
ATOM   504  O  O   . PRO A 1 70  ? -6.547  5.528   14.832  1.00 78.23  ? 217 PRO A O   1 
ATOM   505  C  CB  . PRO A 1 70  ? -8.422  7.983   14.383  1.00 73.25  ? 217 PRO A CB  1 
ATOM   506  C  CG  . PRO A 1 70  ? -9.764  7.846   13.705  1.00 78.36  ? 217 PRO A CG  1 
ATOM   507  C  CD  . PRO A 1 70  ? -9.460  7.943   12.224  1.00 71.71  ? 217 PRO A CD  1 
ATOM   508  N  N   . ASN A 1 71  ? -8.041  4.836   13.309  1.00 64.55  ? 218 ASN A N   1 
ATOM   509  C  CA  . ASN A 1 71  ? -7.828  3.418   13.581  1.00 68.84  ? 218 ASN A CA  1 
ATOM   510  C  C   . ASN A 1 71  ? -6.631  2.826   12.855  1.00 62.26  ? 218 ASN A C   1 
ATOM   511  O  O   . ASN A 1 71  ? -6.422  1.611   12.943  1.00 61.43  ? 218 ASN A O   1 
ATOM   512  C  CB  . ASN A 1 71  ? -9.081  2.620   13.222  1.00 65.11  ? 218 ASN A CB  1 
ATOM   513  C  CG  . ASN A 1 71  ? -10.213 2.872   14.186  1.00 64.83  ? 218 ASN A CG  1 
ATOM   514  O  OD1 . ASN A 1 71  ? -10.004 2.940   15.397  1.00 69.57  ? 218 ASN A OD1 1 
ATOM   515  N  ND2 . ASN A 1 71  ? -11.416 3.044   13.658  1.00 71.27  ? 218 ASN A ND2 1 
ATOM   516  N  N   . ILE A 1 72  ? -5.830  3.620   12.156  1.00 56.82  ? 219 ILE A N   1 
ATOM   517  C  CA  . ILE A 1 72  ? -4.581  3.130   11.586  1.00 62.54  ? 219 ILE A CA  1 
ATOM   518  C  C   . ILE A 1 72  ? -3.455  3.824   12.333  1.00 61.44  ? 219 ILE A C   1 
ATOM   519  O  O   . ILE A 1 72  ? -3.214  5.024   12.138  1.00 67.61  ? 219 ILE A O   1 
ATOM   520  C  CB  . ILE A 1 72  ? -4.496  3.425   10.086  1.00 54.40  ? 219 ILE A CB  1 
ATOM   521  C  CG1 . ILE A 1 72  ? -5.682  2.798   9.352   1.00 61.46  ? 219 ILE A CG1 1 
ATOM   522  C  CG2 . ILE A 1 72  ? -3.197  2.869   9.518   1.00 61.24  ? 219 ILE A CG2 1 
ATOM   523  C  CD1 . ILE A 1 72  ? -5.687  3.043   7.855   1.00 63.77  ? 219 ILE A CD1 1 
ATOM   524  N  N   . ARG A 1 73  ? -2.751  3.074   13.169  1.00 71.14  ? 220 ARG A N   1 
ATOM   525  C  CA  . ARG A 1 73  ? -1.828  3.664   14.128  1.00 65.13  ? 220 ARG A CA  1 
ATOM   526  C  C   . ARG A 1 73  ? -0.430  3.122   13.859  1.00 64.83  ? 220 ARG A C   1 
ATOM   527  O  O   . ARG A 1 73  ? -0.243  1.900   13.782  1.00 65.58  ? 220 ARG A O   1 
ATOM   528  C  CB  . ARG A 1 73  ? -2.296  3.394   15.560  1.00 69.07  ? 220 ARG A CB  1 
ATOM   529  C  CG  . ARG A 1 73  ? -1.620  4.299   16.559  1.00 81.26  ? 220 ARG A CG  1 
ATOM   530  C  CD  . ARG A 1 73  ? -2.310  4.316   17.912  1.00 96.15  ? 220 ARG A CD  1 
ATOM   531  N  NE  . ARG A 1 73  ? -2.140  3.059   18.629  1.00 108.03 ? 220 ARG A NE  1 
ATOM   532  C  CZ  . ARG A 1 73  ? -2.728  2.764   19.781  1.00 98.12  ? 220 ARG A CZ  1 
ATOM   533  N  NH1 . ARG A 1 73  ? -2.501  1.590   20.353  1.00 95.46  ? 220 ARG A NH1 1 
ATOM   534  N  NH2 . ARG A 1 73  ? -3.536  3.640   20.366  1.00 97.96  ? 220 ARG A NH2 1 
ATOM   535  N  N   . PHE A 1 74  ? 0.554   4.018   13.761  1.00 69.15  ? 221 PHE A N   1 
ATOM   536  C  CA  . PHE A 1 74  ? 1.931   3.576   13.565  1.00 58.96  ? 221 PHE A CA  1 
ATOM   537  C  C   . PHE A 1 74  ? 2.385   2.730   14.750  1.00 64.40  ? 221 PHE A C   1 
ATOM   538  O  O   . PHE A 1 74  ? 2.231   3.129   15.909  1.00 69.88  ? 221 PHE A O   1 
ATOM   539  C  CB  . PHE A 1 74  ? 2.873   4.767   13.381  1.00 63.96  ? 221 PHE A CB  1 
ATOM   540  C  CG  . PHE A 1 74  ? 4.314   4.369   13.339  1.00 75.41  ? 221 PHE A CG  1 
ATOM   541  C  CD1 . PHE A 1 74  ? 4.917   3.948   12.172  1.00 69.59  ? 221 PHE A CD1 1 
ATOM   542  C  CD2 . PHE A 1 74  ? 5.066   4.409   14.501  1.00 73.33  ? 221 PHE A CD2 1 
ATOM   543  C  CE1 . PHE A 1 74  ? 6.249   3.563   12.167  1.00 79.19  ? 221 PHE A CE1 1 
ATOM   544  C  CE2 . PHE A 1 74  ? 6.389   4.038   14.505  1.00 80.09  ? 221 PHE A CE2 1 
ATOM   545  C  CZ  . PHE A 1 74  ? 6.986   3.614   13.338  1.00 82.13  ? 221 PHE A CZ  1 
ATOM   546  N  N   . LEU A 1 75  ? 2.977   1.571   14.456  1.00 64.33  ? 222 LEU A N   1 
ATOM   547  C  CA  . LEU A 1 75  ? 3.445   0.651   15.477  1.00 72.95  ? 222 LEU A CA  1 
ATOM   548  C  C   . LEU A 1 75  ? 4.962   0.650   15.591  1.00 73.42  ? 222 LEU A C   1 
ATOM   549  O  O   . LEU A 1 75  ? 5.492   0.821   16.695  1.00 78.39  ? 222 LEU A O   1 
ATOM   550  C  CB  . LEU A 1 75  ? 2.955   -0.758  15.119  1.00 63.45  ? 222 LEU A CB  1 
ATOM   551  C  CG  . LEU A 1 75  ? 3.211   -1.935  16.069  1.00 68.61  ? 222 LEU A CG  1 
ATOM   552  C  CD1 . LEU A 1 75  ? 2.493   -1.558  17.394  1.00 69.96  ? 222 LEU A CD1 1 
ATOM   553  C  CD2 . LEU A 1 75  ? 2.791   -3.261  15.532  1.00 76.00  ? 222 LEU A CD2 1 
ATOM   554  N  N   . ASP A 1 76  ? 5.679   0.445   14.483  1.00 77.63  ? 223 ASP A N   1 
ATOM   555  C  CA  . ASP A 1 76  ? 7.131   0.278   14.506  1.00 86.45  ? 223 ASP A CA  1 
ATOM   556  C  C   . ASP A 1 76  ? 7.679   0.431   13.090  1.00 78.27  ? 223 ASP A C   1 
ATOM   557  O  O   . ASP A 1 76  ? 6.973   0.167   12.113  1.00 77.19  ? 223 ASP A O   1 
ATOM   558  C  CB  . ASP A 1 76  ? 7.509   -1.097  15.090  1.00 88.36  ? 223 ASP A CB  1 
ATOM   559  C  CG  . ASP A 1 76  ? 8.835   -1.073  15.832  1.00 98.76  ? 223 ASP A CG  1 
ATOM   560  O  OD1 . ASP A 1 76  ? 9.547   -0.045  15.772  1.00 100.91 ? 223 ASP A OD1 1 
ATOM   561  O  OD2 . ASP A 1 76  ? 9.173   -2.093  16.458  1.00 103.57 ? 223 ASP A OD2 1 
ATOM   562  N  N   . LYS A 1 77  ? 8.948   0.843   12.990  1.00 87.79  ? 224 LYS A N   1 
ATOM   563  C  CA  . LYS A 1 77  ? 9.687   0.759   11.733  1.00 88.10  ? 224 LYS A CA  1 
ATOM   564  C  C   . LYS A 1 77  ? 10.187  -0.665  11.501  1.00 76.45  ? 224 LYS A C   1 
ATOM   565  O  O   . LYS A 1 77  ? 10.652  -1.336  12.425  1.00 77.64  ? 224 LYS A O   1 
ATOM   566  C  CB  . LYS A 1 77  ? 10.874  1.730   11.740  1.00 85.07  ? 224 LYS A CB  1 
ATOM   567  C  CG  . LYS A 1 77  ? 10.486  3.189   11.529  1.00 84.19  ? 224 LYS A CG  1 
ATOM   568  C  CD  . LYS A 1 77  ? 9.992   3.494   10.122  1.00 88.52  ? 224 LYS A CD  1 
ATOM   569  C  CE  . LYS A 1 77  ? 9.473   4.937   10.031  1.00 104.46 ? 224 LYS A CE  1 
ATOM   570  N  NZ  . LYS A 1 77  ? 10.501  6.007   10.196  1.00 105.21 ? 224 LYS A NZ  1 
ATOM   571  N  N   . LEU A 1 78  ? 10.102  -1.120  10.259  1.00 76.18  ? 225 LEU A N   1 
ATOM   572  C  CA  . LEU A 1 78  ? 10.653  -2.425  9.912   1.00 73.40  ? 225 LEU A CA  1 
ATOM   573  C  C   . LEU A 1 78  ? 12.178  -2.305  9.828   1.00 79.97  ? 225 LEU A C   1 
ATOM   574  O  O   . LEU A 1 78  ? 12.691  -1.455  9.093   1.00 82.41  ? 225 LEU A O   1 
ATOM   575  C  CB  . LEU A 1 78  ? 10.032  -2.913  8.606   1.00 68.28  ? 225 LEU A CB  1 
ATOM   576  C  CG  . LEU A 1 78  ? 10.370  -4.315  8.110   1.00 74.03  ? 225 LEU A CG  1 
ATOM   577  C  CD1 . LEU A 1 78  ? 9.713   -5.237  9.176   1.00 71.15  ? 225 LEU A CD1 1 
ATOM   578  C  CD2 . LEU A 1 78  ? 9.852   -4.653  6.752   1.00 72.72  ? 225 LEU A CD2 1 
ATOM   579  N  N   . PRO A 1 79  ? 12.925  -3.149  10.544  1.00 81.93  ? 226 PRO A N   1 
ATOM   580  C  CA  . PRO A 1 79  ? 14.395  -3.109  10.469  1.00 87.17  ? 226 PRO A CA  1 
ATOM   581  C  C   . PRO A 1 79  ? 14.992  -3.507  9.129   1.00 88.86  ? 226 PRO A C   1 
ATOM   582  O  O   . PRO A 1 79  ? 14.402  -4.226  8.320   1.00 85.18  ? 226 PRO A O   1 
ATOM   583  C  CB  . PRO A 1 79  ? 14.851  -4.069  11.580  1.00 91.94  ? 226 PRO A CB  1 
ATOM   584  C  CG  . PRO A 1 79  ? 13.697  -4.194  12.463  1.00 93.94  ? 226 PRO A CG  1 
ATOM   585  C  CD  . PRO A 1 79  ? 12.475  -4.060  11.614  1.00 88.64  ? 226 PRO A CD  1 
ATOM   586  N  N   . GLN A 1 80  ? 16.229  -3.062  8.946   1.00 93.27  ? 227 GLN A N   1 
ATOM   587  C  CA  . GLN A 1 80  ? 17.074  -3.380  7.818   1.00 100.40 ? 227 GLN A CA  1 
ATOM   588  C  C   . GLN A 1 80  ? 17.752  -4.737  8.002   1.00 108.48 ? 227 GLN A C   1 
ATOM   589  O  O   . GLN A 1 80  ? 17.914  -5.239  9.115   1.00 100.65 ? 227 GLN A O   1 
ATOM   590  C  CB  . GLN A 1 80  ? 18.146  -2.298  7.687   1.00 91.97  ? 227 GLN A CB  1 
ATOM   591  C  CG  . GLN A 1 80  ? 17.735  -0.988  7.009   1.00 103.60 ? 227 GLN A CG  1 
ATOM   592  C  CD  . GLN A 1 80  ? 16.936  -1.157  5.744   1.00 102.21 ? 227 GLN A CD  1 
ATOM   593  O  OE1 . GLN A 1 80  ? 17.459  -1.596  4.724   1.00 100.10 ? 227 GLN A OE1 1 
ATOM   594  N  NE2 . GLN A 1 80  ? 15.660  -0.787  5.796   1.00 103.28 ? 227 GLN A NE2 1 
ATOM   595  N  N   . GLN A 1 81  ? 18.110  -5.349  6.869   1.00 109.01 ? 228 GLN A N   1 
ATOM   596  C  CA  . GLN A 1 81  ? 18.736  -6.666  6.850   1.00 115.81 ? 228 GLN A CA  1 
ATOM   597  C  C   . GLN A 1 81  ? 20.069  -6.666  7.579   1.00 113.00 ? 228 GLN A C   1 
ATOM   598  O  O   . GLN A 1 81  ? 21.029  -6.048  7.127   1.00 110.32 ? 228 GLN A O   1 
ATOM   599  C  CB  . GLN A 1 81  ? 18.951  -7.137  5.406   1.00 100.92 ? 228 GLN A CB  1 
ATOM   600  N  N   . VAL A 1 92  ? 19.429  2.426   1.831   1.00 91.60  ? 239 VAL A N   1 
ATOM   601  C  CA  . VAL A 1 92  ? 18.623  2.226   3.032   1.00 92.74  ? 239 VAL A CA  1 
ATOM   602  C  C   . VAL A 1 92  ? 17.158  2.512   2.698   1.00 98.83  ? 239 VAL A C   1 
ATOM   603  O  O   . VAL A 1 92  ? 16.831  3.617   2.261   1.00 95.41  ? 239 VAL A O   1 
ATOM   604  C  CB  . VAL A 1 92  ? 19.110  3.119   4.174   1.00 81.29  ? 239 VAL A CB  1 
ATOM   605  N  N   . TYR A 1 93  ? 16.281  1.529   2.915   1.00 103.94 ? 240 TYR A N   1 
ATOM   606  C  CA  . TYR A 1 93  ? 14.871  1.649   2.570   1.00 95.24  ? 240 TYR A CA  1 
ATOM   607  C  C   . TYR A 1 93  ? 14.066  1.786   3.858   1.00 92.24  ? 240 TYR A C   1 
ATOM   608  O  O   . TYR A 1 93  ? 14.193  0.947   4.756   1.00 97.51  ? 240 TYR A O   1 
ATOM   609  C  CB  . TYR A 1 93  ? 14.465  0.388   1.809   1.00 97.30  ? 240 TYR A CB  1 
ATOM   610  C  CG  . TYR A 1 93  ? 14.997  0.351   0.388   1.00 106.51 ? 240 TYR A CG  1 
ATOM   611  C  CD1 . TYR A 1 93  ? 14.550  1.218   -0.596  1.00 100.73 ? 240 TYR A CD1 1 
ATOM   612  C  CD2 . TYR A 1 93  ? 16.011  -0.542  0.058   1.00 92.71  ? 240 TYR A CD2 1 
ATOM   613  C  CE1 . TYR A 1 93  ? 15.076  1.166   -1.887  1.00 105.31 ? 240 TYR A CE1 1 
ATOM   614  C  CE2 . TYR A 1 93  ? 16.543  -0.599  -1.214  1.00 107.97 ? 240 TYR A CE2 1 
ATOM   615  C  CZ  . TYR A 1 93  ? 16.077  0.257   -2.185  1.00 106.91 ? 240 TYR A CZ  1 
ATOM   616  O  OH  . TYR A 1 93  ? 16.610  0.198   -3.454  1.00 86.26  ? 240 TYR A OH  1 
ATOM   617  N  N   . SER A 1 94  ? 13.233  2.825   3.948   1.00 85.89  ? 241 SER A N   1 
ATOM   618  C  CA  . SER A 1 94  ? 12.360  3.029   5.101   1.00 83.35  ? 241 SER A CA  1 
ATOM   619  C  C   . SER A 1 94  ? 10.942  2.491   4.931   1.00 87.51  ? 241 SER A C   1 
ATOM   620  O  O   . SER A 1 94  ? 10.252  2.851   3.976   1.00 83.50  ? 241 SER A O   1 
ATOM   621  C  CB  . SER A 1 94  ? 12.288  4.520   5.450   1.00 85.67  ? 241 SER A CB  1 
ATOM   622  O  OG  . SER A 1 94  ? 11.340  4.752   6.478   1.00 95.35  ? 241 SER A OG  1 
ATOM   623  N  N   . ASN A 1 95  ? 10.507  1.643   5.865   1.00 85.54  ? 242 ASN A N   1 
ATOM   624  C  CA  . ASN A 1 95  ? 9.159   1.081   5.845   1.00 79.87  ? 242 ASN A CA  1 
ATOM   625  C  C   . ASN A 1 95  ? 8.584   0.968   7.250   1.00 82.51  ? 242 ASN A C   1 
ATOM   626  O  O   . ASN A 1 95  ? 9.305   0.648   8.196   1.00 80.99  ? 242 ASN A O   1 
ATOM   627  C  CB  . ASN A 1 95  ? 9.086   -0.272  5.155   1.00 61.42  ? 242 ASN A CB  1 
ATOM   628  C  CG  . ASN A 1 95  ? 9.662   -0.238  3.772   1.00 67.60  ? 242 ASN A CG  1 
ATOM   629  O  OD1 . ASN A 1 95  ? 10.843  -0.493  3.570   1.00 73.17  ? 242 ASN A OD1 1 
ATOM   630  N  ND2 . ASN A 1 95  ? 8.839   0.153   2.809   1.00 71.97  ? 242 ASN A ND2 1 
ATOM   631  N  N   . SER A 1 96  ? 7.285   1.225   7.377   1.00 70.78  ? 243 SER A N   1 
ATOM   632  C  CA  . SER A 1 96  ? 6.630   1.365   8.669   1.00 77.07  ? 243 SER A CA  1 
ATOM   633  C  C   . SER A 1 96  ? 5.556   0.300   8.834   1.00 67.57  ? 243 SER A C   1 
ATOM   634  O  O   . SER A 1 96  ? 4.734   0.087   7.936   1.00 63.04  ? 243 SER A O   1 
ATOM   635  C  CB  . SER A 1 96  ? 6.010   2.760   8.804   1.00 77.96  ? 243 SER A CB  1 
ATOM   636  O  OG  . SER A 1 96  ? 7.013   3.759   8.763   1.00 80.90  ? 243 SER A OG  1 
ATOM   637  N  N   . ILE A 1 97  ? 5.529   -0.318  10.012  1.00 64.66  ? 244 ILE A N   1 
ATOM   638  C  CA  . ILE A 1 97  ? 4.476   -1.262  10.373  1.00 61.57  ? 244 ILE A CA  1 
ATOM   639  C  C   . ILE A 1 97  ? 3.369   -0.511  11.098  1.00 59.28  ? 244 ILE A C   1 
ATOM   640  O  O   . ILE A 1 97  ? 3.638   0.325   11.969  1.00 66.75  ? 244 ILE A O   1 
ATOM   641  C  CB  . ILE A 1 97  ? 5.007   -2.414  11.248  1.00 67.35  ? 244 ILE A CB  1 
ATOM   642  C  CG1 . ILE A 1 97  ? 6.148   -3.161  10.569  1.00 65.63  ? 244 ILE A CG1 1 
ATOM   643  C  CG2 . ILE A 1 97  ? 3.876   -3.366  11.618  1.00 63.48  ? 244 ILE A CG2 1 
ATOM   644  C  CD1 . ILE A 1 97  ? 7.037   -3.898  11.544  1.00 69.26  ? 244 ILE A CD1 1 
ATOM   645  N  N   . TYR A 1 98  ? 2.126   -0.784  10.715  1.00 62.31  ? 245 TYR A N   1 
ATOM   646  C  CA  . TYR A 1 98  ? 0.965   -0.171  11.329  1.00 59.01  ? 245 TYR A CA  1 
ATOM   647  C  C   . TYR A 1 98  ? 0.054   -1.231  11.923  1.00 61.16  ? 245 TYR A C   1 
ATOM   648  O  O   . TYR A 1 98  ? -0.063  -2.343  11.400  1.00 58.38  ? 245 TYR A O   1 
ATOM   649  C  CB  . TYR A 1 98  ? 0.166   0.638   10.289  1.00 56.27  ? 245 TYR A CB  1 
ATOM   650  C  CG  . TYR A 1 98  ? 0.928   1.795   9.718   1.00 63.90  ? 245 TYR A CG  1 
ATOM   651  C  CD1 . TYR A 1 98  ? 1.845   1.616   8.693   1.00 60.70  ? 245 TYR A CD1 1 
ATOM   652  C  CD2 . TYR A 1 98  ? 0.702   3.076   10.184  1.00 69.74  ? 245 TYR A CD2 1 
ATOM   653  C  CE1 . TYR A 1 98  ? 2.539   2.685   8.175   1.00 69.62  ? 245 TYR A CE1 1 
ATOM   654  C  CE2 . TYR A 1 98  ? 1.381   4.152   9.668   1.00 56.11  ? 245 TYR A CE2 1 
ATOM   655  C  CZ  . TYR A 1 98  ? 2.300   3.955   8.663   1.00 62.19  ? 245 TYR A CZ  1 
ATOM   656  O  OH  . TYR A 1 98  ? 2.982   5.028   8.149   1.00 77.82  ? 245 TYR A OH  1 
ATOM   657  N  N   . GLU A 1 99  ? -0.607  -0.856  13.015  1.00 65.51  ? 246 GLU A N   1 
ATOM   658  C  CA  . GLU A 1 99  ? -1.714  -1.617  13.576  1.00 58.29  ? 246 GLU A CA  1 
ATOM   659  C  C   . GLU A 1 99  ? -3.072  -1.037  13.181  1.00 59.76  ? 246 GLU A C   1 
ATOM   660  O  O   . GLU A 1 99  ? -3.261  0.182   13.135  1.00 61.26  ? 246 GLU A O   1 
ATOM   661  C  CB  . GLU A 1 99  ? -1.619  -1.692  15.111  1.00 60.39  ? 246 GLU A CB  1 
ATOM   662  C  CG  . GLU A 1 99  ? -1.561  -0.347  15.827  1.00 77.56  ? 246 GLU A CG  1 
ATOM   663  C  CD  . GLU A 1 99  ? -1.290  -0.500  17.320  1.00 85.98  ? 246 GLU A CD  1 
ATOM   664  O  OE1 . GLU A 1 99  ? -1.452  -1.619  17.844  1.00 85.10  ? 246 GLU A OE1 1 
ATOM   665  O  OE2 . GLU A 1 99  ? -0.915  0.501   17.972  1.00 90.44  ? 246 GLU A OE2 1 
ATOM   666  N  N   . LEU A 1 100 ? -4.013  -1.944  12.930  1.00 52.59  ? 247 LEU A N   1 
ATOM   667  C  CA  . LEU A 1 100 ? -5.393  -1.672  12.547  1.00 56.52  ? 247 LEU A CA  1 
ATOM   668  C  C   . LEU A 1 100 ? -6.310  -1.961  13.729  1.00 56.29  ? 247 LEU A C   1 
ATOM   669  O  O   . LEU A 1 100 ? -6.277  -3.068  14.284  1.00 59.02  ? 247 LEU A O   1 
ATOM   670  C  CB  . LEU A 1 100 ? -5.811  -2.523  11.348  1.00 50.76  ? 247 LEU A CB  1 
ATOM   671  C  CG  . LEU A 1 100 ? -5.130  -2.362  9.993   1.00 54.98  ? 247 LEU A CG  1 
ATOM   672  C  CD1 . LEU A 1 100 ? -5.105  -0.875  9.661   1.00 59.31  ? 247 LEU A CD1 1 
ATOM   673  C  CD2 . LEU A 1 100 ? -3.722  -2.890  9.996   1.00 61.51  ? 247 LEU A CD2 1 
ATOM   674  N  N   . LEU A 1 101 ? -7.069  -0.957  14.158  1.00 55.45  ? 248 LEU A N   1 
ATOM   675  C  CA  . LEU A 1 101 ? -7.874  -1.061  15.363  1.00 55.08  ? 248 LEU A CA  1 
ATOM   676  C  C   . LEU A 1 101 ? -9.347  -1.290  15.053  1.00 62.69  ? 248 LEU A C   1 
ATOM   677  O  O   . LEU A 1 101 ? -9.870  -0.837  14.032  1.00 56.90  ? 248 LEU A O   1 
ATOM   678  C  CB  . LEU A 1 101 ? -7.702  0.217   16.195  1.00 59.34  ? 248 LEU A CB  1 
ATOM   679  C  CG  . LEU A 1 101 ? -6.244  0.545   16.502  1.00 61.42  ? 248 LEU A CG  1 
ATOM   680  C  CD1 . LEU A 1 101 ? -6.085  1.809   17.290  1.00 84.72  ? 248 LEU A CD1 1 
ATOM   681  C  CD2 . LEU A 1 101 ? -5.666  -0.628  17.297  1.00 64.53  ? 248 LEU A CD2 1 
ATOM   682  N  N   . GLU A 1 102 ? -9.992  -2.053  15.935  1.00 65.95  ? 249 GLU A N   1 
ATOM   683  C  CA  . GLU A 1 102 ? -11.441 -2.201  16.006  1.00 62.12  ? 249 GLU A CA  1 
ATOM   684  C  C   . GLU A 1 102 ? -11.898 -2.046  17.453  1.00 63.12  ? 249 GLU A C   1 
ATOM   685  O  O   . GLU A 1 102 ? -11.469 -2.815  18.322  1.00 67.80  ? 249 GLU A O   1 
ATOM   686  C  CB  . GLU A 1 102 ? -11.891 -3.564  15.476  1.00 64.24  ? 249 GLU A CB  1 
ATOM   687  C  CG  . GLU A 1 102 ? -11.880 -3.773  13.971  1.00 65.36  ? 249 GLU A CG  1 
ATOM   688  C  CD  . GLU A 1 102 ? -12.310 -5.188  13.625  1.00 68.30  ? 249 GLU A CD  1 
ATOM   689  O  OE1 . GLU A 1 102 ? -12.121 -6.065  14.499  1.00 73.93  ? 249 GLU A OE1 1 
ATOM   690  O  OE2 . GLU A 1 102 ? -12.853 -5.435  12.528  1.00 59.83  ? 249 GLU A OE2 1 
ATOM   691  N  N   . ASN A 1 103 ? -12.743 -1.056  17.718  1.00 59.03  ? 250 ASN A N   1 
ATOM   692  C  CA  . ASN A 1 103 ? -13.215 -0.778  19.072  1.00 64.71  ? 250 ASN A CA  1 
ATOM   693  C  C   . ASN A 1 103 ? -12.044 -0.681  20.042  1.00 62.93  ? 250 ASN A C   1 
ATOM   694  O  O   . ASN A 1 103 ? -12.062 -1.237  21.142  1.00 66.49  ? 250 ASN A O   1 
ATOM   695  C  CB  . ASN A 1 103 ? -14.171 -1.883  19.513  1.00 61.84  ? 250 ASN A CB  1 
ATOM   696  C  CG  . ASN A 1 103 ? -15.197 -2.241  18.446  1.00 75.38  ? 250 ASN A CG  1 
ATOM   697  O  OD1 . ASN A 1 103 ? -15.911 -1.374  17.940  1.00 87.59  ? 250 ASN A OD1 1 
ATOM   698  N  ND2 . ASN A 1 103 ? -15.226 -3.510  18.055  1.00 79.93  ? 250 ASN A ND2 1 
ATOM   699  N  N   . GLY A 1 104 ? -11.038 0.091   19.649  1.00 62.58  ? 251 GLY A N   1 
ATOM   700  C  CA  . GLY A 1 104 ? -9.870  0.283   20.475  1.00 65.41  ? 251 GLY A CA  1 
ATOM   701  C  C   . GLY A 1 104 ? -8.988  -0.939  20.604  1.00 75.04  ? 251 GLY A C   1 
ATOM   702  O  O   . GLY A 1 104 ? -7.911  -0.839  21.206  1.00 74.97  ? 251 GLY A O   1 
ATOM   703  N  N   . GLN A 1 105 ? -9.403  -2.087  20.068  1.00 70.57  ? 252 GLN A N   1 
ATOM   704  C  CA  . GLN A 1 105 ? -8.642  -3.321  20.153  1.00 69.19  ? 252 GLN A CA  1 
ATOM   705  C  C   . GLN A 1 105 ? -7.918  -3.571  18.835  1.00 67.25  ? 252 GLN A C   1 
ATOM   706  O  O   . GLN A 1 105 ? -8.406  -3.227  17.758  1.00 66.91  ? 252 GLN A O   1 
ATOM   707  C  CB  . GLN A 1 105 ? -9.552  -4.507  20.481  1.00 69.04  ? 252 GLN A CB  1 
ATOM   708  C  CG  . GLN A 1 105 ? -10.127 -4.501  21.884  1.00 66.91  ? 252 GLN A CG  1 
ATOM   709  C  CD  . GLN A 1 105 ? -11.206 -5.551  22.076  1.00 63.94  ? 252 GLN A CD  1 
ATOM   710  N  N   . ARG A 1 106 ? -6.723  -4.141  18.941  1.00 69.47  ? 253 ARG A N   1 
ATOM   711  C  CA  . ARG A 1 106 ? -5.924  -4.482  17.773  1.00 70.35  ? 253 ARG A CA  1 
ATOM   712  C  C   . ARG A 1 106 ? -6.519  -5.626  16.962  1.00 54.12  ? 253 ARG A C   1 
ATOM   713  O  O   . ARG A 1 106 ? -6.697  -6.739  17.478  1.00 69.79  ? 253 ARG A O   1 
ATOM   714  C  CB  . ARG A 1 106 ? -4.504  -4.847  18.186  1.00 66.79  ? 253 ARG A CB  1 
ATOM   715  C  CG  . ARG A 1 106 ? -3.612  -5.087  16.993  1.00 77.58  ? 253 ARG A CG  1 
ATOM   716  C  CD  . ARG A 1 106 ? -2.212  -5.295  17.454  1.00 76.76  ? 253 ARG A CD  1 
ATOM   717  N  NE  . ARG A 1 106 ? -1.697  -4.118  18.142  1.00 96.22  ? 253 ARG A NE  1 
ATOM   718  C  CZ  . ARG A 1 106 ? -0.557  -4.107  18.817  1.00 91.47  ? 253 ARG A CZ  1 
ATOM   719  N  NH1 . ARG A 1 106 ? 0.164   -5.221  18.890  1.00 87.90  ? 253 ARG A NH1 1 
ATOM   720  N  NH2 . ARG A 1 106 ? -0.128  -2.997  19.397  1.00 86.36  ? 253 ARG A NH2 1 
ATOM   721  N  N   . ALA A 1 107 ? -6.779  -5.369  15.677  1.00 53.06  ? 254 ALA A N   1 
ATOM   722  C  CA  . ALA A 1 107 ? -7.273  -6.413  14.793  1.00 50.20  ? 254 ALA A CA  1 
ATOM   723  C  C   . ALA A 1 107 ? -6.269  -6.872  13.742  1.00 53.63  ? 254 ALA A C   1 
ATOM   724  O  O   . ALA A 1 107 ? -6.472  -7.936  13.147  1.00 62.96  ? 254 ALA A O   1 
ATOM   725  C  CB  . ALA A 1 107 ? -8.544  -5.931  14.072  1.00 55.78  ? 254 ALA A CB  1 
ATOM   726  N  N   . GLY A 1 108 ? -5.207  -6.105  13.484  1.00 51.31  ? 255 GLY A N   1 
ATOM   727  C  CA  . GLY A 1 108 ? -4.153  -6.574  12.594  1.00 49.09  ? 255 GLY A CA  1 
ATOM   728  C  C   . GLY A 1 108 ? -2.957  -5.645  12.580  1.00 53.00  ? 255 GLY A C   1 
ATOM   729  O  O   . GLY A 1 108 ? -2.985  -4.555  13.151  1.00 64.61  ? 255 GLY A O   1 
ATOM   730  N  N   . THR A 1 109 ? -1.885  -6.107  11.924  1.00 45.44  ? 256 THR A N   1 
ATOM   731  C  CA  . THR A 1 109 ? -0.655  -5.333  11.760  1.00 62.48  ? 256 THR A CA  1 
ATOM   732  C  C   . THR A 1 109 ? -0.107  -5.659  10.373  1.00 52.73  ? 256 THR A C   1 
ATOM   733  O  O   . THR A 1 109 ? -0.225  -6.799  9.903   1.00 53.86  ? 256 THR A O   1 
ATOM   734  C  CB  . THR A 1 109 ? 0.410   -5.594  12.840  1.00 64.30  ? 256 THR A CB  1 
ATOM   735  O  OG1 . THR A 1 109 ? 0.986   -6.894  12.680  1.00 74.60  ? 256 THR A OG1 1 
ATOM   736  C  CG2 . THR A 1 109 ? -0.168  -5.427  14.236  1.00 66.83  ? 256 THR A CG2 1 
ATOM   737  N  N   . CYS A 1 110 ? 0.462   -4.655  9.709   1.00 54.83  ? 257 CYS A N   1 
ATOM   738  C  CA  . CYS A 1 110 ? 1.024   -4.880  8.379   1.00 55.76  ? 257 CYS A CA  1 
ATOM   739  C  C   . CYS A 1 110 ? 1.925   -3.727  7.965   1.00 58.91  ? 257 CYS A C   1 
ATOM   740  O  O   . CYS A 1 110 ? 1.859   -2.631  8.525   1.00 55.29  ? 257 CYS A O   1 
ATOM   741  C  CB  . CYS A 1 110 ? -0.099  -5.085  7.349   1.00 56.31  ? 257 CYS A CB  1 
ATOM   742  S  SG  . CYS A 1 110 ? -1.121  -3.615  7.040   1.00 58.62  ? 257 CYS A SG  1 
ATOM   743  N  N   . VAL A 1 111 ? 2.791   -4.005  6.992   1.00 63.71  ? 258 VAL A N   1 
ATOM   744  C  CA  . VAL A 1 111 ? 3.553   -2.950  6.336   1.00 62.43  ? 258 VAL A CA  1 
ATOM   745  C  C   . VAL A 1 111 ? 2.668   -2.271  5.299   1.00 57.45  ? 258 VAL A C   1 
ATOM   746  O  O   . VAL A 1 111 ? 2.129   -2.923  4.396   1.00 58.15  ? 258 VAL A O   1 
ATOM   747  C  CB  . VAL A 1 111 ? 4.830   -3.495  5.682   1.00 67.70  ? 258 VAL A CB  1 
ATOM   748  C  CG1 . VAL A 1 111 ? 5.682   -2.333  5.174   1.00 71.92  ? 258 VAL A CG1 1 
ATOM   749  C  CG2 . VAL A 1 111 ? 5.618   -4.352  6.659   1.00 66.97  ? 258 VAL A CG2 1 
ATOM   750  N  N   . LEU A 1 112 ? 2.490   -0.965  5.452   1.00 62.46  ? 259 LEU A N   1 
ATOM   751  C  CA  . LEU A 1 112 ? 1.520   -0.182  4.706   1.00 65.09  ? 259 LEU A CA  1 
ATOM   752  C  C   . LEU A 1 112 ? 2.181   1.079   4.179   1.00 54.80  ? 259 LEU A C   1 
ATOM   753  O  O   . LEU A 1 112 ? 2.941   1.741   4.895   1.00 68.95  ? 259 LEU A O   1 
ATOM   754  C  CB  . LEU A 1 112 ? 0.325   0.171   5.583   1.00 67.75  ? 259 LEU A CB  1 
ATOM   755  C  CG  . LEU A 1 112 ? -1.009  0.479   4.912   1.00 65.02  ? 259 LEU A CG  1 
ATOM   756  C  CD1 . LEU A 1 112 ? -1.536  -0.494  3.931   1.00 60.74  ? 259 LEU A CD1 1 
ATOM   757  C  CD2 . LEU A 1 112 ? -2.020  0.611   6.085   1.00 65.13  ? 259 LEU A CD2 1 
ATOM   758  N  N   . GLU A 1 113 ? 1.841   1.447   2.947   1.00 56.03  ? 260 GLU A N   1 
ATOM   759  C  CA  . GLU A 1 113 ? 2.238   2.765   2.462   1.00 65.11  ? 260 GLU A CA  1 
ATOM   760  C  C   . GLU A 1 113 ? 1.418   3.141   1.235   1.00 48.99  ? 260 GLU A C   1 
ATOM   761  O  O   . GLU A 1 113 ? 0.870   2.282   0.546   1.00 53.30  ? 260 GLU A O   1 
ATOM   762  C  CB  . GLU A 1 113 ? 3.746   2.841   2.154   1.00 62.64  ? 260 GLU A CB  1 
ATOM   763  C  CG  . GLU A 1 113 ? 4.275   1.915   1.053   1.00 63.10  ? 260 GLU A CG  1 
ATOM   764  C  CD  . GLU A 1 113 ? 5.811   1.897   0.963   1.00 69.05  ? 260 GLU A CD  1 
ATOM   765  O  OE1 . GLU A 1 113 ? 6.508   1.696   1.983   1.00 63.65  ? 260 GLU A OE1 1 
ATOM   766  O  OE2 . GLU A 1 113 ? 6.319   2.086   -0.162  1.00 62.39  ? 260 GLU A OE2 1 
ATOM   767  N  N   . TYR A 1 114 ? 1.334   4.451   0.987   1.00 50.21  ? 261 TYR A N   1 
ATOM   768  C  CA  . TYR A 1 114 ? 0.595   4.980   -0.154  1.00 45.20  ? 261 TYR A CA  1 
ATOM   769  C  C   . TYR A 1 114 ? 1.461   4.892   -1.410  1.00 55.82  ? 261 TYR A C   1 
ATOM   770  O  O   . TYR A 1 114 ? 2.684   5.050   -1.354  1.00 56.47  ? 261 TYR A O   1 
ATOM   771  C  CB  . TYR A 1 114 ? 0.214   6.450   0.100   1.00 49.72  ? 261 TYR A CB  1 
ATOM   772  C  CG  . TYR A 1 114 ? -0.970  6.649   1.033   1.00 52.13  ? 261 TYR A CG  1 
ATOM   773  C  CD1 . TYR A 1 114 ? -2.277  6.605   0.567   1.00 48.59  ? 261 TYR A CD1 1 
ATOM   774  C  CD2 . TYR A 1 114 ? -0.768  6.899   2.387   1.00 49.60  ? 261 TYR A CD2 1 
ATOM   775  C  CE1 . TYR A 1 114 ? -3.352  6.789   1.428   1.00 52.82  ? 261 TYR A CE1 1 
ATOM   776  C  CE2 . TYR A 1 114 ? -1.831  7.081   3.254   1.00 55.96  ? 261 TYR A CE2 1 
ATOM   777  C  CZ  . TYR A 1 114 ? -3.121  7.029   2.768   1.00 57.32  ? 261 TYR A CZ  1 
ATOM   778  O  OH  . TYR A 1 114 ? -4.183  7.213   3.623   1.00 68.10  ? 261 TYR A OH  1 
ATOM   779  N  N   . ALA A 1 115 ? 0.816   4.704   -2.562  1.00 57.80  ? 262 ALA A N   1 
ATOM   780  C  CA  . ALA A 1 115 ? 1.547   4.755   -3.827  1.00 54.99  ? 262 ALA A CA  1 
ATOM   781  C  C   . ALA A 1 115 ? 1.870   6.207   -4.150  1.00 53.06  ? 262 ALA A C   1 
ATOM   782  O  O   . ALA A 1 115 ? 1.006   6.968   -4.589  1.00 52.03  ? 262 ALA A O   1 
ATOM   783  C  CB  . ALA A 1 115 ? 0.739   4.122   -4.951  1.00 49.26  ? 262 ALA A CB  1 
ATOM   784  N  N   . THR A 1 116 ? 3.109   6.608   -3.926  1.00 56.19  ? 263 THR A N   1 
ATOM   785  C  CA  . THR A 1 116 ? 3.550   7.982   -4.121  1.00 56.57  ? 263 THR A CA  1 
ATOM   786  C  C   . THR A 1 116 ? 3.280   8.557   -5.511  1.00 47.37  ? 263 THR A C   1 
ATOM   787  O  O   . THR A 1 116 ? 3.109   9.768   -5.638  1.00 58.48  ? 263 THR A O   1 
ATOM   788  C  CB  . THR A 1 116 ? 5.019   8.146   -3.728  1.00 54.24  ? 263 THR A CB  1 
ATOM   789  O  OG1 . THR A 1 116 ? 5.856   7.394   -4.612  1.00 68.65  ? 263 THR A OG1 1 
ATOM   790  C  CG2 . THR A 1 116 ? 5.236   7.732   -2.276  1.00 55.96  ? 263 THR A CG2 1 
ATOM   791  N  N   . PRO A 1 117 ? 3.330   7.766   -6.591  1.00 52.82  ? 264 PRO A N   1 
ATOM   792  C  CA  . PRO A 1 117 ? 3.058   8.361   -7.919  1.00 41.26  ? 264 PRO A CA  1 
ATOM   793  C  C   . PRO A 1 117 ? 1.736   9.116   -7.983  1.00 40.67  ? 264 PRO A C   1 
ATOM   794  O  O   . PRO A 1 117 ? 1.574   10.023  -8.810  1.00 52.59  ? 264 PRO A O   1 
ATOM   795  C  CB  . PRO A 1 117 ? 3.108   7.174   -8.875  1.00 48.56  ? 264 PRO A CB  1 
ATOM   796  C  CG  . PRO A 1 117 ? 4.009   6.194   -8.197  1.00 48.28  ? 264 PRO A CG  1 
ATOM   797  C  CD  . PRO A 1 117 ? 3.718   6.343   -6.714  1.00 49.42  ? 264 PRO A CD  1 
ATOM   798  N  N   . LEU A 1 118 ? 0.758   8.732   -7.151  1.00 50.42  ? 265 LEU A N   1 
ATOM   799  C  CA  . LEU A 1 118 ? -0.518  9.436   -7.165  1.00 48.14  ? 265 LEU A CA  1 
ATOM   800  C  C   . LEU A 1 118 ? -0.354  10.890  -6.736  1.00 53.47  ? 265 LEU A C   1 
ATOM   801  O  O   . LEU A 1 118 ? -1.089  11.765  -7.207  1.00 52.26  ? 265 LEU A O   1 
ATOM   802  C  CB  . LEU A 1 118 ? -1.529  8.713   -6.280  1.00 58.07  ? 265 LEU A CB  1 
ATOM   803  C  CG  . LEU A 1 118 ? -1.882  7.282   -6.694  1.00 55.83  ? 265 LEU A CG  1 
ATOM   804  C  CD1 . LEU A 1 118 ? -2.807  6.659   -5.649  1.00 59.79  ? 265 LEU A CD1 1 
ATOM   805  C  CD2 . LEU A 1 118 ? -2.529  7.220   -8.071  1.00 49.17  ? 265 LEU A CD2 1 
ATOM   806  N  N   . GLN A 1 119 ? 0.626   11.182  -5.873  1.00 52.48  ? 266 GLN A N   1 
ATOM   807  C  CA  . GLN A 1 119 ? 0.891   12.573  -5.536  1.00 51.76  ? 266 GLN A CA  1 
ATOM   808  C  C   . GLN A 1 119 ? 1.209   13.357  -6.800  1.00 47.03  ? 266 GLN A C   1 
ATOM   809  O  O   . GLN A 1 119 ? 0.709   14.476  -6.995  1.00 56.58  ? 266 GLN A O   1 
ATOM   810  C  CB  . GLN A 1 119 ? 2.065   12.678  -4.560  1.00 52.70  ? 266 GLN A CB  1 
ATOM   811  C  CG  . GLN A 1 119 ? 1.814   12.085  -3.178  1.00 66.41  ? 266 GLN A CG  1 
ATOM   812  C  CD  . GLN A 1 119 ? 3.025   12.229  -2.274  1.00 77.67  ? 266 GLN A CD  1 
ATOM   813  O  OE1 . GLN A 1 119 ? 4.102   11.721  -2.577  1.00 76.73  ? 266 GLN A OE1 1 
ATOM   814  N  NE2 . GLN A 1 119 ? 2.833   12.868  -1.126  1.00 77.03  ? 266 GLN A NE2 1 
ATOM   815  N  N   . THR A 1 120 ? 1.963   12.737  -7.718  1.00 47.68  ? 267 THR A N   1 
ATOM   816  C  CA  . THR A 1 120 ? 2.284   13.409  -8.968  1.00 55.61  ? 267 THR A CA  1 
ATOM   817  C  C   . THR A 1 120 ? 1.017   13.709  -9.745  1.00 56.31  ? 267 THR A C   1 
ATOM   818  O  O   . THR A 1 120 ? 0.895   14.765  -10.371 1.00 49.22  ? 267 THR A O   1 
ATOM   819  C  CB  . THR A 1 120 ? 3.254   12.560  -9.770  1.00 40.42  ? 267 THR A CB  1 
ATOM   820  O  OG1 . THR A 1 120 ? 4.509   12.532  -9.081  1.00 61.20  ? 267 THR A OG1 1 
ATOM   821  C  CG2 . THR A 1 120 ? 3.470   13.159  -11.144 1.00 44.48  ? 267 THR A CG2 1 
ATOM   822  N  N   . LEU A 1 121 ? 0.069   12.771  -9.751  1.00 42.61  ? 268 LEU A N   1 
ATOM   823  C  CA  . LEU A 1 121 ? -1.173  13.029  -10.469 1.00 59.59  ? 268 LEU A CA  1 
ATOM   824  C  C   . LEU A 1 121 ? -1.915  14.183  -9.811  1.00 54.75  ? 268 LEU A C   1 
ATOM   825  O  O   . LEU A 1 121 ? -2.348  15.123  -10.496 1.00 49.65  ? 268 LEU A O   1 
ATOM   826  C  CB  . LEU A 1 121 ? -2.039  11.768  -10.525 1.00 47.54  ? 268 LEU A CB  1 
ATOM   827  C  CG  . LEU A 1 121 ? -1.453  10.631  -11.371 1.00 52.67  ? 268 LEU A CG  1 
ATOM   828  C  CD1 . LEU A 1 121 ? -2.389  9.431   -11.366 1.00 52.42  ? 268 LEU A CD1 1 
ATOM   829  C  CD2 . LEU A 1 121 ? -1.177  11.085  -12.795 1.00 51.99  ? 268 LEU A CD2 1 
ATOM   830  N  N   . PHE A 1 122 ? -1.922  14.219  -8.473  1.00 49.30  ? 269 PHE A N   1 
ATOM   831  C  CA  . PHE A 1 122 ? -2.617  15.304  -7.790  1.00 47.86  ? 269 PHE A CA  1 
ATOM   832  C  C   . PHE A 1 122 ? -1.972  16.628  -8.169  1.00 58.21  ? 269 PHE A C   1 
ATOM   833  O  O   . PHE A 1 122 ? -2.647  17.579  -8.578  1.00 54.36  ? 269 PHE A O   1 
ATOM   834  C  CB  . PHE A 1 122 ? -2.592  15.101  -6.278  1.00 45.44  ? 269 PHE A CB  1 
ATOM   835  C  CG  . PHE A 1 122 ? -3.433  16.097  -5.545  1.00 47.31  ? 269 PHE A CG  1 
ATOM   836  C  CD1 . PHE A 1 122 ? -4.798  15.915  -5.499  1.00 49.55  ? 269 PHE A CD1 1 
ATOM   837  C  CD2 . PHE A 1 122 ? -2.889  17.211  -4.931  1.00 57.91  ? 269 PHE A CD2 1 
ATOM   838  C  CE1 . PHE A 1 122 ? -5.608  16.808  -4.848  1.00 52.97  ? 269 PHE A CE1 1 
ATOM   839  C  CE2 . PHE A 1 122 ? -3.697  18.116  -4.276  1.00 51.81  ? 269 PHE A CE2 1 
ATOM   840  C  CZ  . PHE A 1 122 ? -5.066  17.910  -4.235  1.00 54.60  ? 269 PHE A CZ  1 
ATOM   841  N  N   . ALA A 1 123 ? -0.642  16.674  -8.101  1.00 56.68  ? 270 ALA A N   1 
ATOM   842  C  CA  . ALA A 1 123 ? 0.068   17.910  -8.377  1.00 52.33  ? 270 ALA A CA  1 
ATOM   843  C  C   . ALA A 1 123 ? -0.197  18.357  -9.807  1.00 54.60  ? 270 ALA A C   1 
ATOM   844  O  O   . ALA A 1 123 ? -0.337  19.558  -10.072 1.00 57.23  ? 270 ALA A O   1 
ATOM   845  C  CB  . ALA A 1 123 ? 1.571   17.731  -8.141  1.00 52.71  ? 270 ALA A CB  1 
ATOM   846  N  N   . MET A 1 124 ? -0.300  17.407  -10.751 1.00 55.92  ? 271 MET A N   1 
ATOM   847  C  CA  . MET A 1 124 ? -0.533  17.838  -12.131 1.00 55.65  ? 271 MET A CA  1 
ATOM   848  C  C   . MET A 1 124 ? -1.886  18.514  -12.261 1.00 57.69  ? 271 MET A C   1 
ATOM   849  O  O   . MET A 1 124 ? -2.042  19.443  -13.061 1.00 56.70  ? 271 MET A O   1 
ATOM   850  C  CB  . MET A 1 124 ? -0.454  16.673  -13.118 1.00 59.11  ? 271 MET A CB  1 
ATOM   851  C  CG  . MET A 1 124 ? 0.930   16.196  -13.498 1.00 63.24  ? 271 MET A CG  1 
ATOM   852  S  SD  . MET A 1 124 ? 0.801   14.718  -14.547 1.00 61.16  ? 271 MET A SD  1 
ATOM   853  C  CE  . MET A 1 124 ? 0.072   15.415  -16.039 1.00 61.50  ? 271 MET A CE  1 
ATOM   854  N  N   . SER A 1 125 ? -2.874  18.066  -11.490 1.00 50.04  ? 272 SER A N   1 
ATOM   855  C  CA  . SER A 1 125 ? -4.198  18.668  -11.569 1.00 60.73  ? 272 SER A CA  1 
ATOM   856  C  C   . SER A 1 125 ? -4.219  20.069  -10.965 1.00 54.72  ? 272 SER A C   1 
ATOM   857  O  O   . SER A 1 125 ? -5.178  20.810  -11.206 1.00 64.22  ? 272 SER A O   1 
ATOM   858  C  CB  . SER A 1 125 ? -5.211  17.724  -10.922 1.00 56.83  ? 272 SER A CB  1 
ATOM   859  O  OG  . SER A 1 125 ? -5.059  17.670  -9.522  1.00 53.49  ? 272 SER A OG  1 
ATOM   860  N  N   . GLN A 1 126 ? -3.198  20.441  -10.185 1.00 56.31  ? 273 GLN A N   1 
ATOM   861  C  CA  . GLN A 1 126 ? -3.062  21.786  -9.632  1.00 48.46  ? 273 GLN A CA  1 
ATOM   862  C  C   . GLN A 1 126 ? -2.052  22.643  -10.389 1.00 55.70  ? 273 GLN A C   1 
ATOM   863  O  O   . GLN A 1 126 ? -1.754  23.762  -9.952  1.00 57.37  ? 273 GLN A O   1 
ATOM   864  C  CB  . GLN A 1 126 ? -2.630  21.713  -8.161  1.00 46.87  ? 273 GLN A CB  1 
ATOM   865  C  CG  . GLN A 1 126 ? -3.568  20.916  -7.276  1.00 53.57  ? 273 GLN A CG  1 
ATOM   866  C  CD  . GLN A 1 126 ? -3.452  21.282  -5.812  1.00 48.97  ? 273 GLN A CD  1 
ATOM   867  O  OE1 . GLN A 1 126 ? -2.375  21.610  -5.316  1.00 51.85  ? 273 GLN A OE1 1 
ATOM   868  N  NE2 . GLN A 1 126 ? -4.562  21.145  -5.093  1.00 59.27  ? 273 GLN A NE2 1 
ATOM   869  N  N   . TYR A 1 127 ? -1.431  22.097  -11.430 1.00 66.12  ? 274 TYR A N   1 
ATOM   870  C  CA  . TYR A 1 127 ? -0.423  22.791  -12.236 1.00 55.71  ? 274 TYR A CA  1 
ATOM   871  C  C   . TYR A 1 127 ? -1.120  23.249  -13.518 1.00 61.80  ? 274 TYR A C   1 
ATOM   872  O  O   . TYR A 1 127 ? -1.416  22.426  -14.387 1.00 65.53  ? 274 TYR A O   1 
ATOM   873  C  CB  . TYR A 1 127 ? 0.738   21.860  -12.541 1.00 56.95  ? 274 TYR A CB  1 
ATOM   874  C  CG  . TYR A 1 127 ? 1.869   22.462  -13.346 1.00 54.09  ? 274 TYR A CG  1 
ATOM   875  C  CD1 . TYR A 1 127 ? 2.617   23.501  -12.809 1.00 62.48  ? 274 TYR A CD1 1 
ATOM   876  C  CD2 . TYR A 1 127 ? 2.202   22.005  -14.615 1.00 60.60  ? 274 TYR A CD2 1 
ATOM   877  C  CE1 . TYR A 1 127 ? 3.667   24.066  -13.496 1.00 64.91  ? 274 TYR A CE1 1 
ATOM   878  C  CE2 . TYR A 1 127 ? 3.259   22.574  -15.322 1.00 52.92  ? 274 TYR A CE2 1 
ATOM   879  C  CZ  . TYR A 1 127 ? 3.985   23.609  -14.754 1.00 62.15  ? 274 TYR A CZ  1 
ATOM   880  O  OH  . TYR A 1 127 ? 5.040   24.184  -15.422 1.00 67.78  ? 274 TYR A OH  1 
ATOM   881  N  N   . SER A 1 128 ? -1.453  24.541  -13.621 1.00 58.81  ? 275 SER A N   1 
ATOM   882  C  CA  . SER A 1 128 ? -2.397  24.963  -14.655 1.00 58.80  ? 275 SER A CA  1 
ATOM   883  C  C   . SER A 1 128 ? -1.862  24.721  -16.065 1.00 59.84  ? 275 SER A C   1 
ATOM   884  O  O   . SER A 1 128 ? -2.615  24.323  -16.964 1.00 67.07  ? 275 SER A O   1 
ATOM   885  C  CB  . SER A 1 128 ? -2.713  26.451  -14.493 1.00 66.59  ? 275 SER A CB  1 
ATOM   886  O  OG  . SER A 1 128 ? -1.518  27.224  -14.560 1.00 74.37  ? 275 SER A OG  1 
ATOM   887  N  N   . GLN A 1 129 ? -0.556  24.905  -16.266 1.00 55.27  ? 276 GLN A N   1 
ATOM   888  C  CA  . GLN A 1 129 ? 0.055   24.691  -17.573 1.00 52.83  ? 276 GLN A CA  1 
ATOM   889  C  C   . GLN A 1 129 ? -0.164  23.284  -18.107 1.00 69.56  ? 276 GLN A C   1 
ATOM   890  O  O   . GLN A 1 129 ? 0.018   23.055  -19.309 1.00 73.68  ? 276 GLN A O   1 
ATOM   891  C  CB  . GLN A 1 129 ? 1.553   24.973  -17.467 1.00 61.81  ? 276 GLN A CB  1 
ATOM   892  C  CG  . GLN A 1 129 ? 1.870   26.429  -17.185 1.00 63.47  ? 276 GLN A CG  1 
ATOM   893  C  CD  . GLN A 1 129 ? 1.913   26.692  -15.690 1.00 82.30  ? 276 GLN A CD  1 
ATOM   894  O  OE1 . GLN A 1 129 ? 1.159   26.075  -14.929 1.00 74.93  ? 276 GLN A OE1 1 
ATOM   895  N  NE2 . GLN A 1 129 ? 2.799   27.578  -15.260 1.00 85.81  ? 276 GLN A NE2 1 
ATOM   896  N  N   . ALA A 1 130 ? -0.494  22.329  -17.236 1.00 67.34  ? 277 ALA A N   1 
ATOM   897  C  CA  . ALA A 1 130 ? -0.690  20.951  -17.659 1.00 57.26  ? 277 ALA A CA  1 
ATOM   898  C  C   . ALA A 1 130 ? -2.012  20.681  -18.367 1.00 56.34  ? 277 ALA A C   1 
ATOM   899  O  O   . ALA A 1 130 ? -2.139  19.634  -19.013 1.00 63.89  ? 277 ALA A O   1 
ATOM   900  C  CB  . ALA A 1 130 ? -0.598  20.030  -16.433 1.00 59.39  ? 277 ALA A CB  1 
ATOM   901  N  N   . GLY A 1 131 ? -3.008  21.548  -18.236 1.00 67.44  ? 278 GLY A N   1 
ATOM   902  C  CA  . GLY A 1 131 ? -4.302  21.207  -18.800 1.00 65.58  ? 278 GLY A CA  1 
ATOM   903  C  C   . GLY A 1 131 ? -4.873  19.887  -18.327 1.00 61.94  ? 278 GLY A C   1 
ATOM   904  O  O   . GLY A 1 131 ? -5.477  19.162  -19.127 1.00 75.53  ? 278 GLY A O   1 
ATOM   905  N  N   . PHE A 1 132 ? -4.737  19.573  -17.044 1.00 68.36  ? 279 PHE A N   1 
ATOM   906  C  CA  . PHE A 1 132 ? -4.976  18.233  -16.495 1.00 59.00  ? 279 PHE A CA  1 
ATOM   907  C  C   . PHE A 1 132 ? -6.086  18.397  -15.462 1.00 55.55  ? 279 PHE A C   1 
ATOM   908  O  O   . PHE A 1 132 ? -5.836  18.901  -14.362 1.00 58.88  ? 279 PHE A O   1 
ATOM   909  C  CB  . PHE A 1 132 ? -3.682  17.653  -15.887 1.00 59.33  ? 279 PHE A CB  1 
ATOM   910  C  CG  . PHE A 1 132 ? -3.762  16.182  -15.490 1.00 53.72  ? 279 PHE A CG  1 
ATOM   911  C  CD1 . PHE A 1 132 ? -3.726  15.166  -16.435 1.00 61.53  ? 279 PHE A CD1 1 
ATOM   912  C  CD2 . PHE A 1 132 ? -3.801  15.825  -14.143 1.00 53.14  ? 279 PHE A CD2 1 
ATOM   913  C  CE1 . PHE A 1 132 ? -3.791  13.827  -16.048 1.00 61.44  ? 279 PHE A CE1 1 
ATOM   914  C  CE2 . PHE A 1 132 ? -3.853  14.491  -13.755 1.00 59.60  ? 279 PHE A CE2 1 
ATOM   915  C  CZ  . PHE A 1 132 ? -3.845  13.494  -14.705 1.00 59.07  ? 279 PHE A CZ  1 
ATOM   916  N  N   . SER A 1 133 ? -7.309  17.997  -15.826 1.00 64.74  ? 280 SER A N   1 
ATOM   917  C  CA  . SER A 1 133 ? -8.473  18.243  -14.987 1.00 63.84  ? 280 SER A CA  1 
ATOM   918  C  C   . SER A 1 133 ? -8.573  17.174  -13.902 1.00 70.92  ? 280 SER A C   1 
ATOM   919  O  O   . SER A 1 133 ? -7.815  16.203  -13.877 1.00 66.04  ? 280 SER A O   1 
ATOM   920  C  CB  . SER A 1 133 ? -9.762  18.260  -15.810 1.00 64.02  ? 280 SER A CB  1 
ATOM   921  O  OG  . SER A 1 133 ? -10.062 16.984  -16.351 1.00 73.58  ? 280 SER A OG  1 
ATOM   922  N  N   . ARG A 1 134 ? -9.525  17.361  -12.984 1.00 66.71  ? 281 ARG A N   1 
ATOM   923  C  CA  . ARG A 1 134 ? -9.783  16.326  -11.989 1.00 60.11  ? 281 ARG A CA  1 
ATOM   924  C  C   . ARG A 1 134 ? -10.321 15.064  -12.656 1.00 59.35  ? 281 ARG A C   1 
ATOM   925  O  O   . ARG A 1 134 ? -10.032 13.947  -12.214 1.00 62.14  ? 281 ARG A O   1 
ATOM   926  C  CB  . ARG A 1 134 ? -10.761 16.793  -10.923 1.00 60.53  ? 281 ARG A CB  1 
ATOM   927  C  CG  . ARG A 1 134 ? -10.204 17.939  -10.108 1.00 69.73  ? 281 ARG A CG  1 
ATOM   928  C  CD  . ARG A 1 134 ? -11.214 18.416  -9.113  1.00 84.59  ? 281 ARG A CD  1 
ATOM   929  N  NE  . ARG A 1 134 ? -10.732 19.554  -8.344  1.00 91.72  ? 281 ARG A NE  1 
ATOM   930  C  CZ  . ARG A 1 134 ? -11.487 20.251  -7.510  1.00 92.01  ? 281 ARG A CZ  1 
ATOM   931  N  NH1 . ARG A 1 134 ? -12.745 19.896  -7.337  1.00 101.95 ? 281 ARG A NH1 1 
ATOM   932  N  NH2 . ARG A 1 134 ? -11.011 21.322  -6.900  1.00 83.34  ? 281 ARG A NH2 1 
ATOM   933  N  N   . GLU A 1 135 ? -11.187 15.234  -13.663 1.00 69.04  ? 282 GLU A N   1 
ATOM   934  C  CA  . GLU A 1 135 ? -11.630 14.096  -14.462 1.00 68.66  ? 282 GLU A CA  1 
ATOM   935  C  C   . GLU A 1 135 ? -10.433 13.361  -15.049 1.00 61.33  ? 282 GLU A C   1 
ATOM   936  O  O   . GLU A 1 135 ? -10.338 12.127  -14.967 1.00 67.27  ? 282 GLU A O   1 
ATOM   937  C  CB  . GLU A 1 135 ? -12.560 14.578  -15.574 1.00 60.82  ? 282 GLU A CB  1 
ATOM   938  N  N   . ASP A 1 136 ? -9.507  14.109  -15.652 1.00 67.38  ? 283 ASP A N   1 
ATOM   939  C  CA  . ASP A 1 136 ? -8.291  13.497  -16.166 1.00 67.79  ? 283 ASP A CA  1 
ATOM   940  C  C   . ASP A 1 136 ? -7.564  12.775  -15.038 1.00 66.10  ? 283 ASP A C   1 
ATOM   941  O  O   . ASP A 1 136 ? -7.073  11.653  -15.214 1.00 68.67  ? 283 ASP A O   1 
ATOM   942  C  CB  . ASP A 1 136 ? -7.389  14.555  -16.805 1.00 70.57  ? 283 ASP A CB  1 
ATOM   943  C  CG  . ASP A 1 136 ? -8.015  15.191  -18.039 1.00 73.80  ? 283 ASP A CG  1 
ATOM   944  O  OD1 . ASP A 1 136 ? -8.818  14.523  -18.732 1.00 76.52  ? 283 ASP A OD1 1 
ATOM   945  O  OD2 . ASP A 1 136 ? -7.690  16.360  -18.318 1.00 78.95  ? 283 ASP A OD2 1 
ATOM   946  N  N   . ARG A 1 137 ? -7.478  13.418  -13.868 1.00 60.28  ? 284 ARG A N   1 
ATOM   947  C  CA  . ARG A 1 137 ? -6.745  12.838  -12.753 1.00 52.63  ? 284 ARG A CA  1 
ATOM   948  C  C   . ARG A 1 137 ? -7.340  11.502  -12.339 1.00 59.45  ? 284 ARG A C   1 
ATOM   949  O  O   . ARG A 1 137 ? -6.610  10.532  -12.117 1.00 57.41  ? 284 ARG A O   1 
ATOM   950  C  CB  . ARG A 1 137 ? -6.760  13.805  -11.571 1.00 48.65  ? 284 ARG A CB  1 
ATOM   951  C  CG  . ARG A 1 137 ? -5.892  13.364  -10.413 1.00 50.48  ? 284 ARG A CG  1 
ATOM   952  C  CD  . ARG A 1 137 ? -6.571  13.580  -9.068  1.00 50.06  ? 284 ARG A CD  1 
ATOM   953  N  NE  . ARG A 1 137 ? -6.526  14.993  -8.709  1.00 62.74  ? 284 ARG A NE  1 
ATOM   954  C  CZ  . ARG A 1 137 ? -7.373  15.597  -7.888  1.00 57.56  ? 284 ARG A CZ  1 
ATOM   955  N  NH1 . ARG A 1 137 ? -8.355  14.919  -7.304  1.00 47.90  ? 284 ARG A NH1 1 
ATOM   956  N  NH2 . ARG A 1 137 ? -7.232  16.891  -7.648  1.00 56.15  ? 284 ARG A NH2 1 
ATOM   957  N  N   . LEU A 1 138 ? -8.667  11.439  -12.208 1.00 62.88  ? 285 LEU A N   1 
ATOM   958  C  CA  . LEU A 1 138 ? -9.311  10.195  -11.811 1.00 65.45  ? 285 LEU A CA  1 
ATOM   959  C  C   . LEU A 1 138 ? -9.106  9.109   -12.862 1.00 60.89  ? 285 LEU A C   1 
ATOM   960  O  O   . LEU A 1 138 ? -8.821  7.950   -12.527 1.00 62.39  ? 285 LEU A O   1 
ATOM   961  C  CB  . LEU A 1 138 ? -10.798 10.438  -11.560 1.00 62.16  ? 285 LEU A CB  1 
ATOM   962  C  CG  . LEU A 1 138 ? -11.647 9.207   -11.244 1.00 66.57  ? 285 LEU A CG  1 
ATOM   963  C  CD1 . LEU A 1 138 ? -11.151 8.493   -10.001 1.00 70.79  ? 285 LEU A CD1 1 
ATOM   964  C  CD2 . LEU A 1 138 ? -13.099 9.634   -11.081 1.00 68.35  ? 285 LEU A CD2 1 
ATOM   965  N  N   . GLU A 1 139 ? -9.296  9.453   -14.140 1.00 63.55  ? 286 GLU A N   1 
ATOM   966  C  CA  . GLU A 1 139 ? -9.088  8.479   -15.208 1.00 59.13  ? 286 GLU A CA  1 
ATOM   967  C  C   . GLU A 1 139 ? -7.678  7.902   -15.152 1.00 63.43  ? 286 GLU A C   1 
ATOM   968  O  O   . GLU A 1 139 ? -7.501  6.678   -15.223 1.00 65.26  ? 286 GLU A O   1 
ATOM   969  C  CB  . GLU A 1 139 ? -9.373  9.153   -16.549 1.00 68.33  ? 286 GLU A CB  1 
ATOM   970  C  CG  . GLU A 1 139 ? -9.301  8.253   -17.763 1.00 73.51  ? 286 GLU A CG  1 
ATOM   971  C  CD  . GLU A 1 139 ? -8.507  8.861   -18.895 1.00 77.63  ? 286 GLU A CD  1 
ATOM   972  O  OE1 . GLU A 1 139 ? -8.551  10.101  -19.062 1.00 96.14  ? 286 GLU A OE1 1 
ATOM   973  O  OE2 . GLU A 1 139 ? -7.861  8.095   -19.637 1.00 91.14  ? 286 GLU A OE2 1 
ATOM   974  N  N   . GLN A 1 140 ? -6.670  8.754   -14.942 1.00 66.43  ? 287 GLN A N   1 
ATOM   975  C  CA  . GLN A 1 140 ? -5.296  8.261   -14.899 1.00 58.78  ? 287 GLN A CA  1 
ATOM   976  C  C   . GLN A 1 140 ? -5.015  7.522   -13.601 1.00 54.63  ? 287 GLN A C   1 
ATOM   977  O  O   . GLN A 1 140 ? -4.190  6.607   -13.589 1.00 54.93  ? 287 GLN A O   1 
ATOM   978  C  CB  . GLN A 1 140 ? -4.294  9.399   -15.076 1.00 54.73  ? 287 GLN A CB  1 
ATOM   979  C  CG  . GLN A 1 140 ? -4.271  10.021  -16.459 1.00 58.33  ? 287 GLN A CG  1 
ATOM   980  C  CD  . GLN A 1 140 ? -3.838  9.043   -17.541 1.00 57.59  ? 287 GLN A CD  1 
ATOM   981  O  OE1 . GLN A 1 140 ? -2.805  8.375   -17.414 1.00 55.75  ? 287 GLN A OE1 1 
ATOM   982  N  NE2 . GLN A 1 140 ? -4.645  8.917   -18.581 1.00 62.80  ? 287 GLN A NE2 1 
ATOM   983  N  N   . ALA A 1 141 ? -5.689  7.881   -12.505 1.00 52.98  ? 288 ALA A N   1 
ATOM   984  C  CA  . ALA A 1 141 ? -5.477  7.131   -11.275 1.00 56.23  ? 288 ALA A CA  1 
ATOM   985  C  C   . ALA A 1 141 ? -5.975  5.698   -11.422 1.00 59.15  ? 288 ALA A C   1 
ATOM   986  O  O   . ALA A 1 141 ? -5.277  4.740   -11.046 1.00 54.26  ? 288 ALA A O   1 
ATOM   987  C  CB  . ALA A 1 141 ? -6.182  7.831   -10.115 1.00 56.07  ? 288 ALA A CB  1 
ATOM   988  N  N   . LYS A 1 142 ? -7.143  5.530   -12.038 1.00 61.91  ? 289 LYS A N   1 
ATOM   989  C  CA  . LYS A 1 142 ? -7.631  4.185   -12.303 1.00 59.55  ? 289 LYS A CA  1 
ATOM   990  C  C   . LYS A 1 142 ? -6.709  3.440   -13.263 1.00 66.49  ? 289 LYS A C   1 
ATOM   991  O  O   . LYS A 1 142 ? -6.410  2.253   -13.057 1.00 63.57  ? 289 LYS A O   1 
ATOM   992  C  CB  . LYS A 1 142 ? -9.043  4.212   -12.879 1.00 62.06  ? 289 LYS A CB  1 
ATOM   993  C  CG  . LYS A 1 142 ? -10.116 4.730   -11.954 1.00 64.10  ? 289 LYS A CG  1 
ATOM   994  C  CD  . LYS A 1 142 ? -11.355 5.040   -12.765 1.00 63.31  ? 289 LYS A CD  1 
ATOM   995  C  CE  . LYS A 1 142 ? -12.554 5.270   -11.876 1.00 69.20  ? 289 LYS A CE  1 
ATOM   996  N  NZ  . LYS A 1 142 ? -13.767 5.506   -12.701 1.00 90.86  ? 289 LYS A NZ  1 
ATOM   997  N  N   . LEU A 1 143 ? -6.275  4.110   -14.339 1.00 64.47  ? 290 LEU A N   1 
ATOM   998  C  CA  . LEU A 1 143 ? -5.376  3.464   -15.286 1.00 62.52  ? 290 LEU A CA  1 
ATOM   999  C  C   . LEU A 1 143 ? -4.066  3.057   -14.623 1.00 65.88  ? 290 LEU A C   1 
ATOM   1000 O  O   . LEU A 1 143 ? -3.514  1.998   -14.936 1.00 63.94  ? 290 LEU A O   1 
ATOM   1001 C  CB  . LEU A 1 143 ? -5.121  4.398   -16.456 1.00 60.59  ? 290 LEU A CB  1 
ATOM   1002 C  CG  . LEU A 1 143 ? -4.242  3.838   -17.574 1.00 60.63  ? 290 LEU A CG  1 
ATOM   1003 C  CD1 . LEU A 1 143 ? -4.855  2.577   -18.161 1.00 59.54  ? 290 LEU A CD1 1 
ATOM   1004 C  CD2 . LEU A 1 143 ? -4.041  4.923   -18.620 1.00 59.14  ? 290 LEU A CD2 1 
ATOM   1005 N  N   . PHE A 1 144 ? -3.551  3.883   -13.715 1.00 55.70  ? 291 PHE A N   1 
ATOM   1006 C  CA  . PHE A 1 144 ? -2.357  3.522   -12.958 1.00 53.02  ? 291 PHE A CA  1 
ATOM   1007 C  C   . PHE A 1 144 ? -2.577  2.233   -12.190 1.00 58.07  ? 291 PHE A C   1 
ATOM   1008 O  O   . PHE A 1 144 ? -1.745  1.320   -12.231 1.00 61.28  ? 291 PHE A O   1 
ATOM   1009 C  CB  . PHE A 1 144 ? -2.000  4.649   -11.993 1.00 45.89  ? 291 PHE A CB  1 
ATOM   1010 C  CG  . PHE A 1 144 ? -0.829  4.349   -11.105 1.00 45.39  ? 291 PHE A CG  1 
ATOM   1011 C  CD1 . PHE A 1 144 ? 0.476   4.522   -11.540 1.00 47.47  ? 291 PHE A CD1 1 
ATOM   1012 C  CD2 . PHE A 1 144 ? -1.048  3.879   -9.820  1.00 47.66  ? 291 PHE A CD2 1 
ATOM   1013 C  CE1 . PHE A 1 144 ? 1.537   4.245   -10.690 1.00 44.11  ? 291 PHE A CE1 1 
ATOM   1014 C  CE2 . PHE A 1 144 ? 0.005   3.595   -8.977  1.00 51.80  ? 291 PHE A CE2 1 
ATOM   1015 C  CZ  . PHE A 1 144 ? 1.299   3.776   -9.414  1.00 42.92  ? 291 PHE A CZ  1 
ATOM   1016 N  N   . CYS A 1 145 ? -3.683  2.166   -11.442 1.00 55.88  ? 292 CYS A N   1 
ATOM   1017 C  CA  . CYS A 1 145 ? -3.980  0.964   -10.670 1.00 63.68  ? 292 CYS A CA  1 
ATOM   1018 C  C   . CYS A 1 145 ? -4.026  -0.271  -11.568 1.00 63.03  ? 292 CYS A C   1 
ATOM   1019 O  O   . CYS A 1 145 ? -3.421  -1.308  -11.261 1.00 53.59  ? 292 CYS A O   1 
ATOM   1020 C  CB  . CYS A 1 145 ? -5.299  1.159   -9.928  1.00 62.69  ? 292 CYS A CB  1 
ATOM   1021 S  SG  . CYS A 1 145 ? -5.960  -0.312  -9.130  1.00 90.56  ? 292 CYS A SG  1 
ATOM   1022 N  N   . ARG A 1 146 ? -4.726  -0.163  -12.699 1.00 65.53  ? 293 ARG A N   1 
ATOM   1023 C  CA  . ARG A 1 146 ? -4.870  -1.300  -13.607 1.00 52.97  ? 293 ARG A CA  1 
ATOM   1024 C  C   . ARG A 1 146 ? -3.523  -1.720  -14.198 1.00 55.60  ? 293 ARG A C   1 
ATOM   1025 O  O   . ARG A 1 146 ? -3.210  -2.919  -14.267 1.00 62.84  ? 293 ARG A O   1 
ATOM   1026 C  CB  . ARG A 1 146 ? -5.866  -0.906  -14.702 1.00 69.92  ? 293 ARG A CB  1 
ATOM   1027 C  CG  . ARG A 1 146 ? -6.642  -2.016  -15.373 1.00 87.17  ? 293 ARG A CG  1 
ATOM   1028 C  CD  . ARG A 1 146 ? -7.456  -1.440  -16.544 1.00 105.12 ? 293 ARG A CD  1 
ATOM   1029 N  NE  . ARG A 1 146 ? -8.434  -0.429  -16.118 1.00 103.02 ? 293 ARG A NE  1 
ATOM   1030 C  CZ  . ARG A 1 146 ? -8.911  0.545   -16.893 1.00 109.64 ? 293 ARG A CZ  1 
ATOM   1031 N  NH1 . ARG A 1 146 ? -8.508  0.655   -18.148 1.00 106.31 ? 293 ARG A NH1 1 
ATOM   1032 N  NH2 . ARG A 1 146 ? -9.795  1.404   -16.409 1.00 95.41  ? 293 ARG A NH2 1 
ATOM   1033 N  N   . THR A 1 147 ? -2.704  -0.744  -14.614 1.00 60.47  ? 294 THR A N   1 
ATOM   1034 C  CA  . THR A 1 147 ? -1.409  -1.050  -15.216 1.00 56.66  ? 294 THR A CA  1 
ATOM   1035 C  C   . THR A 1 147 ? -0.472  -1.696  -14.202 1.00 51.88  ? 294 THR A C   1 
ATOM   1036 O  O   . THR A 1 147 ? 0.234   -2.667  -14.523 1.00 58.44  ? 294 THR A O   1 
ATOM   1037 C  CB  . THR A 1 147 ? -0.781  0.224   -15.780 1.00 58.84  ? 294 THR A CB  1 
ATOM   1038 O  OG1 . THR A 1 147 ? -1.694  0.857   -16.683 1.00 56.88  ? 294 THR A OG1 1 
ATOM   1039 C  CG2 . THR A 1 147 ? 0.506   -0.103  -16.528 1.00 57.56  ? 294 THR A CG2 1 
ATOM   1040 N  N   . LEU A 1 148 ? -0.425  -1.148  -12.984 1.00 53.07  ? 295 LEU A N   1 
ATOM   1041 C  CA  . LEU A 1 148 ? 0.445   -1.704  -11.960 1.00 51.64  ? 295 LEU A CA  1 
ATOM   1042 C  C   . LEU A 1 148 ? 0.024   -3.122  -11.623 1.00 54.75  ? 295 LEU A C   1 
ATOM   1043 O  O   . LEU A 1 148 ? 0.873   -3.996  -11.405 1.00 60.20  ? 295 LEU A O   1 
ATOM   1044 C  CB  . LEU A 1 148 ? 0.405   -0.832  -10.708 1.00 56.34  ? 295 LEU A CB  1 
ATOM   1045 C  CG  . LEU A 1 148 ? 1.397   -1.188  -9.598  1.00 48.71  ? 295 LEU A CG  1 
ATOM   1046 C  CD1 . LEU A 1 148 ? 2.821   -1.149  -10.101 1.00 58.01  ? 295 LEU A CD1 1 
ATOM   1047 C  CD2 . LEU A 1 148 ? 1.225   -0.260  -8.404  1.00 58.88  ? 295 LEU A CD2 1 
ATOM   1048 N  N   . GLU A 1 149 ? -1.288  -3.369  -11.580 1.00 61.95  ? 296 GLU A N   1 
ATOM   1049 C  CA  . GLU A 1 149 ? -1.772  -4.724  -11.348 1.00 54.88  ? 296 GLU A CA  1 
ATOM   1050 C  C   . GLU A 1 149 ? -1.289  -5.677  -12.437 1.00 62.58  ? 296 GLU A C   1 
ATOM   1051 O  O   . GLU A 1 149 ? -0.799  -6.775  -12.144 1.00 68.06  ? 296 GLU A O   1 
ATOM   1052 C  CB  . GLU A 1 149 ? -3.296  -4.727  -11.262 1.00 59.40  ? 296 GLU A CB  1 
ATOM   1053 C  CG  . GLU A 1 149 ? -3.879  -5.903  -10.483 1.00 54.69  ? 296 GLU A CG  1 
ATOM   1054 N  N   . ASP A 1 150 ? -1.440  -5.290  -13.705 1.00 62.97  ? 297 ASP A N   1 
ATOM   1055 C  CA  . ASP A 1 150 ? -0.938  -6.139  -14.788 1.00 57.52  ? 297 ASP A CA  1 
ATOM   1056 C  C   . ASP A 1 150 ? 0.550   -6.460  -14.622 1.00 63.25  ? 297 ASP A C   1 
ATOM   1057 O  O   . ASP A 1 150 ? 0.964   -7.640  -14.625 1.00 68.89  ? 297 ASP A O   1 
ATOM   1058 C  CB  . ASP A 1 150 ? -1.157  -5.471  -16.151 1.00 56.73  ? 297 ASP A CB  1 
ATOM   1059 C  CG  . ASP A 1 150 ? -2.614  -5.417  -16.554 1.00 71.78  ? 297 ASP A CG  1 
ATOM   1060 O  OD1 . ASP A 1 150 ? -3.477  -5.772  -15.725 1.00 73.75  ? 297 ASP A OD1 1 
ATOM   1061 O  OD2 . ASP A 1 150 ? -2.890  -5.052  -17.717 1.00 85.13  ? 297 ASP A OD2 1 
ATOM   1062 N  N   . ILE A 1 151 ? 1.351   -5.422  -14.348 1.00 60.88  ? 298 ILE A N   1 
ATOM   1063 C  CA  . ILE A 1 151 ? 2.782   -5.624  -14.171 1.00 61.22  ? 298 ILE A CA  1 
ATOM   1064 C  C   . ILE A 1 151 ? 3.039   -6.628  -13.065 1.00 54.19  ? 298 ILE A C   1 
ATOM   1065 O  O   . ILE A 1 151 ? 3.797   -7.593  -13.239 1.00 60.76  ? 298 ILE A O   1 
ATOM   1066 C  CB  . ILE A 1 151 ? 3.487   -4.290  -13.874 1.00 52.30  ? 298 ILE A CB  1 
ATOM   1067 C  CG1 . ILE A 1 151 ? 3.454   -3.374  -15.097 1.00 53.49  ? 298 ILE A CG1 1 
ATOM   1068 C  CG2 . ILE A 1 151 ? 4.931   -4.540  -13.446 1.00 57.62  ? 298 ILE A CG2 1 
ATOM   1069 C  CD1 . ILE A 1 151 ? 3.891   -1.957  -14.808 1.00 51.33  ? 298 ILE A CD1 1 
ATOM   1070 N  N   . LEU A 1 152 ? 2.434   -6.414  -11.903 1.00 55.40  ? 299 LEU A N   1 
ATOM   1071 C  CA  . LEU A 1 152 ? 2.722   -7.310  -10.792 1.00 66.90  ? 299 LEU A CA  1 
ATOM   1072 C  C   . LEU A 1 152 ? 2.224   -8.717  -11.093 1.00 69.67  ? 299 LEU A C   1 
ATOM   1073 O  O   . LEU A 1 152 ? 2.830   -9.697  -10.667 1.00 64.10  ? 299 LEU A O   1 
ATOM   1074 C  CB  . LEU A 1 152 ? 2.065   -6.779  -9.527  1.00 62.66  ? 299 LEU A CB  1 
ATOM   1075 C  CG  . LEU A 1 152 ? 2.643   -5.469  -8.962  1.00 61.66  ? 299 LEU A CG  1 
ATOM   1076 C  CD1 . LEU A 1 152 ? 1.770   -4.964  -7.803  1.00 57.66  ? 299 LEU A CD1 1 
ATOM   1077 C  CD2 . LEU A 1 152 ? 4.097   -5.587  -8.583  1.00 69.73  ? 299 LEU A CD2 1 
ATOM   1078 N  N   . ALA A 1 153 ? 1.219   -8.853  -11.952 1.00 64.89  ? 300 ALA A N   1 
ATOM   1079 C  CA  . ALA A 1 153 ? 0.715   -10.190 -12.258 1.00 66.73  ? 300 ALA A CA  1 
ATOM   1080 C  C   . ALA A 1 153 ? 1.742   -10.988 -13.046 1.00 70.11  ? 300 ALA A C   1 
ATOM   1081 O  O   . ALA A 1 153 ? 1.884   -12.206 -12.850 1.00 76.53  ? 300 ALA A O   1 
ATOM   1082 C  CB  . ALA A 1 153 ? -0.602  -10.096 -13.027 1.00 64.53  ? 300 ALA A CB  1 
ATOM   1083 N  N   . ASP A 1 154 ? 2.435   -10.322 -13.966 1.00 66.87  ? 301 ASP A N   1 
ATOM   1084 C  CA  . ASP A 1 154 ? 3.497   -10.960 -14.747 1.00 61.86  ? 301 ASP A CA  1 
ATOM   1085 C  C   . ASP A 1 154 ? 4.868   -11.002 -14.072 1.00 62.40  ? 301 ASP A C   1 
ATOM   1086 O  O   . ASP A 1 154 ? 5.802   -11.559 -14.657 1.00 68.23  ? 301 ASP A O   1 
ATOM   1087 C  CB  . ASP A 1 154 ? 3.619   -10.256 -16.109 1.00 76.36  ? 301 ASP A CB  1 
ATOM   1088 C  CG  . ASP A 1 154 ? 2.460   -10.582 -17.051 1.00 86.95  ? 301 ASP A CG  1 
ATOM   1089 O  OD1 . ASP A 1 154 ? 1.875   -11.674 -16.936 1.00 90.30  ? 301 ASP A OD1 1 
ATOM   1090 O  OD2 . ASP A 1 154 ? 2.129   -9.723  -17.897 1.00 87.95  ? 301 ASP A OD2 1 
ATOM   1091 N  N   . ALA A 1 155 ? 5.017   -10.542 -12.759 1.00 61.58  ? 302 ALA A N   1 
ATOM   1092 C  CA  . ALA A 1 155 ? 6.360   -10.275 -12.238 1.00 74.11  ? 302 ALA A CA  1 
ATOM   1093 C  C   . ALA A 1 155 ? 6.882   -11.432 -11.396 1.00 82.06  ? 302 ALA A C   1 
ATOM   1094 O  O   . ALA A 1 155 ? 6.098   -12.201 -10.834 1.00 89.88  ? 302 ALA A O   1 
ATOM   1095 C  CB  . ALA A 1 155 ? 6.365   -9.016  -11.371 1.00 78.00  ? 302 ALA A CB  1 
ATOM   1096 N  N   . PRO A 1 156 ? 8.208   -11.697 -11.428 1.00 96.07  ? 303 PRO A N   1 
ATOM   1097 C  CA  . PRO A 1 156 ? 8.684   -12.938 -10.812 1.00 94.78  ? 303 PRO A CA  1 
ATOM   1098 C  C   . PRO A 1 156 ? 8.782   -12.861 -9.300  1.00 101.83 ? 303 PRO A C   1 
ATOM   1099 O  O   . PRO A 1 156 ? 9.709   -12.241 -8.773  1.00 102.40 ? 303 PRO A O   1 
ATOM   1100 C  CB  . PRO A 1 156 ? 10.087  -13.083 -11.410 1.00 94.08  ? 303 PRO A CB  1 
ATOM   1101 C  CG  . PRO A 1 156 ? 10.554  -11.624 -11.545 1.00 90.41  ? 303 PRO A CG  1 
ATOM   1102 C  CD  . PRO A 1 156 ? 9.308   -10.808 -11.855 1.00 91.85  ? 303 PRO A CD  1 
ATOM   1103 N  N   . GLU A 1 157 ? 7.806   -13.440 -8.595  1.00 100.65 ? 304 GLU A N   1 
ATOM   1104 C  CA  . GLU A 1 157 ? 7.797   -13.566 -7.139  1.00 102.54 ? 304 GLU A CA  1 
ATOM   1105 C  C   . GLU A 1 157 ? 7.429   -12.249 -6.456  1.00 117.49 ? 304 GLU A C   1 
ATOM   1106 O  O   . GLU A 1 157 ? 6.679   -12.233 -5.481  1.00 107.54 ? 304 GLU A O   1 
ATOM   1107 C  CB  . GLU A 1 157 ? 9.155   -14.102 -6.638  1.00 101.00 ? 304 GLU A CB  1 
ATOM   1108 N  N   . SER A 1 158 ? 7.956   -11.146 -6.992  1.00 109.01 ? 305 SER A N   1 
ATOM   1109 C  CA  . SER A 1 158 ? 7.734   -9.805  -6.443  1.00 95.80  ? 305 SER A CA  1 
ATOM   1110 C  C   . SER A 1 158 ? 6.263   -9.510  -6.136  1.00 108.26 ? 305 SER A C   1 
ATOM   1111 O  O   . SER A 1 158 ? 5.929   -9.060  -5.035  1.00 105.64 ? 305 SER A O   1 
ATOM   1112 C  CB  . SER A 1 158 ? 8.312   -8.776  -7.425  1.00 91.08  ? 305 SER A CB  1 
ATOM   1113 O  OG  . SER A 1 158 ? 9.734   -8.849  -7.485  1.00 83.80  ? 305 SER A OG  1 
ATOM   1114 N  N   . GLN A 1 159 ? 5.369   -9.837  -7.071  1.00 106.96 ? 306 GLN A N   1 
ATOM   1115 C  CA  . GLN A 1 159 ? 3.931   -9.644  -6.898  1.00 99.06  ? 306 GLN A CA  1 
ATOM   1116 C  C   . GLN A 1 159 ? 3.376   -10.345 -5.664  1.00 107.35 ? 306 GLN A C   1 
ATOM   1117 O  O   . GLN A 1 159 ? 2.445   -9.846  -5.021  1.00 100.31 ? 306 GLN A O   1 
ATOM   1118 C  CB  . GLN A 1 159 ? 3.147   -10.103 -8.118  1.00 101.74 ? 306 GLN A CB  1 
ATOM   1119 C  CG  . GLN A 1 159 ? 3.074   -11.597 -8.245  1.00 98.80  ? 306 GLN A CG  1 
ATOM   1120 N  N   . ASN A 1 160 ? 3.949   -11.485 -5.311  1.00 117.95 ? 307 ASN A N   1 
ATOM   1121 C  CA  . ASN A 1 160 ? 3.510   -12.316 -4.203  1.00 104.78 ? 307 ASN A CA  1 
ATOM   1122 C  C   . ASN A 1 160 ? 3.900   -11.711 -2.879  1.00 96.53  ? 307 ASN A C   1 
ATOM   1123 O  O   . ASN A 1 160 ? 3.492   -12.228 -1.834  1.00 84.45  ? 307 ASN A O   1 
ATOM   1124 C  CB  . ASN A 1 160 ? 4.119   -13.709 -4.397  1.00 110.31 ? 307 ASN A CB  1 
ATOM   1125 C  CG  . ASN A 1 160 ? 3.572   -14.721 -3.437  1.00 110.68 ? 307 ASN A CG  1 
ATOM   1126 O  OD1 . ASN A 1 160 ? 2.358   -14.841 -3.270  1.00 104.96 ? 307 ASN A OD1 1 
ATOM   1127 N  ND2 . ASN A 1 160 ? 4.460   -15.479 -2.811  1.00 113.60 ? 307 ASN A ND2 1 
ATOM   1128 N  N   . ASN A 1 161 ? 4.663   -10.627 -2.917  1.00 94.68  ? 308 ASN A N   1 
ATOM   1129 C  CA  . ASN A 1 161 ? 5.125   -9.962  -1.723  1.00 84.16  ? 308 ASN A CA  1 
ATOM   1130 C  C   . ASN A 1 161 ? 4.307   -8.705  -1.420  1.00 76.31  ? 308 ASN A C   1 
ATOM   1131 O  O   . ASN A 1 161 ? 4.587   -8.034  -0.422  1.00 76.54  ? 308 ASN A O   1 
ATOM   1132 C  CB  . ASN A 1 161 ? 6.578   -9.530  -1.936  1.00 88.50  ? 308 ASN A CB  1 
ATOM   1133 C  CG  . ASN A 1 161 ? 7.524   -10.695 -2.091  1.00 101.45 ? 308 ASN A CG  1 
ATOM   1134 O  OD1 . ASN A 1 161 ? 7.329   -11.760 -1.513  1.00 113.01 ? 308 ASN A OD1 1 
ATOM   1135 N  ND2 . ASN A 1 161 ? 8.529   -10.512 -2.938  1.00 101.58 ? 308 ASN A ND2 1 
ATOM   1136 N  N   . CYS A 1 162 ? 3.312   -8.366  -2.252  1.00 75.21  ? 309 CYS A N   1 
ATOM   1137 C  CA  . CYS A 1 162 ? 2.457   -7.214  -1.982  1.00 72.93  ? 309 CYS A CA  1 
ATOM   1138 C  C   . CYS A 1 162 ? 1.050   -7.377  -2.561  1.00 77.55  ? 309 CYS A C   1 
ATOM   1139 O  O   . CYS A 1 162 ? 0.778   -8.273  -3.367  1.00 87.46  ? 309 CYS A O   1 
ATOM   1140 C  CB  . CYS A 1 162 ? 3.086   -5.921  -2.523  1.00 73.81  ? 309 CYS A CB  1 
ATOM   1141 S  SG  . CYS A 1 162 ? 3.005   -5.774  -4.322  1.00 80.86  ? 309 CYS A SG  1 
ATOM   1142 N  N   . ARG A 1 163 ? 0.168   -6.439  -2.168  1.00 73.32  ? 310 ARG A N   1 
ATOM   1143 C  CA  . ARG A 1 163 ? -1.234  -6.378  -2.591  1.00 58.15  ? 310 ARG A CA  1 
ATOM   1144 C  C   . ARG A 1 163 ? -1.681  -4.929  -2.751  1.00 57.45  ? 310 ARG A C   1 
ATOM   1145 O  O   . ARG A 1 163 ? -1.454  -4.112  -1.851  1.00 54.20  ? 310 ARG A O   1 
ATOM   1146 C  CB  . ARG A 1 163 ? -2.147  -7.089  -1.576  1.00 59.78  ? 310 ARG A CB  1 
ATOM   1147 N  N   . LEU A 1 164 ? -2.294  -4.604  -3.895  1.00 60.20  ? 311 LEU A N   1 
ATOM   1148 C  CA  . LEU A 1 164 ? -2.814  -3.257  -4.154  1.00 51.99  ? 311 LEU A CA  1 
ATOM   1149 C  C   . LEU A 1 164 ? -4.226  -3.081  -3.596  1.00 56.81  ? 311 LEU A C   1 
ATOM   1150 O  O   . LEU A 1 164 ? -5.112  -3.914  -3.823  1.00 57.48  ? 311 LEU A O   1 
ATOM   1151 C  CB  . LEU A 1 164 ? -2.795  -2.924  -5.645  1.00 58.68  ? 311 LEU A CB  1 
ATOM   1152 C  CG  . LEU A 1 164 ? -1.480  -3.114  -6.388  1.00 64.52  ? 311 LEU A CG  1 
ATOM   1153 C  CD1 . LEU A 1 164 ? -1.664  -2.721  -7.835  1.00 69.87  ? 311 LEU A CD1 1 
ATOM   1154 C  CD2 . LEU A 1 164 ? -0.428  -2.228  -5.729  1.00 69.81  ? 311 LEU A CD2 1 
ATOM   1155 N  N   . ILE A 1 165 ? -4.418  -1.991  -2.858  1.00 59.45  ? 312 ILE A N   1 
ATOM   1156 C  CA  . ILE A 1 165 ? -5.692  -1.644  -2.248  1.00 52.36  ? 312 ILE A CA  1 
ATOM   1157 C  C   . ILE A 1 165 ? -6.192  -0.325  -2.834  1.00 55.16  ? 312 ILE A C   1 
ATOM   1158 O  O   . ILE A 1 165 ? -5.828  0.753   -2.350  1.00 59.12  ? 312 ILE A O   1 
ATOM   1159 C  CB  . ILE A 1 165 ? -5.553  -1.543  -0.728  1.00 52.38  ? 312 ILE A CB  1 
ATOM   1160 C  CG1 . ILE A 1 165 ? -5.090  -2.885  -0.161  1.00 61.79  ? 312 ILE A CG1 1 
ATOM   1161 C  CG2 . ILE A 1 165 ? -6.897  -1.189  -0.108  1.00 50.81  ? 312 ILE A CG2 1 
ATOM   1162 C  CD1 . ILE A 1 165 ? -5.037  -2.956  1.348   1.00 60.11  ? 312 ILE A CD1 1 
ATOM   1163 N  N   . ALA A 1 166 ? -7.050  -0.395  -3.846  1.00 56.90  ? 313 ALA A N   1 
ATOM   1164 C  CA  . ALA A 1 166 ? -7.568  0.798   -4.494  1.00 55.19  ? 313 ALA A CA  1 
ATOM   1165 C  C   . ALA A 1 166 ? -8.995  1.013   -4.019  1.00 66.78  ? 313 ALA A C   1 
ATOM   1166 O  O   . ALA A 1 166 ? -9.770  0.057   -3.912  1.00 69.18  ? 313 ALA A O   1 
ATOM   1167 C  CB  . ALA A 1 166 ? -7.537  0.673   -6.016  1.00 61.62  ? 313 ALA A CB  1 
ATOM   1168 N  N   . TYR A 1 167 ? -9.349  2.268   -3.760  1.00 67.91  ? 314 TYR A N   1 
ATOM   1169 C  CA  . TYR A 1 167 ? -10.658 2.520   -3.199  1.00 67.80  ? 314 TYR A CA  1 
ATOM   1170 C  C   . TYR A 1 167 ? -11.075 3.928   -3.577  1.00 70.48  ? 314 TYR A C   1 
ATOM   1171 O  O   . TYR A 1 167 ? -10.250 4.844   -3.640  1.00 65.92  ? 314 TYR A O   1 
ATOM   1172 C  CB  . TYR A 1 167 ? -10.692 2.444   -1.668  1.00 65.97  ? 314 TYR A CB  1 
ATOM   1173 C  CG  . TYR A 1 167 ? -9.593  3.237   -0.993  1.00 58.43  ? 314 TYR A CG  1 
ATOM   1174 C  CD1 . TYR A 1 167 ? -8.309  2.732   -0.877  1.00 68.51  ? 314 TYR A CD1 1 
ATOM   1175 C  CD2 . TYR A 1 167 ? -9.850  4.503   -0.469  1.00 61.98  ? 314 TYR A CD2 1 
ATOM   1176 C  CE1 . TYR A 1 167 ? -7.308  3.460   -0.261  1.00 62.44  ? 314 TYR A CE1 1 
ATOM   1177 C  CE2 . TYR A 1 167 ? -8.851  5.239   0.150   1.00 59.08  ? 314 TYR A CE2 1 
ATOM   1178 C  CZ  . TYR A 1 167 ? -7.580  4.711   0.252   1.00 56.30  ? 314 TYR A CZ  1 
ATOM   1179 O  OH  . TYR A 1 167 ? -6.563  5.414   0.859   1.00 59.76  ? 314 TYR A OH  1 
ATOM   1180 N  N   . GLN A 1 168 ? -12.366 4.085   -3.805  1.00 75.48  ? 315 GLN A N   1 
ATOM   1181 C  CA  . GLN A 1 168 ? -13.002 5.375   -3.998  1.00 74.62  ? 315 GLN A CA  1 
ATOM   1182 C  C   . GLN A 1 168 ? -13.810 5.692   -2.745  1.00 68.63  ? 315 GLN A C   1 
ATOM   1183 O  O   . GLN A 1 168 ? -14.599 4.860   -2.287  1.00 92.43  ? 315 GLN A O   1 
ATOM   1184 C  CB  . GLN A 1 168 ? -13.864 5.361   -5.259  1.00 78.69  ? 315 GLN A CB  1 
ATOM   1185 C  CG  . GLN A 1 168 ? -14.392 6.721   -5.594  1.00 80.80  ? 315 GLN A CG  1 
ATOM   1186 C  CD  . GLN A 1 168 ? -14.439 6.975   -7.081  1.00 81.60  ? 315 GLN A CD  1 
ATOM   1187 O  OE1 . GLN A 1 168 ? -14.440 6.052   -7.895  1.00 82.20  ? 315 GLN A OE1 1 
ATOM   1188 N  NE2 . GLN A 1 168 ? -14.475 8.250   -7.446  1.00 89.57  ? 315 GLN A NE2 1 
ATOM   1189 N  N   . GLU A 1 169 ? -13.600 6.882   -2.190  1.00 67.52  ? 316 GLU A N   1 
ATOM   1190 C  CA  . GLU A 1 169 ? -14.300 7.323   -0.997  1.00 87.18  ? 316 GLU A CA  1 
ATOM   1191 C  C   . GLU A 1 169 ? -15.592 8.013   -1.406  1.00 86.54  ? 316 GLU A C   1 
ATOM   1192 O  O   . GLU A 1 169 ? -15.619 8.754   -2.388  1.00 89.21  ? 316 GLU A O   1 
ATOM   1193 C  CB  . GLU A 1 169 ? -13.449 8.265   -0.156  1.00 85.96  ? 316 GLU A CB  1 
ATOM   1194 C  CG  . GLU A 1 169 ? -12.234 7.591   0.462   1.00 78.68  ? 316 GLU A CG  1 
ATOM   1195 C  CD  . GLU A 1 169 ? -11.037 8.509   0.541   1.00 87.34  ? 316 GLU A CD  1 
ATOM   1196 O  OE1 . GLU A 1 169 ? -10.288 8.576   -0.457  1.00 80.83  ? 316 GLU A OE1 1 
ATOM   1197 O  OE2 . GLU A 1 169 ? -10.836 9.163   1.587   1.00 96.61  ? 316 GLU A OE2 1 
ATOM   1198 N  N   . PRO A 1 170 ? -16.648 7.795   -0.642  1.00 87.46  ? 317 PRO A N   1 
ATOM   1199 C  CA  . PRO A 1 170 ? -17.957 8.312   -1.054  1.00 92.92  ? 317 PRO A CA  1 
ATOM   1200 C  C   . PRO A 1 170 ? -18.086 9.817   -0.931  1.00 103.68 ? 317 PRO A C   1 
ATOM   1201 O  O   . PRO A 1 170 ? -17.155 10.500  -0.497  1.00 99.20  ? 317 PRO A O   1 
ATOM   1202 C  CB  . PRO A 1 170 ? -18.920 7.602   -0.093  1.00 94.74  ? 317 PRO A CB  1 
ATOM   1203 C  CG  . PRO A 1 170 ? -18.081 7.367   1.150   1.00 91.90  ? 317 PRO A CG  1 
ATOM   1204 C  CD  . PRO A 1 170 ? -16.679 7.128   0.677   1.00 93.28  ? 317 PRO A CD  1 
ATOM   1205 N  N   . ALA A 1 171 ? -19.247 10.335  -1.309  1.00 110.25 ? 318 ALA A N   1 
ATOM   1206 C  CA  . ALA A 1 171 ? -19.512 11.762  -1.223  1.00 108.16 ? 318 ALA A CA  1 
ATOM   1207 C  C   . ALA A 1 171 ? -20.866 12.044  -0.593  1.00 92.78  ? 318 ALA A C   1 
ATOM   1208 O  O   . ALA A 1 171 ? -21.137 11.618  0.527   1.00 102.81 ? 318 ALA A O   1 
ATOM   1209 C  CB  . ALA A 1 171 ? -19.428 12.387  -2.618  1.00 108.62 ? 318 ALA A CB  1 
ATOM   1210 N  N   . PHE A 1 176 ? -16.959 5.973   5.051   1.00 88.82  ? 323 PHE A N   1 
ATOM   1211 C  CA  . PHE A 1 176 ? -15.888 5.050   4.705   1.00 92.29  ? 323 PHE A CA  1 
ATOM   1212 C  C   . PHE A 1 176 ? -14.818 4.884   5.777   1.00 86.61  ? 323 PHE A C   1 
ATOM   1213 O  O   . PHE A 1 176 ? -14.300 5.857   6.315   1.00 81.95  ? 323 PHE A O   1 
ATOM   1214 C  CB  . PHE A 1 176 ? -15.235 5.476   3.360   1.00 91.03  ? 323 PHE A CB  1 
ATOM   1215 C  CG  . PHE A 1 176 ? -14.075 4.608   2.950   1.00 85.25  ? 323 PHE A CG  1 
ATOM   1216 C  CD1 . PHE A 1 176 ? -14.271 3.408   2.295   1.00 89.93  ? 323 PHE A CD1 1 
ATOM   1217 C  CD2 . PHE A 1 176 ? -12.776 5.026   3.196   1.00 73.65  ? 323 PHE A CD2 1 
ATOM   1218 C  CE1 . PHE A 1 176 ? -13.195 2.609   1.942   1.00 81.06  ? 323 PHE A CE1 1 
ATOM   1219 C  CE2 . PHE A 1 176 ? -11.696 4.244   2.831   1.00 68.43  ? 323 PHE A CE2 1 
ATOM   1220 C  CZ  . PHE A 1 176 ? -11.905 3.033   2.200   1.00 76.26  ? 323 PHE A CZ  1 
ATOM   1221 N  N   . SER A 1 177 ? -14.465 3.624   6.046   1.00 77.48  ? 324 SER A N   1 
ATOM   1222 C  CA  . SER A 1 177 ? -13.457 3.263   7.041   1.00 63.23  ? 324 SER A CA  1 
ATOM   1223 C  C   . SER A 1 177 ? -12.295 2.627   6.288   1.00 64.01  ? 324 SER A C   1 
ATOM   1224 O  O   . SER A 1 177 ? -12.421 1.516   5.760   1.00 68.38  ? 324 SER A O   1 
ATOM   1225 C  CB  . SER A 1 177 ? -14.040 2.309   8.086   1.00 61.18  ? 324 SER A CB  1 
ATOM   1226 O  OG  . SER A 1 177 ? -13.025 1.737   8.888   1.00 70.15  ? 324 SER A OG  1 
ATOM   1227 N  N   . LEU A 1 178 ? -11.174 3.350   6.213   1.00 62.32  ? 325 LEU A N   1 
ATOM   1228 C  CA  . LEU A 1 178 ? -9.993  2.808   5.552   1.00 64.92  ? 325 LEU A CA  1 
ATOM   1229 C  C   . LEU A 1 178 ? -9.441  1.609   6.315   1.00 61.69  ? 325 LEU A C   1 
ATOM   1230 O  O   . LEU A 1 178 ? -9.011  0.617   5.705   1.00 57.27  ? 325 LEU A O   1 
ATOM   1231 C  CB  . LEU A 1 178 ? -8.942  3.907   5.423   1.00 56.34  ? 325 LEU A CB  1 
ATOM   1232 C  CG  . LEU A 1 178 ? -7.655  3.603   4.653   1.00 60.75  ? 325 LEU A CG  1 
ATOM   1233 C  CD1 . LEU A 1 178 ? -8.015  3.014   3.276   1.00 54.11  ? 325 LEU A CD1 1 
ATOM   1234 C  CD2 . LEU A 1 178 ? -6.767  4.826   4.528   1.00 62.14  ? 325 LEU A CD2 1 
ATOM   1235 N  N   . SER A 1 179 ? -9.462  1.671   7.652   1.00 56.52  ? 326 SER A N   1 
ATOM   1236 C  CA  . SER A 1 179 ? -8.937  0.572   8.453   1.00 66.71  ? 326 SER A CA  1 
ATOM   1237 C  C   . SER A 1 179 ? -9.722  -0.707  8.214   1.00 59.56  ? 326 SER A C   1 
ATOM   1238 O  O   . SER A 1 179 ? -9.151  -1.806  8.176   1.00 57.31  ? 326 SER A O   1 
ATOM   1239 C  CB  . SER A 1 179 ? -8.983  0.928   9.941   1.00 55.73  ? 326 SER A CB  1 
ATOM   1240 O  OG  . SER A 1 179 ? -10.320 1.162   10.353  1.00 64.24  ? 326 SER A OG  1 
ATOM   1241 N  N   . GLN A 1 180 ? -11.043 -0.586  8.068   1.00 60.13  ? 327 GLN A N   1 
ATOM   1242 C  CA  . GLN A 1 180 ? -11.863 -1.761  7.807   1.00 64.34  ? 327 GLN A CA  1 
ATOM   1243 C  C   . GLN A 1 180 ? -11.545 -2.341  6.431   1.00 51.53  ? 327 GLN A C   1 
ATOM   1244 O  O   . GLN A 1 180 ? -11.522 -3.566  6.259   1.00 62.84  ? 327 GLN A O   1 
ATOM   1245 C  CB  . GLN A 1 180 ? -13.331 -1.394  7.958   1.00 66.86  ? 327 GLN A CB  1 
ATOM   1246 C  CG  . GLN A 1 180 ? -13.687 -1.249  9.438   1.00 56.79  ? 327 GLN A CG  1 
ATOM   1247 C  CD  . GLN A 1 180 ? -13.632 -2.562  10.194  1.00 55.86  ? 327 GLN A CD  1 
ATOM   1248 O  OE1 . GLN A 1 180 ? -12.947 -2.675  11.214  1.00 60.68  ? 327 GLN A OE1 1 
ATOM   1249 N  NE2 . GLN A 1 180 ? -14.326 -3.567  9.684   1.00 56.55  ? 327 GLN A NE2 1 
ATOM   1250 N  N   . GLU A 1 181 ? -11.285 -1.478  5.442   1.00 59.57  ? 328 GLU A N   1 
ATOM   1251 C  CA  . GLU A 1 181 ? -10.864 -1.956  4.131   1.00 63.72  ? 328 GLU A CA  1 
ATOM   1252 C  C   . GLU A 1 181 ? -9.557  -2.735  4.212   1.00 58.62  ? 328 GLU A C   1 
ATOM   1253 O  O   . GLU A 1 181 ? -9.415  -3.780  3.563   1.00 51.62  ? 328 GLU A O   1 
ATOM   1254 C  CB  . GLU A 1 181 ? -10.731 -0.787  3.156   1.00 68.27  ? 328 GLU A CB  1 
ATOM   1255 C  CG  . GLU A 1 181 ? -10.509 -1.248  1.726   1.00 84.73  ? 328 GLU A CG  1 
ATOM   1256 C  CD  . GLU A 1 181 ? -11.787 -1.601  0.996   1.00 95.10  ? 328 GLU A CD  1 
ATOM   1257 O  OE1 . GLU A 1 181 ? -12.876 -1.359  1.552   1.00 90.92  ? 328 GLU A OE1 1 
ATOM   1258 O  OE2 . GLU A 1 181 ? -11.697 -2.162  -0.112  1.00 106.57 ? 328 GLU A OE2 1 
ATOM   1259 N  N   . VAL A 1 182 ? -8.571  -2.215  4.951   1.00 61.31  ? 329 VAL A N   1 
ATOM   1260 C  CA  . VAL A 1 182 ? -7.298  -2.923  5.038   1.00 57.99  ? 329 VAL A CA  1 
ATOM   1261 C  C   . VAL A 1 182 ? -7.494  -4.260  5.746   1.00 58.94  ? 329 VAL A C   1 
ATOM   1262 O  O   . VAL A 1 182 ? -6.933  -5.290  5.333   1.00 56.05  ? 329 VAL A O   1 
ATOM   1263 C  CB  . VAL A 1 182 ? -6.258  -2.042  5.755   1.00 57.77  ? 329 VAL A CB  1 
ATOM   1264 C  CG1 . VAL A 1 182 ? -4.962  -2.807  5.967   1.00 57.49  ? 329 VAL A CG1 1 
ATOM   1265 C  CG2 . VAL A 1 182 ? -6.000  -0.774  4.954   1.00 50.75  ? 329 VAL A CG2 1 
ATOM   1266 N  N   . LEU A 1 183 ? -8.243  -4.257  6.847   1.00 54.85  ? 330 LEU A N   1 
ATOM   1267 C  CA  . LEU A 1 183 ? -8.510  -5.495  7.565   1.00 57.23  ? 330 LEU A CA  1 
ATOM   1268 C  C   . LEU A 1 183 ? -9.228  -6.532  6.703   1.00 58.67  ? 330 LEU A C   1 
ATOM   1269 O  O   . LEU A 1 183 ? -8.983  -7.736  6.848   1.00 53.00  ? 330 LEU A O   1 
ATOM   1270 C  CB  . LEU A 1 183 ? -9.319  -5.213  8.828   1.00 56.54  ? 330 LEU A CB  1 
ATOM   1271 C  CG  . LEU A 1 183 ? -8.462  -4.620  9.953   1.00 54.28  ? 330 LEU A CG  1 
ATOM   1272 C  CD1 . LEU A 1 183 ? -9.352  -3.998  11.002  1.00 61.31  ? 330 LEU A CD1 1 
ATOM   1273 C  CD2 . LEU A 1 183 ? -7.554  -5.705  10.512  1.00 56.46  ? 330 LEU A CD2 1 
ATOM   1274 N  N   . ARG A 1 184 ? -10.147 -6.099  5.829   1.00 56.03  ? 331 ARG A N   1 
ATOM   1275 C  CA  . ARG A 1 184 ? -10.807 -7.071  4.967   1.00 50.42  ? 331 ARG A CA  1 
ATOM   1276 C  C   . ARG A 1 184 ? -9.763  -7.842  4.150   1.00 54.15  ? 331 ARG A C   1 
ATOM   1277 O  O   . ARG A 1 184 ? -9.785  -9.084  4.105   1.00 60.01  ? 331 ARG A O   1 
ATOM   1278 C  CB  . ARG A 1 184 ? -11.771 -6.350  4.005   1.00 61.08  ? 331 ARG A CB  1 
ATOM   1279 C  CG  . ARG A 1 184 ? -12.783 -7.304  3.364   1.00 73.62  ? 331 ARG A CG  1 
ATOM   1280 C  CD  . ARG A 1 184 ? -13.852 -6.688  2.410   1.00 86.41  ? 331 ARG A CD  1 
ATOM   1281 N  NE  . ARG A 1 184 ? -13.224 -6.349  1.135   1.00 91.61  ? 331 ARG A NE  1 
ATOM   1282 C  CZ  . ARG A 1 184 ? -13.032 -5.139  0.615   1.00 103.70 ? 331 ARG A CZ  1 
ATOM   1283 N  NH1 . ARG A 1 184 ? -12.438 -5.038  -0.566  1.00 103.47 ? 331 ARG A NH1 1 
ATOM   1284 N  NH2 . ARG A 1 184 ? -13.480 -4.057  1.224   1.00 98.92  ? 331 ARG A NH2 1 
ATOM   1285 N  N   . HIS A 1 185 ? -8.798  -7.122  3.565   1.00 58.09  ? 332 HIS A N   1 
ATOM   1286 C  CA  . HIS A 1 185 ? -7.720  -7.749  2.804   1.00 49.01  ? 332 HIS A CA  1 
ATOM   1287 C  C   . HIS A 1 185 ? -6.834  -8.630  3.679   1.00 43.57  ? 332 HIS A C   1 
ATOM   1288 O  O   . HIS A 1 185 ? -6.434  -9.720  3.258   1.00 45.29  ? 332 HIS A O   1 
ATOM   1289 C  CB  . HIS A 1 185 ? -6.866  -6.680  2.121   1.00 55.52  ? 332 HIS A CB  1 
ATOM   1290 C  CG  . HIS A 1 185 ? -7.486  -6.101  0.889   1.00 60.47  ? 332 HIS A CG  1 
ATOM   1291 N  ND1 . HIS A 1 185 ? -8.440  -5.108  0.935   1.00 60.65  ? 332 HIS A ND1 1 
ATOM   1292 C  CD2 . HIS A 1 185 ? -7.278  -6.361  -0.423  1.00 49.59  ? 332 HIS A CD2 1 
ATOM   1293 C  CE1 . HIS A 1 185 ? -8.798  -4.788  -0.296  1.00 62.01  ? 332 HIS A CE1 1 
ATOM   1294 N  NE2 . HIS A 1 185 ? -8.109  -5.535  -1.139  1.00 53.03  ? 332 HIS A NE2 1 
ATOM   1295 N  N   . LEU A 1 186 ? -6.461  -8.153  4.866   1.00 47.80  ? 333 LEU A N   1 
ATOM   1296 C  CA  . LEU A 1 186 ? -5.587  -8.936  5.740   1.00 46.54  ? 333 LEU A CA  1 
ATOM   1297 C  C   . LEU A 1 186 ? -6.235  -10.256 6.131   1.00 54.00  ? 333 LEU A C   1 
ATOM   1298 O  O   . LEU A 1 186 ? -5.581  -11.312 6.142   1.00 50.12  ? 333 LEU A O   1 
ATOM   1299 C  CB  . LEU A 1 186 ? -5.255  -8.116  6.976   1.00 49.02  ? 333 LEU A CB  1 
ATOM   1300 C  CG  . LEU A 1 186 ? -4.312  -6.931  6.822   1.00 56.52  ? 333 LEU A CG  1 
ATOM   1301 C  CD1 . LEU A 1 186 ? -4.244  -6.178  8.139   1.00 55.60  ? 333 LEU A CD1 1 
ATOM   1302 C  CD2 . LEU A 1 186 ? -2.921  -7.382  6.437   1.00 68.52  ? 333 LEU A CD2 1 
ATOM   1303 N  N   . ARG A 1 187 ? -7.544  -10.222 6.389   1.00 57.97  ? 334 ARG A N   1 
ATOM   1304 C  CA  . ARG A 1 187 ? -8.257  -11.426 6.793   1.00 57.91  ? 334 ARG A CA  1 
ATOM   1305 C  C   . ARG A 1 187 ? -8.399  -12.371 5.616   1.00 51.37  ? 334 ARG A C   1 
ATOM   1306 O  O   . ARG A 1 187 ? -8.281  -13.600 5.766   1.00 51.53  ? 334 ARG A O   1 
ATOM   1307 C  CB  . ARG A 1 187 ? -9.598  -11.018 7.389   1.00 54.41  ? 334 ARG A CB  1 
ATOM   1308 C  CG  . ARG A 1 187 ? -9.431  -10.536 8.821   1.00 53.58  ? 334 ARG A CG  1 
ATOM   1309 C  CD  . ARG A 1 187 ? -10.591 -9.749  9.368   1.00 50.51  ? 334 ARG A CD  1 
ATOM   1310 N  NE  . ARG A 1 187 ? -10.291 -9.376  10.754  1.00 61.61  ? 334 ARG A NE  1 
ATOM   1311 C  CZ  . ARG A 1 187 ? -10.855 -8.378  11.425  1.00 55.07  ? 334 ARG A CZ  1 
ATOM   1312 N  NH1 . ARG A 1 187 ? -11.752 -7.597  10.840  1.00 52.52  ? 334 ARG A NH1 1 
ATOM   1313 N  NH2 . ARG A 1 187 ? -10.504 -8.164  12.682  1.00 64.33  ? 334 ARG A NH2 1 
ATOM   1314 N  N   . GLN A 1 188 ? -8.629  -11.818 4.425   1.00 50.47  ? 335 GLN A N   1 
ATOM   1315 C  CA  . GLN A 1 188 ? -8.646  -12.655 3.233   1.00 52.72  ? 335 GLN A CA  1 
ATOM   1316 C  C   . GLN A 1 188 ? -7.278  -13.290 2.968   1.00 59.84  ? 335 GLN A C   1 
ATOM   1317 O  O   . GLN A 1 188 ? -7.198  -14.468 2.582   1.00 58.91  ? 335 GLN A O   1 
ATOM   1318 C  CB  . GLN A 1 188 ? -9.097  -11.808 2.046   1.00 54.64  ? 335 GLN A CB  1 
ATOM   1319 C  CG  . GLN A 1 188 ? -9.119  -12.592 0.786   1.00 64.98  ? 335 GLN A CG  1 
ATOM   1320 C  CD  . GLN A 1 188 ? -10.043 -13.774 0.888   1.00 69.55  ? 335 GLN A CD  1 
ATOM   1321 O  OE1 . GLN A 1 188 ? -11.012 -13.755 1.648   1.00 69.28  ? 335 GLN A OE1 1 
ATOM   1322 N  NE2 . GLN A 1 188 ? -9.702  -14.843 0.195   1.00 70.59  ? 335 GLN A NE2 1 
ATOM   1323 N  N   . GLU A 1 189 ? -6.193  -12.528 3.164   1.00 53.84  ? 336 GLU A N   1 
ATOM   1324 C  CA  . GLU A 1 189 ? -4.854  -13.075 2.978   1.00 61.77  ? 336 GLU A CA  1 
ATOM   1325 C  C   . GLU A 1 189 ? -4.600  -14.245 3.917   1.00 49.12  ? 336 GLU A C   1 
ATOM   1326 O  O   . GLU A 1 189 ? -4.080  -15.294 3.505   1.00 61.59  ? 336 GLU A O   1 
ATOM   1327 C  CB  . GLU A 1 189 ? -3.782  -12.015 3.230   1.00 61.92  ? 336 GLU A CB  1 
ATOM   1328 C  CG  . GLU A 1 189 ? -2.368  -12.604 3.096   1.00 62.39  ? 336 GLU A CG  1 
ATOM   1329 C  CD  . GLU A 1 189 ? -1.256  -11.642 3.490   1.00 72.60  ? 336 GLU A CD  1 
ATOM   1330 O  OE1 . GLU A 1 189 ? -1.497  -10.777 4.353   1.00 78.41  ? 336 GLU A OE1 1 
ATOM   1331 O  OE2 . GLU A 1 189 ? -0.126  -11.790 2.973   1.00 90.95  ? 336 GLU A OE2 1 
ATOM   1332 N  N   . GLU A 1 190 ? -4.960  -14.078 5.196   1.00 51.70  ? 337 GLU A N   1 
ATOM   1333 C  CA  . GLU A 1 190 ? -4.775  -15.169 6.138   1.00 59.75  ? 337 GLU A CA  1 
ATOM   1334 C  C   . GLU A 1 190 ? -5.598  -16.380 5.721   1.00 59.81  ? 337 GLU A C   1 
ATOM   1335 O  O   . GLU A 1 190 ? -5.119  -17.518 5.817   1.00 59.75  ? 337 GLU A O   1 
ATOM   1336 C  CB  . GLU A 1 190 ? -5.118  -14.711 7.554   1.00 57.34  ? 337 GLU A CB  1 
ATOM   1337 C  CG  . GLU A 1 190 ? -4.671  -15.706 8.610   1.00 65.81  ? 337 GLU A CG  1 
ATOM   1338 C  CD  . GLU A 1 190 ? -5.099  -15.323 10.008  1.00 76.11  ? 337 GLU A CD  1 
ATOM   1339 O  OE1 . GLU A 1 190 ? -5.932  -14.406 10.148  1.00 73.15  ? 337 GLU A OE1 1 
ATOM   1340 O  OE2 . GLU A 1 190 ? -4.556  -15.908 10.966  1.00 69.91  ? 337 GLU A OE2 1 
ATOM   1341 N  N   . LYS A 1 191 ? -6.861  -16.170 5.329   1.00 58.69  ? 338 LYS A N   1 
ATOM   1342 C  CA  . LYS A 1 191 ? -7.674  -17.291 4.865   1.00 61.60  ? 338 LYS A CA  1 
ATOM   1343 C  C   . LYS A 1 191 ? -6.975  -18.055 3.740   1.00 65.34  ? 338 LYS A C   1 
ATOM   1344 O  O   . LYS A 1 191 ? -6.890  -19.289 3.767   1.00 71.43  ? 338 LYS A O   1 
ATOM   1345 C  CB  . LYS A 1 191 ? -9.029  -16.779 4.373   1.00 71.72  ? 338 LYS A CB  1 
ATOM   1346 C  CG  . LYS A 1 191 ? -9.993  -17.867 3.916   1.00 73.68  ? 338 LYS A CG  1 
ATOM   1347 C  CD  . LYS A 1 191 ? -11.326 -17.273 3.464   1.00 72.61  ? 338 LYS A CD  1 
ATOM   1348 C  CE  . LYS A 1 191 ? -12.260 -18.348 2.925   1.00 91.88  ? 338 LYS A CE  1 
ATOM   1349 N  NZ  . LYS A 1 191 ? -13.494 -17.776 2.315   1.00 102.47 ? 338 LYS A NZ  1 
ATOM   1350 N  N   . GLU A 1 192 ? -6.477  -17.327 2.732   1.00 65.40  ? 339 GLU A N   1 
ATOM   1351 C  CA  . GLU A 1 192 ? -5.773  -17.957 1.619   1.00 61.46  ? 339 GLU A CA  1 
ATOM   1352 C  C   . GLU A 1 192 ? -4.546  -18.733 2.077   1.00 62.75  ? 339 GLU A C   1 
ATOM   1353 O  O   . GLU A 1 192 ? -4.302  -19.857 1.618   1.00 69.16  ? 339 GLU A O   1 
ATOM   1354 C  CB  . GLU A 1 192 ? -5.372  -16.911 0.585   1.00 63.20  ? 339 GLU A CB  1 
ATOM   1355 C  CG  . GLU A 1 192 ? -6.527  -16.331 -0.199  1.00 73.04  ? 339 GLU A CG  1 
ATOM   1356 C  CD  . GLU A 1 192 ? -6.132  -15.134 -1.039  1.00 80.02  ? 339 GLU A CD  1 
ATOM   1357 O  OE1 . GLU A 1 192 ? -4.973  -14.668 -0.921  1.00 85.93  ? 339 GLU A OE1 1 
ATOM   1358 O  OE2 . GLU A 1 192 ? -6.965  -14.686 -1.852  1.00 75.97  ? 339 GLU A OE2 1 
ATOM   1359 N  N   . GLU A 1 193 ? -3.783  -18.159 3.009   1.00 56.34  ? 340 GLU A N   1 
ATOM   1360 C  CA  . GLU A 1 193 ? -2.571  -18.814 3.488   1.00 56.85  ? 340 GLU A CA  1 
ATOM   1361 C  C   . GLU A 1 193 ? -2.859  -20.198 4.065   1.00 60.75  ? 340 GLU A C   1 
ATOM   1362 O  O   . GLU A 1 193 ? -2.146  -21.163 3.746   1.00 62.72  ? 340 GLU A O   1 
ATOM   1363 C  CB  . GLU A 1 193 ? -1.900  -17.930 4.540   1.00 52.16  ? 340 GLU A CB  1 
ATOM   1364 N  N   . VAL A 1 194 ? -3.874  -20.327 4.913   1.00 71.27  ? 341 VAL A N   1 
ATOM   1365 C  CA  . VAL A 1 194 ? -4.089  -21.606 5.580   1.00 71.41  ? 341 VAL A CA  1 
ATOM   1366 C  C   . VAL A 1 194 ? -4.761  -22.632 4.670   1.00 73.67  ? 341 VAL A C   1 
ATOM   1367 O  O   . VAL A 1 194 ? -4.635  -23.841 4.900   1.00 76.03  ? 341 VAL A O   1 
ATOM   1368 C  CB  . VAL A 1 194 ? -4.905  -21.345 6.864   1.00 64.03  ? 341 VAL A CB  1 
ATOM   1369 C  CG1 . VAL A 1 194 ? -4.077  -20.524 7.851   1.00 56.38  ? 341 VAL A CG1 1 
ATOM   1370 C  CG2 . VAL A 1 194 ? -6.230  -20.683 6.539   1.00 60.73  ? 341 VAL A CG2 1 
ATOM   1371 N  N   . THR A 1 195 ? -5.544  -22.183 3.694   1.00 69.81  ? 342 THR A N   1 
ATOM   1372 C  CA  . THR A 1 195 ? -6.291  -23.079 2.811   1.00 72.78  ? 342 THR A CA  1 
ATOM   1373 C  C   . THR A 1 195 ? -5.488  -23.608 1.624   1.00 82.91  ? 342 THR A C   1 
ATOM   1374 O  O   . THR A 1 195 ? -5.722  -24.737 1.177   1.00 86.60  ? 342 THR A O   1 
ATOM   1375 C  CB  . THR A 1 195 ? -7.569  -22.398 2.327   1.00 73.68  ? 342 THR A CB  1 
ATOM   1376 O  OG1 . THR A 1 195 ? -7.243  -21.170 1.672   1.00 78.51  ? 342 THR A OG1 1 
ATOM   1377 C  CG2 . THR A 1 195 ? -8.483  -22.127 3.500   1.00 71.44  ? 342 THR A CG2 1 
ATOM   1378 N  N   . VAL A 1 196 ? -4.539  -22.827 1.104   1.00 74.95  ? 343 VAL A N   1 
ATOM   1379 C  CA  . VAL A 1 196 ? -3.715  -23.295 -0.008  1.00 87.39  ? 343 VAL A CA  1 
ATOM   1380 C  C   . VAL A 1 196 ? -2.228  -23.252 0.286   1.00 77.24  ? 343 VAL A C   1 
ATOM   1381 O  O   . VAL A 1 196 ? -1.724  -22.287 0.847   1.00 73.29  ? 343 VAL A O   1 
ATOM   1382 C  CB  . VAL A 1 196 ? -4.001  -22.397 -1.276  1.00 82.11  ? 343 VAL A CB  1 
ATOM   1383 C  CG1 . VAL A 1 196 ? -3.262  -22.880 -2.528  1.00 90.09  ? 343 VAL A CG1 1 
ATOM   1384 C  CG2 . VAL A 1 196 ? -5.495  -22.210 -1.487  1.00 79.34  ? 343 VAL A CG2 1 
HETATM 1385 CA CA  . CA  B 2 .   ? -9.161  10.664  0.699   1.00 76.52  ? 401 CA  A CA  1 
HETATM 1386 C  C12 . GD2 C 3 .   ? 13.117  4.571   -0.797  1.00 71.60  ? 402 GD2 A C12 1 
HETATM 1387 C  C13 . GD2 C 3 .   ? 13.298  4.853   -2.224  1.00 74.52  ? 402 GD2 A C13 1 
HETATM 1388 C  C14 . GD2 C 3 .   ? 12.181  5.220   -2.964  1.00 68.30  ? 402 GD2 A C14 1 
HETATM 1389 C  C02 . GD2 C 3 .   ? 9.098   6.232   -6.289  1.00 63.61  ? 402 GD2 A C02 1 
HETATM 1390 C  C04 . GD2 C 3 .   ? 10.878  5.850   -4.599  1.00 59.63  ? 402 GD2 A C04 1 
HETATM 1391 C  C06 . GD2 C 3 .   ? 10.902  5.328   -2.439  1.00 69.44  ? 402 GD2 A C06 1 
HETATM 1392 C  C07 . GD2 C 3 .   ? 10.711  5.051   -1.035  1.00 69.76  ? 402 GD2 A C07 1 
HETATM 1393 C  C08 . GD2 C 3 .   ? 11.831  4.684   -0.249  1.00 71.80  ? 402 GD2 A C08 1 
HETATM 1394 C  C09 . GD2 C 3 .   ? 11.551  4.392   1.231   1.00 82.34  ? 402 GD2 A C09 1 
HETATM 1395 C  C16 . GD2 C 3 .   ? 13.445  5.459   -5.053  1.00 75.79  ? 402 GD2 A C16 1 
HETATM 1396 C  C17 . GD2 C 3 .   ? 14.473  4.574   -4.315  1.00 74.24  ? 402 GD2 A C17 1 
HETATM 1397 C  C19 . GD2 C 3 .   ? 13.945  6.899   -5.247  1.00 76.66  ? 402 GD2 A C19 1 
HETATM 1398 C  C20 . GD2 C 3 .   ? 15.120  7.048   -6.230  1.00 90.89  ? 402 GD2 A C20 1 
HETATM 1399 C  C21 . GD2 C 3 .   ? 15.151  8.025   -7.098  1.00 86.13  ? 402 GD2 A C21 1 
HETATM 1400 C  C22 . GD2 C 3 .   ? 8.769   6.502   -7.772  1.00 54.32  ? 402 GD2 A C22 1 
HETATM 1401 C  C23 . GD2 C 3 .   ? 7.610   7.034   -8.218  1.00 56.16  ? 402 GD2 A C23 1 
HETATM 1402 C  C24 . GD2 C 3 .   ? 7.719   7.066   -9.612  1.00 67.71  ? 402 GD2 A C24 1 
HETATM 1403 C  C25 . GD2 C 3 .   ? 6.662   7.597   -10.567 1.00 60.50  ? 402 GD2 A C25 1 
HETATM 1404 C  C28 . GD2 C 3 .   ? 10.864  5.565   -8.790  1.00 62.14  ? 402 GD2 A C28 1 
HETATM 1405 C  C29 . GD2 C 3 .   ? 11.944  6.653   -8.940  1.00 69.26  ? 402 GD2 A C29 1 
HETATM 1406 N  N03 . GD2 C 3 .   ? 10.510  6.178   -5.956  1.00 67.58  ? 402 GD2 A N03 1 
HETATM 1407 N  N05 . GD2 C 3 .   ? 10.062  5.714   -3.521  1.00 62.10  ? 402 GD2 A N05 1 
HETATM 1408 N  N10 . GD2 C 3 .   ? 10.180  4.095   1.623   1.00 85.84  ? 402 GD2 A N10 1 
HETATM 1409 N  N15 . GD2 C 3 .   ? 12.198  5.500   -4.286  1.00 67.66  ? 402 GD2 A N15 1 
HETATM 1410 N  N26 . GD2 C 3 .   ? 8.898   6.539   -9.957  1.00 70.52  ? 402 GD2 A N26 1 
HETATM 1411 N  N27 . GD2 C 3 .   ? 9.540   6.175   -8.807  1.00 62.15  ? 402 GD2 A N27 1 
HETATM 1412 O  O01 . GD2 C 3 .   ? 8.256   6.063   -5.488  1.00 58.20  ? 402 GD2 A O01 1 
HETATM 1413 O  O11 . GD2 C 3 .   ? 12.425  4.360   2.034   1.00 81.10  ? 402 GD2 A O11 1 
HETATM 1414 O  O18 . GD2 C 3 .   ? 14.568  4.778   -2.908  1.00 78.39  ? 402 GD2 A O18 1 
HETATM 1415 O  O   . HOH D 4 .   ? 2.673   -6.690  5.801   1.00 61.76  ? 501 HOH A O   1 
HETATM 1416 O  O   . HOH D 4 .   ? -2.640  -24.399 3.478   1.00 71.55  ? 502 HOH A O   1 
HETATM 1417 O  O   . HOH D 4 .   ? -6.810  7.578   2.159   1.00 50.72  ? 503 HOH A O   1 
HETATM 1418 O  O   . HOH D 4 .   ? -4.835  -26.110 3.187   1.00 64.12  ? 504 HOH A O   1 
HETATM 1419 O  O   . HOH D 4 .   ? -7.011  9.954   0.313   1.00 56.81  ? 505 HOH A O   1 
HETATM 1420 O  O   . HOH D 4 .   ? -12.949 -8.019  8.528   1.00 56.87  ? 506 HOH A O   1 
HETATM 1421 O  O   . HOH D 4 .   ? 5.689   -7.455  -15.565 1.00 56.63  ? 507 HOH A O   1 
HETATM 1422 O  O   . HOH D 4 .   ? 12.101  -9.017  -9.365  1.00 83.43  ? 508 HOH A O   1 
# 
loop_
_pdbx_poly_seq_scheme.asym_id 
_pdbx_poly_seq_scheme.entity_id 
_pdbx_poly_seq_scheme.seq_id 
_pdbx_poly_seq_scheme.mon_id 
_pdbx_poly_seq_scheme.ndb_seq_num 
_pdbx_poly_seq_scheme.pdb_seq_num 
_pdbx_poly_seq_scheme.auth_seq_num 
_pdbx_poly_seq_scheme.pdb_mon_id 
_pdbx_poly_seq_scheme.auth_mon_id 
_pdbx_poly_seq_scheme.pdb_strand_id 
_pdbx_poly_seq_scheme.pdb_ins_code 
_pdbx_poly_seq_scheme.hetero 
A 1 1   MET 1   148 ?   ?   ?   A . n 
A 1 2   GLU 2   149 ?   ?   ?   A . n 
A 1 3   LYS 3   150 ?   ?   ?   A . n 
A 1 4   GLY 4   151 ?   ?   ?   A . n 
A 1 5   ASN 5   152 ?   ?   ?   A . n 
A 1 6   PHE 6   153 153 PHE PHE A . n 
A 1 7   ASN 7   154 154 ASN ASN A . n 
A 1 8   VAL 8   155 155 VAL VAL A . n 
A 1 9   ALA 9   156 156 ALA ALA A . n 
A 1 10  HIS 10  157 157 HIS HIS A . n 
A 1 11  GLY 11  158 158 GLY GLY A . n 
A 1 12  LEU 12  159 159 LEU LEU A . n 
A 1 13  ALA 13  160 160 ALA ALA A . n 
A 1 14  TRP 14  161 161 TRP TRP A . n 
A 1 15  SER 15  162 162 SER SER A . n 
A 1 16  TYR 16  163 163 TYR TYR A . n 
A 1 17  TYR 17  164 164 TYR TYR A . n 
A 1 18  ILE 18  165 165 ILE ILE A . n 
A 1 19  GLY 19  166 166 GLY GLY A . n 
A 1 20  TYR 20  167 167 TYR TYR A . n 
A 1 21  LEU 21  168 168 LEU LEU A . n 
A 1 22  ARG 22  169 169 ARG ARG A . n 
A 1 23  LEU 23  170 170 LEU LEU A . n 
A 1 24  ILE 24  171 171 ILE ILE A . n 
A 1 25  LEU 25  172 172 LEU LEU A . n 
A 1 26  PRO 26  173 173 PRO PRO A . n 
A 1 27  GLU 27  174 174 GLU GLU A . n 
A 1 28  LEU 28  175 175 LEU LEU A . n 
A 1 29  GLN 29  176 176 GLN GLN A . n 
A 1 30  ALA 30  177 177 ALA ALA A . n 
A 1 31  ARG 31  178 178 ARG ARG A . n 
A 1 32  ILE 32  179 179 ILE ILE A . n 
A 1 33  ARG 33  180 180 ARG ARG A . n 
A 1 34  THR 34  181 181 THR THR A . n 
A 1 35  TYR 35  182 182 TYR TYR A . n 
A 1 36  ASN 36  183 183 ASN ASN A . n 
A 1 37  GLN 37  184 184 GLN GLN A . n 
A 1 38  HIS 38  185 185 HIS HIS A . n 
A 1 39  TYR 39  186 186 TYR TYR A . n 
A 1 40  ASN 40  187 187 ASN ASN A . n 
A 1 41  ASN 41  188 188 ASN ASN A . n 
A 1 42  LEU 42  189 189 LEU LEU A . n 
A 1 43  LEU 43  190 190 LEU LEU A . n 
A 1 44  ARG 44  191 191 ARG ARG A . n 
A 1 45  GLY 45  192 192 GLY GLY A . n 
A 1 46  ALA 46  193 193 ALA ALA A . n 
A 1 47  VAL 47  194 194 VAL VAL A . n 
A 1 48  SER 48  195 195 SER SER A . n 
A 1 49  GLN 49  196 196 GLN GLN A . n 
A 1 50  ARG 50  197 197 ARG ARG A . n 
A 1 51  LEU 51  198 198 LEU LEU A . n 
A 1 52  TYR 52  199 199 TYR TYR A . n 
A 1 53  ILE 53  200 200 ILE ILE A . n 
A 1 54  LEU 54  201 201 LEU LEU A . n 
A 1 55  LEU 55  202 202 LEU LEU A . n 
A 1 56  PRO 56  203 203 PRO PRO A . n 
A 1 57  LEU 57  204 204 LEU LEU A . n 
A 1 58  ASP 58  205 205 ASP ASP A . n 
A 1 59  CYS 59  206 206 CYS CYS A . n 
A 1 60  GLY 60  207 207 GLY GLY A . n 
A 1 61  VAL 61  208 208 VAL VAL A . n 
A 1 62  PRO 62  209 209 PRO PRO A . n 
A 1 63  ASP 63  210 210 ASP ASP A . n 
A 1 64  ASN 64  211 211 ASN ASN A . n 
A 1 65  LEU 65  212 212 LEU LEU A . n 
A 1 66  SER 66  213 213 SER SER A . n 
A 1 67  MET 67  214 214 MET MET A . n 
A 1 68  ALA 68  215 215 ALA ALA A . n 
A 1 69  ASP 69  216 216 ASP ASP A . n 
A 1 70  PRO 70  217 217 PRO PRO A . n 
A 1 71  ASN 71  218 218 ASN ASN A . n 
A 1 72  ILE 72  219 219 ILE ILE A . n 
A 1 73  ARG 73  220 220 ARG ARG A . n 
A 1 74  PHE 74  221 221 PHE PHE A . n 
A 1 75  LEU 75  222 222 LEU LEU A . n 
A 1 76  ASP 76  223 223 ASP ASP A . n 
A 1 77  LYS 77  224 224 LYS LYS A . n 
A 1 78  LEU 78  225 225 LEU LEU A . n 
A 1 79  PRO 79  226 226 PRO PRO A . n 
A 1 80  GLN 80  227 227 GLN GLN A . n 
A 1 81  GLN 81  228 228 GLN GLN A . n 
A 1 82  THR 82  229 ?   ?   ?   A . n 
A 1 83  GLY 83  230 ?   ?   ?   A . n 
A 1 84  ASP 84  231 ?   ?   ?   A . n 
A 1 85  HIS 85  232 ?   ?   ?   A . n 
A 1 86  ALA 86  233 ?   ?   ?   A . n 
A 1 87  GLY 87  234 ?   ?   ?   A . n 
A 1 88  ILE 88  235 ?   ?   ?   A . n 
A 1 89  LYS 89  236 ?   ?   ?   A . n 
A 1 90  ASP 90  237 ?   ?   ?   A . n 
A 1 91  ARG 91  238 ?   ?   ?   A . n 
A 1 92  VAL 92  239 239 VAL VAL A . n 
A 1 93  TYR 93  240 240 TYR TYR A . n 
A 1 94  SER 94  241 241 SER SER A . n 
A 1 95  ASN 95  242 242 ASN ASN A . n 
A 1 96  SER 96  243 243 SER SER A . n 
A 1 97  ILE 97  244 244 ILE ILE A . n 
A 1 98  TYR 98  245 245 TYR TYR A . n 
A 1 99  GLU 99  246 246 GLU GLU A . n 
A 1 100 LEU 100 247 247 LEU LEU A . n 
A 1 101 LEU 101 248 248 LEU LEU A . n 
A 1 102 GLU 102 249 249 GLU GLU A . n 
A 1 103 ASN 103 250 250 ASN ASN A . n 
A 1 104 GLY 104 251 251 GLY GLY A . n 
A 1 105 GLN 105 252 252 GLN GLN A . n 
A 1 106 ARG 106 253 253 ARG ARG A . n 
A 1 107 ALA 107 254 254 ALA ALA A . n 
A 1 108 GLY 108 255 255 GLY GLY A . n 
A 1 109 THR 109 256 256 THR THR A . n 
A 1 110 CYS 110 257 257 CYS CYS A . n 
A 1 111 VAL 111 258 258 VAL VAL A . n 
A 1 112 LEU 112 259 259 LEU LEU A . n 
A 1 113 GLU 113 260 260 GLU GLU A . n 
A 1 114 TYR 114 261 261 TYR TYR A . n 
A 1 115 ALA 115 262 262 ALA ALA A . n 
A 1 116 THR 116 263 263 THR THR A . n 
A 1 117 PRO 117 264 264 PRO PRO A . n 
A 1 118 LEU 118 265 265 LEU LEU A . n 
A 1 119 GLN 119 266 266 GLN GLN A . n 
A 1 120 THR 120 267 267 THR THR A . n 
A 1 121 LEU 121 268 268 LEU LEU A . n 
A 1 122 PHE 122 269 269 PHE PHE A . n 
A 1 123 ALA 123 270 270 ALA ALA A . n 
A 1 124 MET 124 271 271 MET MET A . n 
A 1 125 SER 125 272 272 SER SER A . n 
A 1 126 GLN 126 273 273 GLN GLN A . n 
A 1 127 TYR 127 274 274 TYR TYR A . n 
A 1 128 SER 128 275 275 SER SER A . n 
A 1 129 GLN 129 276 276 GLN GLN A . n 
A 1 130 ALA 130 277 277 ALA ALA A . n 
A 1 131 GLY 131 278 278 GLY GLY A . n 
A 1 132 PHE 132 279 279 PHE PHE A . n 
A 1 133 SER 133 280 280 SER SER A . n 
A 1 134 ARG 134 281 281 ARG ARG A . n 
A 1 135 GLU 135 282 282 GLU GLU A . n 
A 1 136 ASP 136 283 283 ASP ASP A . n 
A 1 137 ARG 137 284 284 ARG ARG A . n 
A 1 138 LEU 138 285 285 LEU LEU A . n 
A 1 139 GLU 139 286 286 GLU GLU A . n 
A 1 140 GLN 140 287 287 GLN GLN A . n 
A 1 141 ALA 141 288 288 ALA ALA A . n 
A 1 142 LYS 142 289 289 LYS LYS A . n 
A 1 143 LEU 143 290 290 LEU LEU A . n 
A 1 144 PHE 144 291 291 PHE PHE A . n 
A 1 145 CYS 145 292 292 CYS CYS A . n 
A 1 146 ARG 146 293 293 ARG ARG A . n 
A 1 147 THR 147 294 294 THR THR A . n 
A 1 148 LEU 148 295 295 LEU LEU A . n 
A 1 149 GLU 149 296 296 GLU GLU A . n 
A 1 150 ASP 150 297 297 ASP ASP A . n 
A 1 151 ILE 151 298 298 ILE ILE A . n 
A 1 152 LEU 152 299 299 LEU LEU A . n 
A 1 153 ALA 153 300 300 ALA ALA A . n 
A 1 154 ASP 154 301 301 ASP ASP A . n 
A 1 155 ALA 155 302 302 ALA ALA A . n 
A 1 156 PRO 156 303 303 PRO PRO A . n 
A 1 157 GLU 157 304 304 GLU GLU A . n 
A 1 158 SER 158 305 305 SER SER A . n 
A 1 159 GLN 159 306 306 GLN GLN A . n 
A 1 160 ASN 160 307 307 ASN ASN A . n 
A 1 161 ASN 161 308 308 ASN ASN A . n 
A 1 162 CYS 162 309 309 CYS CYS A . n 
A 1 163 ARG 163 310 310 ARG ARG A . n 
A 1 164 LEU 164 311 311 LEU LEU A . n 
A 1 165 ILE 165 312 312 ILE ILE A . n 
A 1 166 ALA 166 313 313 ALA ALA A . n 
A 1 167 TYR 167 314 314 TYR TYR A . n 
A 1 168 GLN 168 315 315 GLN GLN A . n 
A 1 169 GLU 169 316 316 GLU GLU A . n 
A 1 170 PRO 170 317 317 PRO PRO A . n 
A 1 171 ALA 171 318 318 ALA ALA A . n 
A 1 172 ASP 172 319 ?   ?   ?   A . n 
A 1 173 ASP 173 320 ?   ?   ?   A . n 
A 1 174 SER 174 321 ?   ?   ?   A . n 
A 1 175 SER 175 322 ?   ?   ?   A . n 
A 1 176 PHE 176 323 323 PHE PHE A . n 
A 1 177 SER 177 324 324 SER SER A . n 
A 1 178 LEU 178 325 325 LEU LEU A . n 
A 1 179 SER 179 326 326 SER SER A . n 
A 1 180 GLN 180 327 327 GLN GLN A . n 
A 1 181 GLU 181 328 328 GLU GLU A . n 
A 1 182 VAL 182 329 329 VAL VAL A . n 
A 1 183 LEU 183 330 330 LEU LEU A . n 
A 1 184 ARG 184 331 331 ARG ARG A . n 
A 1 185 HIS 185 332 332 HIS HIS A . n 
A 1 186 LEU 186 333 333 LEU LEU A . n 
A 1 187 ARG 187 334 334 ARG ARG A . n 
A 1 188 GLN 188 335 335 GLN GLN A . n 
A 1 189 GLU 189 336 336 GLU GLU A . n 
A 1 190 GLU 190 337 337 GLU GLU A . n 
A 1 191 LYS 191 338 338 LYS LYS A . n 
A 1 192 GLU 192 339 339 GLU GLU A . n 
A 1 193 GLU 193 340 340 GLU GLU A . n 
A 1 194 VAL 194 341 341 VAL VAL A . n 
A 1 195 THR 195 342 342 THR THR A . n 
A 1 196 VAL 196 343 343 VAL VAL A . n 
A 1 197 GLY 197 344 ?   ?   ?   A . n 
A 1 198 SER 198 345 ?   ?   ?   A . n 
# 
_pdbx_contact_author.id                 2 
_pdbx_contact_author.email              chowdhury.rzaman@gmail.com 
_pdbx_contact_author.name_first         Rasheduzzaman 
_pdbx_contact_author.name_last          Chowdhury 
_pdbx_contact_author.name_mi            ? 
_pdbx_contact_author.role               'principal investigator/group leader' 
_pdbx_contact_author.identifier_ORCID   0000-0002-8058-6149 
# 
loop_
_pdbx_nonpoly_scheme.asym_id 
_pdbx_nonpoly_scheme.entity_id 
_pdbx_nonpoly_scheme.mon_id 
_pdbx_nonpoly_scheme.ndb_seq_num 
_pdbx_nonpoly_scheme.pdb_seq_num 
_pdbx_nonpoly_scheme.auth_seq_num 
_pdbx_nonpoly_scheme.pdb_mon_id 
_pdbx_nonpoly_scheme.auth_mon_id 
_pdbx_nonpoly_scheme.pdb_strand_id 
_pdbx_nonpoly_scheme.pdb_ins_code 
B 2 CA  1 401 401  CA  CA  A . 
C 3 GD2 1 402 601  GD2 224 A . 
D 4 HOH 1 501 1002 HOH HOH A . 
D 4 HOH 2 502 1007 HOH HOH A . 
D 4 HOH 3 503 1003 HOH HOH A . 
D 4 HOH 4 504 1006 HOH HOH A . 
D 4 HOH 5 505 1001 HOH HOH A . 
D 4 HOH 6 506 1004 HOH HOH A . 
D 4 HOH 7 507 1005 HOH HOH A . 
D 4 HOH 8 508 1008 HOH HOH A . 
# 
_pdbx_struct_assembly.id                   1 
_pdbx_struct_assembly.details              author_and_software_defined_assembly 
_pdbx_struct_assembly.method_details       PISA 
_pdbx_struct_assembly.oligomeric_details   dimeric 
_pdbx_struct_assembly.oligomeric_count     2 
# 
_pdbx_struct_assembly_gen.assembly_id       1 
_pdbx_struct_assembly_gen.oper_expression   1,2 
_pdbx_struct_assembly_gen.asym_id_list      A,B,C,D 
# 
loop_
_pdbx_struct_assembly_prop.biol_id 
_pdbx_struct_assembly_prop.type 
_pdbx_struct_assembly_prop.value 
_pdbx_struct_assembly_prop.details 
1 'ABSA (A^2)' 2170  ? 
1 MORE         -31   ? 
1 'SSA (A^2)'  17740 ? 
# 
loop_
_pdbx_struct_oper_list.id 
_pdbx_struct_oper_list.type 
_pdbx_struct_oper_list.name 
_pdbx_struct_oper_list.symmetry_operation 
_pdbx_struct_oper_list.matrix[1][1] 
_pdbx_struct_oper_list.matrix[1][2] 
_pdbx_struct_oper_list.matrix[1][3] 
_pdbx_struct_oper_list.vector[1] 
_pdbx_struct_oper_list.matrix[2][1] 
_pdbx_struct_oper_list.matrix[2][2] 
_pdbx_struct_oper_list.matrix[2][3] 
_pdbx_struct_oper_list.vector[2] 
_pdbx_struct_oper_list.matrix[3][1] 
_pdbx_struct_oper_list.matrix[3][2] 
_pdbx_struct_oper_list.matrix[3][3] 
_pdbx_struct_oper_list.vector[3] 
1 'identity operation'         1_555 x,y,z       1.0000000000  0.0000000000 0.0000000000 0.0000000000  0.0000000000 1.0000000000  0.0000000000 0.0000000000  0.0000000000 0.0000000000 1.0000000000 0.0000000000   
2 'crystal symmetry operation' 3_555 -x,y,-z+1/2 -0.4078236315 0.1030076277 0.9072316762 21.9516567191 0.1030076277 -0.9820820756 0.1578107262 17.3705304153 0.9072316762 0.1578107262 0.3899057072 -16.3007420021 
# 
loop_
_pdbx_struct_conn_angle.id 
_pdbx_struct_conn_angle.ptnr1_label_atom_id 
_pdbx_struct_conn_angle.ptnr1_label_alt_id 
_pdbx_struct_conn_angle.ptnr1_label_asym_id 
_pdbx_struct_conn_angle.ptnr1_label_comp_id 
_pdbx_struct_conn_angle.ptnr1_label_seq_id 
_pdbx_struct_conn_angle.ptnr1_auth_atom_id 
_pdbx_struct_conn_angle.ptnr1_auth_asym_id 
_pdbx_struct_conn_angle.ptnr1_auth_comp_id 
_pdbx_struct_conn_angle.ptnr1_auth_seq_id 
_pdbx_struct_conn_angle.ptnr1_PDB_ins_code 
_pdbx_struct_conn_angle.ptnr1_symmetry 
_pdbx_struct_conn_angle.ptnr2_label_atom_id 
_pdbx_struct_conn_angle.ptnr2_label_alt_id 
_pdbx_struct_conn_angle.ptnr2_label_asym_id 
_pdbx_struct_conn_angle.ptnr2_label_comp_id 
_pdbx_struct_conn_angle.ptnr2_label_seq_id 
_pdbx_struct_conn_angle.ptnr2_auth_atom_id 
_pdbx_struct_conn_angle.ptnr2_auth_asym_id 
_pdbx_struct_conn_angle.ptnr2_auth_comp_id 
_pdbx_struct_conn_angle.ptnr2_auth_seq_id 
_pdbx_struct_conn_angle.ptnr2_PDB_ins_code 
_pdbx_struct_conn_angle.ptnr2_symmetry 
_pdbx_struct_conn_angle.ptnr3_label_atom_id 
_pdbx_struct_conn_angle.ptnr3_label_alt_id 
_pdbx_struct_conn_angle.ptnr3_label_asym_id 
_pdbx_struct_conn_angle.ptnr3_label_comp_id 
_pdbx_struct_conn_angle.ptnr3_label_seq_id 
_pdbx_struct_conn_angle.ptnr3_auth_atom_id 
_pdbx_struct_conn_angle.ptnr3_auth_asym_id 
_pdbx_struct_conn_angle.ptnr3_auth_comp_id 
_pdbx_struct_conn_angle.ptnr3_auth_seq_id 
_pdbx_struct_conn_angle.ptnr3_PDB_ins_code 
_pdbx_struct_conn_angle.ptnr3_symmetry 
_pdbx_struct_conn_angle.value 
_pdbx_struct_conn_angle.value_esd 
1  OD2 ? A ASP 58  ? A ASP 205 ? 1_555 CA ? B CA . ? A CA 401 ? 1_555 OE1 ? A GLU 169 ? A GLU 316 ? 1_555 73.2  ? 
2  OD2 ? A ASP 58  ? A ASP 205 ? 1_555 CA ? B CA . ? A CA 401 ? 1_555 OE2 ? A GLU 169 ? A GLU 316 ? 1_555 112.6 ? 
3  OE1 ? A GLU 169 ? A GLU 316 ? 1_555 CA ? B CA . ? A CA 401 ? 1_555 OE2 ? A GLU 169 ? A GLU 316 ? 1_555 51.2  ? 
4  OD2 ? A ASP 58  ? A ASP 205 ? 1_555 CA ? B CA . ? A CA 401 ? 1_555 O   ? A VAL 194 ? A VAL 341 ? 1_555 113.0 ? 
5  OE1 ? A GLU 169 ? A GLU 316 ? 1_555 CA ? B CA . ? A CA 401 ? 1_555 O   ? A VAL 194 ? A VAL 341 ? 1_555 47.9  ? 
6  OE2 ? A GLU 169 ? A GLU 316 ? 1_555 CA ? B CA . ? A CA 401 ? 1_555 O   ? A VAL 194 ? A VAL 341 ? 1_555 55.6  ? 
7  OD2 ? A ASP 58  ? A ASP 205 ? 1_555 CA ? B CA . ? A CA 401 ? 1_555 O   ? D HOH .   ? A HOH 502 ? 6_445 113.2 ? 
8  OE1 ? A GLU 169 ? A GLU 316 ? 1_555 CA ? B CA . ? A CA 401 ? 1_555 O   ? D HOH .   ? A HOH 502 ? 6_445 129.1 ? 
9  OE2 ? A GLU 169 ? A GLU 316 ? 1_555 CA ? B CA . ? A CA 401 ? 1_555 O   ? D HOH .   ? A HOH 502 ? 6_445 83.3  ? 
10 O   ? A VAL 194 ? A VAL 341 ? 1_555 CA ? B CA . ? A CA 401 ? 1_555 O   ? D HOH .   ? A HOH 502 ? 6_445 126.9 ? 
11 OD2 ? A ASP 58  ? A ASP 205 ? 1_555 CA ? B CA . ? A CA 401 ? 1_555 O   ? D HOH .   ? A HOH 504 ? 6_445 154.6 ? 
12 OE1 ? A GLU 169 ? A GLU 316 ? 1_555 CA ? B CA . ? A CA 401 ? 1_555 O   ? D HOH .   ? A HOH 504 ? 6_445 126.1 ? 
13 OE2 ? A GLU 169 ? A GLU 316 ? 1_555 CA ? B CA . ? A CA 401 ? 1_555 O   ? D HOH .   ? A HOH 504 ? 6_445 92.7  ? 
14 O   ? A VAL 194 ? A VAL 341 ? 1_555 CA ? B CA . ? A CA 401 ? 1_555 O   ? D HOH .   ? A HOH 504 ? 6_445 79.6  ? 
15 O   ? D HOH .   ? A HOH 502 ? 6_445 CA ? B CA . ? A CA 401 ? 1_555 O   ? D HOH .   ? A HOH 504 ? 6_445 69.5  ? 
16 OD2 ? A ASP 58  ? A ASP 205 ? 1_555 CA ? B CA . ? A CA 401 ? 1_555 O   ? D HOH .   ? A HOH 505 ? 1_555 95.0  ? 
17 OE1 ? A GLU 169 ? A GLU 316 ? 1_555 CA ? B CA . ? A CA 401 ? 1_555 O   ? D HOH .   ? A HOH 505 ? 1_555 94.6  ? 
18 OE2 ? A GLU 169 ? A GLU 316 ? 1_555 CA ? B CA . ? A CA 401 ? 1_555 O   ? D HOH .   ? A HOH 505 ? 1_555 121.2 ? 
19 O   ? A VAL 194 ? A VAL 341 ? 1_555 CA ? B CA . ? A CA 401 ? 1_555 O   ? D HOH .   ? A HOH 505 ? 1_555 66.1  ? 
20 O   ? D HOH .   ? A HOH 502 ? 6_445 CA ? B CA . ? A CA 401 ? 1_555 O   ? D HOH .   ? A HOH 505 ? 1_555 132.4 ? 
21 O   ? D HOH .   ? A HOH 504 ? 6_445 CA ? B CA . ? A CA 401 ? 1_555 O   ? D HOH .   ? A HOH 505 ? 1_555 69.2  ? 
# 
loop_
_pdbx_audit_revision_history.ordinal 
_pdbx_audit_revision_history.data_content_type 
_pdbx_audit_revision_history.major_revision 
_pdbx_audit_revision_history.minor_revision 
_pdbx_audit_revision_history.revision_date 
1 'Structure model' 1 0 2022-12-21 
2 'Structure model' 1 1 2023-10-25 
# 
_pdbx_audit_revision_details.ordinal             1 
_pdbx_audit_revision_details.revision_ordinal    1 
_pdbx_audit_revision_details.data_content_type   'Structure model' 
_pdbx_audit_revision_details.provider            repository 
_pdbx_audit_revision_details.type                'Initial release' 
_pdbx_audit_revision_details.description         ? 
_pdbx_audit_revision_details.details             ? 
# 
loop_
_pdbx_audit_revision_group.ordinal 
_pdbx_audit_revision_group.revision_ordinal 
_pdbx_audit_revision_group.data_content_type 
_pdbx_audit_revision_group.group 
1 2 'Structure model' 'Data collection'        
2 2 'Structure model' 'Refinement description' 
# 
loop_
_pdbx_audit_revision_category.ordinal 
_pdbx_audit_revision_category.revision_ordinal 
_pdbx_audit_revision_category.data_content_type 
_pdbx_audit_revision_category.category 
1 2 'Structure model' chem_comp_atom                
2 2 'Structure model' chem_comp_bond                
3 2 'Structure model' pdbx_initial_refinement_model 
# 
loop_
_software.citation_id 
_software.classification 
_software.compiler_name 
_software.compiler_version 
_software.contact_author 
_software.contact_author_email 
_software.date 
_software.description 
_software.dependencies 
_software.hardware 
_software.language 
_software.location 
_software.mods 
_software.name 
_software.os 
_software.os_version 
_software.type 
_software.version 
_software.pdbx_ordinal 
? 'data scaling'    ? ? ? ? ? ? ? ? ? ? ? SCALA       ? ? ? 3.3.22    1 
? refinement        ? ? ? ? ? ? ? ? ? ? ? PHENIX      ? ? ? 1.14_3260 2 
? 'data extraction' ? ? ? ? ? ? ? ? ? ? ? PDB_EXTRACT ? ? ? 3.27      3 
? 'data reduction'  ? ? ? ? ? ? ? ? ? ? ? XDS         ? ? ? .         4 
? phasing           ? ? ? ? ? ? ? ? ? ? ? PHASER      ? ? ? .         5 
# 
_pdbx_entry_details.entry_id                 7T9U 
_pdbx_entry_details.has_ligand_of_interest   Y 
_pdbx_entry_details.compound_details         ? 
_pdbx_entry_details.source_details           ? 
_pdbx_entry_details.nonpolymer_details       ? 
_pdbx_entry_details.sequence_details         ? 
# 
loop_
_pdbx_validate_torsion.id 
_pdbx_validate_torsion.PDB_model_num 
_pdbx_validate_torsion.auth_comp_id 
_pdbx_validate_torsion.auth_asym_id 
_pdbx_validate_torsion.auth_seq_id 
_pdbx_validate_torsion.PDB_ins_code 
_pdbx_validate_torsion.label_alt_id 
_pdbx_validate_torsion.phi 
_pdbx_validate_torsion.psi 
1 1 TYR A 167 ? ? -140.47 -63.93 
2 1 LEU A 189 ? ? -95.78  -71.46 
3 1 ARG A 191 ? ? 48.41   26.44  
4 1 ASP A 216 ? ? -166.87 118.65 
5 1 GLU A 304 ? ? 76.89   -40.34 
# 
loop_
_pdbx_unobs_or_zero_occ_atoms.id 
_pdbx_unobs_or_zero_occ_atoms.PDB_model_num 
_pdbx_unobs_or_zero_occ_atoms.polymer_flag 
_pdbx_unobs_or_zero_occ_atoms.occupancy_flag 
_pdbx_unobs_or_zero_occ_atoms.auth_asym_id 
_pdbx_unobs_or_zero_occ_atoms.auth_comp_id 
_pdbx_unobs_or_zero_occ_atoms.auth_seq_id 
_pdbx_unobs_or_zero_occ_atoms.PDB_ins_code 
_pdbx_unobs_or_zero_occ_atoms.auth_atom_id 
_pdbx_unobs_or_zero_occ_atoms.label_alt_id 
_pdbx_unobs_or_zero_occ_atoms.label_asym_id 
_pdbx_unobs_or_zero_occ_atoms.label_comp_id 
_pdbx_unobs_or_zero_occ_atoms.label_seq_id 
_pdbx_unobs_or_zero_occ_atoms.label_atom_id 
1  1 Y 1 A PHE 153 ? CG  ? A PHE 6   CG  
2  1 Y 1 A PHE 153 ? CD1 ? A PHE 6   CD1 
3  1 Y 1 A PHE 153 ? CD2 ? A PHE 6   CD2 
4  1 Y 1 A PHE 153 ? CE1 ? A PHE 6   CE1 
5  1 Y 1 A PHE 153 ? CE2 ? A PHE 6   CE2 
6  1 Y 1 A PHE 153 ? CZ  ? A PHE 6   CZ  
7  1 Y 1 A ARG 180 ? CG  ? A ARG 33  CG  
8  1 Y 1 A ARG 180 ? CD  ? A ARG 33  CD  
9  1 Y 1 A ARG 180 ? NE  ? A ARG 33  NE  
10 1 Y 1 A ARG 180 ? CZ  ? A ARG 33  CZ  
11 1 Y 1 A ARG 180 ? NH1 ? A ARG 33  NH1 
12 1 Y 1 A ARG 180 ? NH2 ? A ARG 33  NH2 
13 1 Y 1 A ARG 191 ? CG  ? A ARG 44  CG  
14 1 Y 1 A ARG 191 ? CD  ? A ARG 44  CD  
15 1 Y 1 A ARG 191 ? NE  ? A ARG 44  NE  
16 1 Y 1 A ARG 191 ? CZ  ? A ARG 44  CZ  
17 1 Y 1 A ARG 191 ? NH1 ? A ARG 44  NH1 
18 1 Y 1 A ARG 191 ? NH2 ? A ARG 44  NH2 
19 1 Y 1 A GLN 196 ? CG  ? A GLN 49  CG  
20 1 Y 1 A GLN 196 ? CD  ? A GLN 49  CD  
21 1 Y 1 A GLN 196 ? OE1 ? A GLN 49  OE1 
22 1 Y 1 A GLN 196 ? NE2 ? A GLN 49  NE2 
23 1 Y 1 A GLN 228 ? CG  ? A GLN 81  CG  
24 1 Y 1 A GLN 228 ? CD  ? A GLN 81  CD  
25 1 Y 1 A GLN 228 ? OE1 ? A GLN 81  OE1 
26 1 Y 1 A GLN 228 ? NE2 ? A GLN 81  NE2 
27 1 Y 1 A VAL 239 ? CG1 ? A VAL 92  CG1 
28 1 Y 1 A VAL 239 ? CG2 ? A VAL 92  CG2 
29 1 Y 1 A GLN 252 ? OE1 ? A GLN 105 OE1 
30 1 Y 1 A GLN 252 ? NE2 ? A GLN 105 NE2 
31 1 Y 1 A GLU 282 ? CG  ? A GLU 135 CG  
32 1 Y 1 A GLU 282 ? CD  ? A GLU 135 CD  
33 1 Y 1 A GLU 282 ? OE1 ? A GLU 135 OE1 
34 1 Y 1 A GLU 282 ? OE2 ? A GLU 135 OE2 
35 1 Y 1 A GLU 296 ? CD  ? A GLU 149 CD  
36 1 Y 1 A GLU 296 ? OE1 ? A GLU 149 OE1 
37 1 Y 1 A GLU 296 ? OE2 ? A GLU 149 OE2 
38 1 Y 1 A GLU 304 ? CG  ? A GLU 157 CG  
39 1 Y 1 A GLU 304 ? CD  ? A GLU 157 CD  
40 1 Y 1 A GLU 304 ? OE1 ? A GLU 157 OE1 
41 1 Y 1 A GLU 304 ? OE2 ? A GLU 157 OE2 
42 1 Y 1 A GLN 306 ? CD  ? A GLN 159 CD  
43 1 Y 1 A GLN 306 ? OE1 ? A GLN 159 OE1 
44 1 Y 1 A GLN 306 ? NE2 ? A GLN 159 NE2 
45 1 Y 1 A ARG 310 ? CG  ? A ARG 163 CG  
46 1 Y 1 A ARG 310 ? CD  ? A ARG 163 CD  
47 1 Y 1 A ARG 310 ? NE  ? A ARG 163 NE  
48 1 Y 1 A ARG 310 ? CZ  ? A ARG 163 CZ  
49 1 Y 1 A ARG 310 ? NH1 ? A ARG 163 NH1 
50 1 Y 1 A ARG 310 ? NH2 ? A ARG 163 NH2 
51 1 Y 1 A GLU 340 ? CG  ? A GLU 193 CG  
52 1 Y 1 A GLU 340 ? CD  ? A GLU 193 CD  
53 1 Y 1 A GLU 340 ? OE1 ? A GLU 193 OE1 
54 1 Y 1 A GLU 340 ? OE2 ? A GLU 193 OE2 
# 
loop_
_pdbx_unobs_or_zero_occ_residues.id 
_pdbx_unobs_or_zero_occ_residues.PDB_model_num 
_pdbx_unobs_or_zero_occ_residues.polymer_flag 
_pdbx_unobs_or_zero_occ_residues.occupancy_flag 
_pdbx_unobs_or_zero_occ_residues.auth_asym_id 
_pdbx_unobs_or_zero_occ_residues.auth_comp_id 
_pdbx_unobs_or_zero_occ_residues.auth_seq_id 
_pdbx_unobs_or_zero_occ_residues.PDB_ins_code 
_pdbx_unobs_or_zero_occ_residues.label_asym_id 
_pdbx_unobs_or_zero_occ_residues.label_comp_id 
_pdbx_unobs_or_zero_occ_residues.label_seq_id 
1  1 Y 1 A MET 148 ? A MET 1   
2  1 Y 1 A GLU 149 ? A GLU 2   
3  1 Y 1 A LYS 150 ? A LYS 3   
4  1 Y 1 A GLY 151 ? A GLY 4   
5  1 Y 1 A ASN 152 ? A ASN 5   
6  1 Y 1 A THR 229 ? A THR 82  
7  1 Y 1 A GLY 230 ? A GLY 83  
8  1 Y 1 A ASP 231 ? A ASP 84  
9  1 Y 1 A HIS 232 ? A HIS 85  
10 1 Y 1 A ALA 233 ? A ALA 86  
11 1 Y 1 A GLY 234 ? A GLY 87  
12 1 Y 1 A ILE 235 ? A ILE 88  
13 1 Y 1 A LYS 236 ? A LYS 89  
14 1 Y 1 A ASP 237 ? A ASP 90  
15 1 Y 1 A ARG 238 ? A ARG 91  
16 1 Y 1 A ASP 319 ? A ASP 172 
17 1 Y 1 A ASP 320 ? A ASP 173 
18 1 Y 1 A SER 321 ? A SER 174 
19 1 Y 1 A SER 322 ? A SER 175 
20 1 Y 1 A GLY 344 ? A GLY 197 
21 1 Y 1 A SER 345 ? A SER 198 
# 
loop_
_chem_comp_atom.comp_id 
_chem_comp_atom.atom_id 
_chem_comp_atom.type_symbol 
_chem_comp_atom.pdbx_aromatic_flag 
_chem_comp_atom.pdbx_stereo_config 
_chem_comp_atom.pdbx_ordinal 
ALA N    N  N N 1   
ALA CA   C  N S 2   
ALA C    C  N N 3   
ALA O    O  N N 4   
ALA CB   C  N N 5   
ALA OXT  O  N N 6   
ALA H    H  N N 7   
ALA H2   H  N N 8   
ALA HA   H  N N 9   
ALA HB1  H  N N 10  
ALA HB2  H  N N 11  
ALA HB3  H  N N 12  
ALA HXT  H  N N 13  
ARG N    N  N N 14  
ARG CA   C  N S 15  
ARG C    C  N N 16  
ARG O    O  N N 17  
ARG CB   C  N N 18  
ARG CG   C  N N 19  
ARG CD   C  N N 20  
ARG NE   N  N N 21  
ARG CZ   C  N N 22  
ARG NH1  N  N N 23  
ARG NH2  N  N N 24  
ARG OXT  O  N N 25  
ARG H    H  N N 26  
ARG H2   H  N N 27  
ARG HA   H  N N 28  
ARG HB2  H  N N 29  
ARG HB3  H  N N 30  
ARG HG2  H  N N 31  
ARG HG3  H  N N 32  
ARG HD2  H  N N 33  
ARG HD3  H  N N 34  
ARG HE   H  N N 35  
ARG HH11 H  N N 36  
ARG HH12 H  N N 37  
ARG HH21 H  N N 38  
ARG HH22 H  N N 39  
ARG HXT  H  N N 40  
ASN N    N  N N 41  
ASN CA   C  N S 42  
ASN C    C  N N 43  
ASN O    O  N N 44  
ASN CB   C  N N 45  
ASN CG   C  N N 46  
ASN OD1  O  N N 47  
ASN ND2  N  N N 48  
ASN OXT  O  N N 49  
ASN H    H  N N 50  
ASN H2   H  N N 51  
ASN HA   H  N N 52  
ASN HB2  H  N N 53  
ASN HB3  H  N N 54  
ASN HD21 H  N N 55  
ASN HD22 H  N N 56  
ASN HXT  H  N N 57  
ASP N    N  N N 58  
ASP CA   C  N S 59  
ASP C    C  N N 60  
ASP O    O  N N 61  
ASP CB   C  N N 62  
ASP CG   C  N N 63  
ASP OD1  O  N N 64  
ASP OD2  O  N N 65  
ASP OXT  O  N N 66  
ASP H    H  N N 67  
ASP H2   H  N N 68  
ASP HA   H  N N 69  
ASP HB2  H  N N 70  
ASP HB3  H  N N 71  
ASP HD2  H  N N 72  
ASP HXT  H  N N 73  
CA  CA   CA N N 74  
CYS N    N  N N 75  
CYS CA   C  N R 76  
CYS C    C  N N 77  
CYS O    O  N N 78  
CYS CB   C  N N 79  
CYS SG   S  N N 80  
CYS OXT  O  N N 81  
CYS H    H  N N 82  
CYS H2   H  N N 83  
CYS HA   H  N N 84  
CYS HB2  H  N N 85  
CYS HB3  H  N N 86  
CYS HG   H  N N 87  
CYS HXT  H  N N 88  
GD2 C12  C  Y N 89  
GD2 C13  C  Y N 90  
GD2 C14  C  Y N 91  
GD2 C02  C  N N 92  
GD2 C04  C  Y N 93  
GD2 C06  C  Y N 94  
GD2 C07  C  Y N 95  
GD2 C08  C  Y N 96  
GD2 C09  C  N N 97  
GD2 C16  C  N S 98  
GD2 C17  C  N N 99  
GD2 C19  C  N N 100 
GD2 C20  C  N N 101 
GD2 C21  C  N N 102 
GD2 C22  C  Y N 103 
GD2 C23  C  Y N 104 
GD2 C24  C  Y N 105 
GD2 C25  C  N N 106 
GD2 C28  C  N N 107 
GD2 C29  C  N N 108 
GD2 N03  N  N N 109 
GD2 N05  N  Y N 110 
GD2 N10  N  N N 111 
GD2 N15  N  Y N 112 
GD2 N26  N  Y N 113 
GD2 N27  N  Y N 114 
GD2 O01  O  N N 115 
GD2 O11  O  N N 116 
GD2 O18  O  N N 117 
GD2 H1   H  N N 118 
GD2 H2   H  N N 119 
GD2 H3   H  N N 120 
GD2 H4   H  N N 121 
GD2 H5   H  N N 122 
GD2 H6   H  N N 123 
GD2 H7   H  N N 124 
GD2 H8   H  N N 125 
GD2 H9   H  N N 126 
GD2 H10  H  N N 127 
GD2 H11  H  N N 128 
GD2 H12  H  N N 129 
GD2 H13  H  N N 130 
GD2 H14  H  N N 131 
GD2 H15  H  N N 132 
GD2 H16  H  N N 133 
GD2 H17  H  N N 134 
GD2 H18  H  N N 135 
GD2 H19  H  N N 136 
GD2 H20  H  N N 137 
GD2 H21  H  N N 138 
GD2 H22  H  N N 139 
GLN N    N  N N 140 
GLN CA   C  N S 141 
GLN C    C  N N 142 
GLN O    O  N N 143 
GLN CB   C  N N 144 
GLN CG   C  N N 145 
GLN CD   C  N N 146 
GLN OE1  O  N N 147 
GLN NE2  N  N N 148 
GLN OXT  O  N N 149 
GLN H    H  N N 150 
GLN H2   H  N N 151 
GLN HA   H  N N 152 
GLN HB2  H  N N 153 
GLN HB3  H  N N 154 
GLN HG2  H  N N 155 
GLN HG3  H  N N 156 
GLN HE21 H  N N 157 
GLN HE22 H  N N 158 
GLN HXT  H  N N 159 
GLU N    N  N N 160 
GLU CA   C  N S 161 
GLU C    C  N N 162 
GLU O    O  N N 163 
GLU CB   C  N N 164 
GLU CG   C  N N 165 
GLU CD   C  N N 166 
GLU OE1  O  N N 167 
GLU OE2  O  N N 168 
GLU OXT  O  N N 169 
GLU H    H  N N 170 
GLU H2   H  N N 171 
GLU HA   H  N N 172 
GLU HB2  H  N N 173 
GLU HB3  H  N N 174 
GLU HG2  H  N N 175 
GLU HG3  H  N N 176 
GLU HE2  H  N N 177 
GLU HXT  H  N N 178 
GLY N    N  N N 179 
GLY CA   C  N N 180 
GLY C    C  N N 181 
GLY O    O  N N 182 
GLY OXT  O  N N 183 
GLY H    H  N N 184 
GLY H2   H  N N 185 
GLY HA2  H  N N 186 
GLY HA3  H  N N 187 
GLY HXT  H  N N 188 
HIS N    N  N N 189 
HIS CA   C  N S 190 
HIS C    C  N N 191 
HIS O    O  N N 192 
HIS CB   C  N N 193 
HIS CG   C  Y N 194 
HIS ND1  N  Y N 195 
HIS CD2  C  Y N 196 
HIS CE1  C  Y N 197 
HIS NE2  N  Y N 198 
HIS OXT  O  N N 199 
HIS H    H  N N 200 
HIS H2   H  N N 201 
HIS HA   H  N N 202 
HIS HB2  H  N N 203 
HIS HB3  H  N N 204 
HIS HD1  H  N N 205 
HIS HD2  H  N N 206 
HIS HE1  H  N N 207 
HIS HE2  H  N N 208 
HIS HXT  H  N N 209 
HOH O    O  N N 210 
HOH H1   H  N N 211 
HOH H2   H  N N 212 
ILE N    N  N N 213 
ILE CA   C  N S 214 
ILE C    C  N N 215 
ILE O    O  N N 216 
ILE CB   C  N S 217 
ILE CG1  C  N N 218 
ILE CG2  C  N N 219 
ILE CD1  C  N N 220 
ILE OXT  O  N N 221 
ILE H    H  N N 222 
ILE H2   H  N N 223 
ILE HA   H  N N 224 
ILE HB   H  N N 225 
ILE HG12 H  N N 226 
ILE HG13 H  N N 227 
ILE HG21 H  N N 228 
ILE HG22 H  N N 229 
ILE HG23 H  N N 230 
ILE HD11 H  N N 231 
ILE HD12 H  N N 232 
ILE HD13 H  N N 233 
ILE HXT  H  N N 234 
LEU N    N  N N 235 
LEU CA   C  N S 236 
LEU C    C  N N 237 
LEU O    O  N N 238 
LEU CB   C  N N 239 
LEU CG   C  N N 240 
LEU CD1  C  N N 241 
LEU CD2  C  N N 242 
LEU OXT  O  N N 243 
LEU H    H  N N 244 
LEU H2   H  N N 245 
LEU HA   H  N N 246 
LEU HB2  H  N N 247 
LEU HB3  H  N N 248 
LEU HG   H  N N 249 
LEU HD11 H  N N 250 
LEU HD12 H  N N 251 
LEU HD13 H  N N 252 
LEU HD21 H  N N 253 
LEU HD22 H  N N 254 
LEU HD23 H  N N 255 
LEU HXT  H  N N 256 
LYS N    N  N N 257 
LYS CA   C  N S 258 
LYS C    C  N N 259 
LYS O    O  N N 260 
LYS CB   C  N N 261 
LYS CG   C  N N 262 
LYS CD   C  N N 263 
LYS CE   C  N N 264 
LYS NZ   N  N N 265 
LYS OXT  O  N N 266 
LYS H    H  N N 267 
LYS H2   H  N N 268 
LYS HA   H  N N 269 
LYS HB2  H  N N 270 
LYS HB3  H  N N 271 
LYS HG2  H  N N 272 
LYS HG3  H  N N 273 
LYS HD2  H  N N 274 
LYS HD3  H  N N 275 
LYS HE2  H  N N 276 
LYS HE3  H  N N 277 
LYS HZ1  H  N N 278 
LYS HZ2  H  N N 279 
LYS HZ3  H  N N 280 
LYS HXT  H  N N 281 
MET N    N  N N 282 
MET CA   C  N S 283 
MET C    C  N N 284 
MET O    O  N N 285 
MET CB   C  N N 286 
MET CG   C  N N 287 
MET SD   S  N N 288 
MET CE   C  N N 289 
MET OXT  O  N N 290 
MET H    H  N N 291 
MET H2   H  N N 292 
MET HA   H  N N 293 
MET HB2  H  N N 294 
MET HB3  H  N N 295 
MET HG2  H  N N 296 
MET HG3  H  N N 297 
MET HE1  H  N N 298 
MET HE2  H  N N 299 
MET HE3  H  N N 300 
MET HXT  H  N N 301 
PHE N    N  N N 302 
PHE CA   C  N S 303 
PHE C    C  N N 304 
PHE O    O  N N 305 
PHE CB   C  N N 306 
PHE CG   C  Y N 307 
PHE CD1  C  Y N 308 
PHE CD2  C  Y N 309 
PHE CE1  C  Y N 310 
PHE CE2  C  Y N 311 
PHE CZ   C  Y N 312 
PHE OXT  O  N N 313 
PHE H    H  N N 314 
PHE H2   H  N N 315 
PHE HA   H  N N 316 
PHE HB2  H  N N 317 
PHE HB3  H  N N 318 
PHE HD1  H  N N 319 
PHE HD2  H  N N 320 
PHE HE1  H  N N 321 
PHE HE2  H  N N 322 
PHE HZ   H  N N 323 
PHE HXT  H  N N 324 
PRO N    N  N N 325 
PRO CA   C  N S 326 
PRO C    C  N N 327 
PRO O    O  N N 328 
PRO CB   C  N N 329 
PRO CG   C  N N 330 
PRO CD   C  N N 331 
PRO OXT  O  N N 332 
PRO H    H  N N 333 
PRO HA   H  N N 334 
PRO HB2  H  N N 335 
PRO HB3  H  N N 336 
PRO HG2  H  N N 337 
PRO HG3  H  N N 338 
PRO HD2  H  N N 339 
PRO HD3  H  N N 340 
PRO HXT  H  N N 341 
SER N    N  N N 342 
SER CA   C  N S 343 
SER C    C  N N 344 
SER O    O  N N 345 
SER CB   C  N N 346 
SER OG   O  N N 347 
SER OXT  O  N N 348 
SER H    H  N N 349 
SER H2   H  N N 350 
SER HA   H  N N 351 
SER HB2  H  N N 352 
SER HB3  H  N N 353 
SER HG   H  N N 354 
SER HXT  H  N N 355 
THR N    N  N N 356 
THR CA   C  N S 357 
THR C    C  N N 358 
THR O    O  N N 359 
THR CB   C  N R 360 
THR OG1  O  N N 361 
THR CG2  C  N N 362 
THR OXT  O  N N 363 
THR H    H  N N 364 
THR H2   H  N N 365 
THR HA   H  N N 366 
THR HB   H  N N 367 
THR HG1  H  N N 368 
THR HG21 H  N N 369 
THR HG22 H  N N 370 
THR HG23 H  N N 371 
THR HXT  H  N N 372 
TRP N    N  N N 373 
TRP CA   C  N S 374 
TRP C    C  N N 375 
TRP O    O  N N 376 
TRP CB   C  N N 377 
TRP CG   C  Y N 378 
TRP CD1  C  Y N 379 
TRP CD2  C  Y N 380 
TRP NE1  N  Y N 381 
TRP CE2  C  Y N 382 
TRP CE3  C  Y N 383 
TRP CZ2  C  Y N 384 
TRP CZ3  C  Y N 385 
TRP CH2  C  Y N 386 
TRP OXT  O  N N 387 
TRP H    H  N N 388 
TRP H2   H  N N 389 
TRP HA   H  N N 390 
TRP HB2  H  N N 391 
TRP HB3  H  N N 392 
TRP HD1  H  N N 393 
TRP HE1  H  N N 394 
TRP HE3  H  N N 395 
TRP HZ2  H  N N 396 
TRP HZ3  H  N N 397 
TRP HH2  H  N N 398 
TRP HXT  H  N N 399 
TYR N    N  N N 400 
TYR CA   C  N S 401 
TYR C    C  N N 402 
TYR O    O  N N 403 
TYR CB   C  N N 404 
TYR CG   C  Y N 405 
TYR CD1  C  Y N 406 
TYR CD2  C  Y N 407 
TYR CE1  C  Y N 408 
TYR CE2  C  Y N 409 
TYR CZ   C  Y N 410 
TYR OH   O  N N 411 
TYR OXT  O  N N 412 
TYR H    H  N N 413 
TYR H2   H  N N 414 
TYR HA   H  N N 415 
TYR HB2  H  N N 416 
TYR HB3  H  N N 417 
TYR HD1  H  N N 418 
TYR HD2  H  N N 419 
TYR HE1  H  N N 420 
TYR HE2  H  N N 421 
TYR HH   H  N N 422 
TYR HXT  H  N N 423 
VAL N    N  N N 424 
VAL CA   C  N S 425 
VAL C    C  N N 426 
VAL O    O  N N 427 
VAL CB   C  N N 428 
VAL CG1  C  N N 429 
VAL CG2  C  N N 430 
VAL OXT  O  N N 431 
VAL H    H  N N 432 
VAL H2   H  N N 433 
VAL HA   H  N N 434 
VAL HB   H  N N 435 
VAL HG11 H  N N 436 
VAL HG12 H  N N 437 
VAL HG13 H  N N 438 
VAL HG21 H  N N 439 
VAL HG22 H  N N 440 
VAL HG23 H  N N 441 
VAL HXT  H  N N 442 
# 
loop_
_chem_comp_bond.comp_id 
_chem_comp_bond.atom_id_1 
_chem_comp_bond.atom_id_2 
_chem_comp_bond.value_order 
_chem_comp_bond.pdbx_aromatic_flag 
_chem_comp_bond.pdbx_stereo_config 
_chem_comp_bond.pdbx_ordinal 
ALA N   CA   sing N N 1   
ALA N   H    sing N N 2   
ALA N   H2   sing N N 3   
ALA CA  C    sing N N 4   
ALA CA  CB   sing N N 5   
ALA CA  HA   sing N N 6   
ALA C   O    doub N N 7   
ALA C   OXT  sing N N 8   
ALA CB  HB1  sing N N 9   
ALA CB  HB2  sing N N 10  
ALA CB  HB3  sing N N 11  
ALA OXT HXT  sing N N 12  
ARG N   CA   sing N N 13  
ARG N   H    sing N N 14  
ARG N   H2   sing N N 15  
ARG CA  C    sing N N 16  
ARG CA  CB   sing N N 17  
ARG CA  HA   sing N N 18  
ARG C   O    doub N N 19  
ARG C   OXT  sing N N 20  
ARG CB  CG   sing N N 21  
ARG CB  HB2  sing N N 22  
ARG CB  HB3  sing N N 23  
ARG CG  CD   sing N N 24  
ARG CG  HG2  sing N N 25  
ARG CG  HG3  sing N N 26  
ARG CD  NE   sing N N 27  
ARG CD  HD2  sing N N 28  
ARG CD  HD3  sing N N 29  
ARG NE  CZ   sing N N 30  
ARG NE  HE   sing N N 31  
ARG CZ  NH1  sing N N 32  
ARG CZ  NH2  doub N N 33  
ARG NH1 HH11 sing N N 34  
ARG NH1 HH12 sing N N 35  
ARG NH2 HH21 sing N N 36  
ARG NH2 HH22 sing N N 37  
ARG OXT HXT  sing N N 38  
ASN N   CA   sing N N 39  
ASN N   H    sing N N 40  
ASN N   H2   sing N N 41  
ASN CA  C    sing N N 42  
ASN CA  CB   sing N N 43  
ASN CA  HA   sing N N 44  
ASN C   O    doub N N 45  
ASN C   OXT  sing N N 46  
ASN CB  CG   sing N N 47  
ASN CB  HB2  sing N N 48  
ASN CB  HB3  sing N N 49  
ASN CG  OD1  doub N N 50  
ASN CG  ND2  sing N N 51  
ASN ND2 HD21 sing N N 52  
ASN ND2 HD22 sing N N 53  
ASN OXT HXT  sing N N 54  
ASP N   CA   sing N N 55  
ASP N   H    sing N N 56  
ASP N   H2   sing N N 57  
ASP CA  C    sing N N 58  
ASP CA  CB   sing N N 59  
ASP CA  HA   sing N N 60  
ASP C   O    doub N N 61  
ASP C   OXT  sing N N 62  
ASP CB  CG   sing N N 63  
ASP CB  HB2  sing N N 64  
ASP CB  HB3  sing N N 65  
ASP CG  OD1  doub N N 66  
ASP CG  OD2  sing N N 67  
ASP OD2 HD2  sing N N 68  
ASP OXT HXT  sing N N 69  
CYS N   CA   sing N N 70  
CYS N   H    sing N N 71  
CYS N   H2   sing N N 72  
CYS CA  C    sing N N 73  
CYS CA  CB   sing N N 74  
CYS CA  HA   sing N N 75  
CYS C   O    doub N N 76  
CYS C   OXT  sing N N 77  
CYS CB  SG   sing N N 78  
CYS CB  HB2  sing N N 79  
CYS CB  HB3  sing N N 80  
CYS SG  HG   sing N N 81  
CYS OXT HXT  sing N N 82  
GD2 N10 C09  sing N N 83  
GD2 O11 C09  doub N N 84  
GD2 C09 C08  sing N N 85  
GD2 C12 C08  doub Y N 86  
GD2 C12 C13  sing Y N 87  
GD2 C08 C07  sing Y N 88  
GD2 C17 O18  sing N N 89  
GD2 C17 C16  sing N N 90  
GD2 O18 C13  sing N N 91  
GD2 C13 C14  doub Y N 92  
GD2 C07 C06  doub Y N 93  
GD2 C14 C06  sing Y N 94  
GD2 C14 N15  sing Y N 95  
GD2 C06 N05  sing Y N 96  
GD2 N15 C16  sing N N 97  
GD2 N15 C04  sing Y N 98  
GD2 C16 C19  sing N N 99  
GD2 N05 C04  doub Y N 100 
GD2 C04 N03  sing N N 101 
GD2 C28 N27  sing N N 102 
GD2 C28 C29  sing N N 103 
GD2 O01 C02  doub N N 104 
GD2 N03 C02  sing N N 105 
GD2 C02 C22  sing N N 106 
GD2 N27 C22  sing Y N 107 
GD2 N27 N26  sing Y N 108 
GD2 C22 C23  doub Y N 109 
GD2 C19 C20  sing N N 110 
GD2 N26 C24  doub Y N 111 
GD2 C20 C21  doub N N 112 
GD2 C23 C24  sing Y N 113 
GD2 C24 C25  sing N N 114 
GD2 C12 H1   sing N N 115 
GD2 C07 H2   sing N N 116 
GD2 C16 H3   sing N N 117 
GD2 C17 H4   sing N N 118 
GD2 C17 H5   sing N N 119 
GD2 C19 H6   sing N N 120 
GD2 C19 H7   sing N N 121 
GD2 C20 H8   sing N N 122 
GD2 C21 H9   sing N N 123 
GD2 C21 H10  sing N N 124 
GD2 C23 H11  sing N N 125 
GD2 C25 H12  sing N N 126 
GD2 C25 H13  sing N N 127 
GD2 C25 H14  sing N N 128 
GD2 C28 H15  sing N N 129 
GD2 C28 H16  sing N N 130 
GD2 C29 H17  sing N N 131 
GD2 C29 H18  sing N N 132 
GD2 C29 H19  sing N N 133 
GD2 N03 H20  sing N N 134 
GD2 N10 H21  sing N N 135 
GD2 N10 H22  sing N N 136 
GLN N   CA   sing N N 137 
GLN N   H    sing N N 138 
GLN N   H2   sing N N 139 
GLN CA  C    sing N N 140 
GLN CA  CB   sing N N 141 
GLN CA  HA   sing N N 142 
GLN C   O    doub N N 143 
GLN C   OXT  sing N N 144 
GLN CB  CG   sing N N 145 
GLN CB  HB2  sing N N 146 
GLN CB  HB3  sing N N 147 
GLN CG  CD   sing N N 148 
GLN CG  HG2  sing N N 149 
GLN CG  HG3  sing N N 150 
GLN CD  OE1  doub N N 151 
GLN CD  NE2  sing N N 152 
GLN NE2 HE21 sing N N 153 
GLN NE2 HE22 sing N N 154 
GLN OXT HXT  sing N N 155 
GLU N   CA   sing N N 156 
GLU N   H    sing N N 157 
GLU N   H2   sing N N 158 
GLU CA  C    sing N N 159 
GLU CA  CB   sing N N 160 
GLU CA  HA   sing N N 161 
GLU C   O    doub N N 162 
GLU C   OXT  sing N N 163 
GLU CB  CG   sing N N 164 
GLU CB  HB2  sing N N 165 
GLU CB  HB3  sing N N 166 
GLU CG  CD   sing N N 167 
GLU CG  HG2  sing N N 168 
GLU CG  HG3  sing N N 169 
GLU CD  OE1  doub N N 170 
GLU CD  OE2  sing N N 171 
GLU OE2 HE2  sing N N 172 
GLU OXT HXT  sing N N 173 
GLY N   CA   sing N N 174 
GLY N   H    sing N N 175 
GLY N   H2   sing N N 176 
GLY CA  C    sing N N 177 
GLY CA  HA2  sing N N 178 
GLY CA  HA3  sing N N 179 
GLY C   O    doub N N 180 
GLY C   OXT  sing N N 181 
GLY OXT HXT  sing N N 182 
HIS N   CA   sing N N 183 
HIS N   H    sing N N 184 
HIS N   H2   sing N N 185 
HIS CA  C    sing N N 186 
HIS CA  CB   sing N N 187 
HIS CA  HA   sing N N 188 
HIS C   O    doub N N 189 
HIS C   OXT  sing N N 190 
HIS CB  CG   sing N N 191 
HIS CB  HB2  sing N N 192 
HIS CB  HB3  sing N N 193 
HIS CG  ND1  sing Y N 194 
HIS CG  CD2  doub Y N 195 
HIS ND1 CE1  doub Y N 196 
HIS ND1 HD1  sing N N 197 
HIS CD2 NE2  sing Y N 198 
HIS CD2 HD2  sing N N 199 
HIS CE1 NE2  sing Y N 200 
HIS CE1 HE1  sing N N 201 
HIS NE2 HE2  sing N N 202 
HIS OXT HXT  sing N N 203 
HOH O   H1   sing N N 204 
HOH O   H2   sing N N 205 
ILE N   CA   sing N N 206 
ILE N   H    sing N N 207 
ILE N   H2   sing N N 208 
ILE CA  C    sing N N 209 
ILE CA  CB   sing N N 210 
ILE CA  HA   sing N N 211 
ILE C   O    doub N N 212 
ILE C   OXT  sing N N 213 
ILE CB  CG1  sing N N 214 
ILE CB  CG2  sing N N 215 
ILE CB  HB   sing N N 216 
ILE CG1 CD1  sing N N 217 
ILE CG1 HG12 sing N N 218 
ILE CG1 HG13 sing N N 219 
ILE CG2 HG21 sing N N 220 
ILE CG2 HG22 sing N N 221 
ILE CG2 HG23 sing N N 222 
ILE CD1 HD11 sing N N 223 
ILE CD1 HD12 sing N N 224 
ILE CD1 HD13 sing N N 225 
ILE OXT HXT  sing N N 226 
LEU N   CA   sing N N 227 
LEU N   H    sing N N 228 
LEU N   H2   sing N N 229 
LEU CA  C    sing N N 230 
LEU CA  CB   sing N N 231 
LEU CA  HA   sing N N 232 
LEU C   O    doub N N 233 
LEU C   OXT  sing N N 234 
LEU CB  CG   sing N N 235 
LEU CB  HB2  sing N N 236 
LEU CB  HB3  sing N N 237 
LEU CG  CD1  sing N N 238 
LEU CG  CD2  sing N N 239 
LEU CG  HG   sing N N 240 
LEU CD1 HD11 sing N N 241 
LEU CD1 HD12 sing N N 242 
LEU CD1 HD13 sing N N 243 
LEU CD2 HD21 sing N N 244 
LEU CD2 HD22 sing N N 245 
LEU CD2 HD23 sing N N 246 
LEU OXT HXT  sing N N 247 
LYS N   CA   sing N N 248 
LYS N   H    sing N N 249 
LYS N   H2   sing N N 250 
LYS CA  C    sing N N 251 
LYS CA  CB   sing N N 252 
LYS CA  HA   sing N N 253 
LYS C   O    doub N N 254 
LYS C   OXT  sing N N 255 
LYS CB  CG   sing N N 256 
LYS CB  HB2  sing N N 257 
LYS CB  HB3  sing N N 258 
LYS CG  CD   sing N N 259 
LYS CG  HG2  sing N N 260 
LYS CG  HG3  sing N N 261 
LYS CD  CE   sing N N 262 
LYS CD  HD2  sing N N 263 
LYS CD  HD3  sing N N 264 
LYS CE  NZ   sing N N 265 
LYS CE  HE2  sing N N 266 
LYS CE  HE3  sing N N 267 
LYS NZ  HZ1  sing N N 268 
LYS NZ  HZ2  sing N N 269 
LYS NZ  HZ3  sing N N 270 
LYS OXT HXT  sing N N 271 
MET N   CA   sing N N 272 
MET N   H    sing N N 273 
MET N   H2   sing N N 274 
MET CA  C    sing N N 275 
MET CA  CB   sing N N 276 
MET CA  HA   sing N N 277 
MET C   O    doub N N 278 
MET C   OXT  sing N N 279 
MET CB  CG   sing N N 280 
MET CB  HB2  sing N N 281 
MET CB  HB3  sing N N 282 
MET CG  SD   sing N N 283 
MET CG  HG2  sing N N 284 
MET CG  HG3  sing N N 285 
MET SD  CE   sing N N 286 
MET CE  HE1  sing N N 287 
MET CE  HE2  sing N N 288 
MET CE  HE3  sing N N 289 
MET OXT HXT  sing N N 290 
PHE N   CA   sing N N 291 
PHE N   H    sing N N 292 
PHE N   H2   sing N N 293 
PHE CA  C    sing N N 294 
PHE CA  CB   sing N N 295 
PHE CA  HA   sing N N 296 
PHE C   O    doub N N 297 
PHE C   OXT  sing N N 298 
PHE CB  CG   sing N N 299 
PHE CB  HB2  sing N N 300 
PHE CB  HB3  sing N N 301 
PHE CG  CD1  doub Y N 302 
PHE CG  CD2  sing Y N 303 
PHE CD1 CE1  sing Y N 304 
PHE CD1 HD1  sing N N 305 
PHE CD2 CE2  doub Y N 306 
PHE CD2 HD2  sing N N 307 
PHE CE1 CZ   doub Y N 308 
PHE CE1 HE1  sing N N 309 
PHE CE2 CZ   sing Y N 310 
PHE CE2 HE2  sing N N 311 
PHE CZ  HZ   sing N N 312 
PHE OXT HXT  sing N N 313 
PRO N   CA   sing N N 314 
PRO N   CD   sing N N 315 
PRO N   H    sing N N 316 
PRO CA  C    sing N N 317 
PRO CA  CB   sing N N 318 
PRO CA  HA   sing N N 319 
PRO C   O    doub N N 320 
PRO C   OXT  sing N N 321 
PRO CB  CG   sing N N 322 
PRO CB  HB2  sing N N 323 
PRO CB  HB3  sing N N 324 
PRO CG  CD   sing N N 325 
PRO CG  HG2  sing N N 326 
PRO CG  HG3  sing N N 327 
PRO CD  HD2  sing N N 328 
PRO CD  HD3  sing N N 329 
PRO OXT HXT  sing N N 330 
SER N   CA   sing N N 331 
SER N   H    sing N N 332 
SER N   H2   sing N N 333 
SER CA  C    sing N N 334 
SER CA  CB   sing N N 335 
SER CA  HA   sing N N 336 
SER C   O    doub N N 337 
SER C   OXT  sing N N 338 
SER CB  OG   sing N N 339 
SER CB  HB2  sing N N 340 
SER CB  HB3  sing N N 341 
SER OG  HG   sing N N 342 
SER OXT HXT  sing N N 343 
THR N   CA   sing N N 344 
THR N   H    sing N N 345 
THR N   H2   sing N N 346 
THR CA  C    sing N N 347 
THR CA  CB   sing N N 348 
THR CA  HA   sing N N 349 
THR C   O    doub N N 350 
THR C   OXT  sing N N 351 
THR CB  OG1  sing N N 352 
THR CB  CG2  sing N N 353 
THR CB  HB   sing N N 354 
THR OG1 HG1  sing N N 355 
THR CG2 HG21 sing N N 356 
THR CG2 HG22 sing N N 357 
THR CG2 HG23 sing N N 358 
THR OXT HXT  sing N N 359 
TRP N   CA   sing N N 360 
TRP N   H    sing N N 361 
TRP N   H2   sing N N 362 
TRP CA  C    sing N N 363 
TRP CA  CB   sing N N 364 
TRP CA  HA   sing N N 365 
TRP C   O    doub N N 366 
TRP C   OXT  sing N N 367 
TRP CB  CG   sing N N 368 
TRP CB  HB2  sing N N 369 
TRP CB  HB3  sing N N 370 
TRP CG  CD1  doub Y N 371 
TRP CG  CD2  sing Y N 372 
TRP CD1 NE1  sing Y N 373 
TRP CD1 HD1  sing N N 374 
TRP CD2 CE2  doub Y N 375 
TRP CD2 CE3  sing Y N 376 
TRP NE1 CE2  sing Y N 377 
TRP NE1 HE1  sing N N 378 
TRP CE2 CZ2  sing Y N 379 
TRP CE3 CZ3  doub Y N 380 
TRP CE3 HE3  sing N N 381 
TRP CZ2 CH2  doub Y N 382 
TRP CZ2 HZ2  sing N N 383 
TRP CZ3 CH2  sing Y N 384 
TRP CZ3 HZ3  sing N N 385 
TRP CH2 HH2  sing N N 386 
TRP OXT HXT  sing N N 387 
TYR N   CA   sing N N 388 
TYR N   H    sing N N 389 
TYR N   H2   sing N N 390 
TYR CA  C    sing N N 391 
TYR CA  CB   sing N N 392 
TYR CA  HA   sing N N 393 
TYR C   O    doub N N 394 
TYR C   OXT  sing N N 395 
TYR CB  CG   sing N N 396 
TYR CB  HB2  sing N N 397 
TYR CB  HB3  sing N N 398 
TYR CG  CD1  doub Y N 399 
TYR CG  CD2  sing Y N 400 
TYR CD1 CE1  sing Y N 401 
TYR CD1 HD1  sing N N 402 
TYR CD2 CE2  doub Y N 403 
TYR CD2 HD2  sing N N 404 
TYR CE1 CZ   doub Y N 405 
TYR CE1 HE1  sing N N 406 
TYR CE2 CZ   sing Y N 407 
TYR CE2 HE2  sing N N 408 
TYR CZ  OH   sing N N 409 
TYR OH  HH   sing N N 410 
TYR OXT HXT  sing N N 411 
VAL N   CA   sing N N 412 
VAL N   H    sing N N 413 
VAL N   H2   sing N N 414 
VAL CA  C    sing N N 415 
VAL CA  CB   sing N N 416 
VAL CA  HA   sing N N 417 
VAL C   O    doub N N 418 
VAL C   OXT  sing N N 419 
VAL CB  CG1  sing N N 420 
VAL CB  CG2  sing N N 421 
VAL CB  HB   sing N N 422 
VAL CG1 HG11 sing N N 423 
VAL CG1 HG12 sing N N 424 
VAL CG1 HG13 sing N N 425 
VAL CG2 HG21 sing N N 426 
VAL CG2 HG22 sing N N 427 
VAL CG2 HG23 sing N N 428 
VAL OXT HXT  sing N N 429 
# 
_pdbx_audit_support.funding_organization   'Not funded' 
_pdbx_audit_support.country                ? 
_pdbx_audit_support.grant_number           ? 
_pdbx_audit_support.ordinal                1 
# 
_pdbx_entity_instance_feature.ordinal        1 
_pdbx_entity_instance_feature.comp_id        GD2 
_pdbx_entity_instance_feature.asym_id        ? 
_pdbx_entity_instance_feature.seq_num        ? 
_pdbx_entity_instance_feature.auth_comp_id   GD2 
_pdbx_entity_instance_feature.auth_asym_id   ? 
_pdbx_entity_instance_feature.auth_seq_num   ? 
_pdbx_entity_instance_feature.feature_type   'SUBJECT OF INVESTIGATION' 
_pdbx_entity_instance_feature.details        ? 
# 
loop_
_pdbx_entity_nonpoly.entity_id 
_pdbx_entity_nonpoly.name 
_pdbx_entity_nonpoly.comp_id 
2 'CALCIUM ION' CA  
3 
;(3S,4S)-2-[(1-ethyl-3-methyl-1H-pyrazole-5-carbonyl)amino]-4-(prop-2-en-1-yl)-4,5-dihydroimidazo[1,5,4-de][1,4]benzoxazine-8-carboxamide
;
GD2 
4 water HOH 
# 
_pdbx_initial_refinement_model.id               1 
_pdbx_initial_refinement_model.entity_id_list   ? 
_pdbx_initial_refinement_model.type             'experimental model' 
_pdbx_initial_refinement_model.source_name      PDB 
_pdbx_initial_refinement_model.accession_code   6DXG 
_pdbx_initial_refinement_model.details          ? 
# 
_pdbx_struct_assembly_auth_evidence.id                     1 
_pdbx_struct_assembly_auth_evidence.assembly_id            1 
_pdbx_struct_assembly_auth_evidence.experimental_support   'gel filtration' 
_pdbx_struct_assembly_auth_evidence.details                ? 
# 
